data_1VWP
# 
_entry.id   1VWP 
# 
_audit_conform.dict_name       mmcif_pdbx.dic 
_audit_conform.dict_version    5.398 
_audit_conform.dict_location   http://mmcif.pdb.org/dictionaries/ascii/mmcif_pdbx.dic 
# 
loop_
_database_2.database_id 
_database_2.database_code 
_database_2.pdbx_database_accession 
_database_2.pdbx_DOI 
PDB   1VWP         pdb_00001vwp 10.2210/pdb1vwp/pdb 
WWPDB D_1000177141 ?            ?                   
# 
loop_
_pdbx_audit_revision_history.ordinal 
_pdbx_audit_revision_history.data_content_type 
_pdbx_audit_revision_history.major_revision 
_pdbx_audit_revision_history.minor_revision 
_pdbx_audit_revision_history.revision_date 
1 'Structure model' 1 0 1998-03-18 
2 'Structure model' 1 1 2008-03-24 
3 'Structure model' 1 2 2011-07-13 
4 'Structure model' 1 3 2024-06-05 
5 'Structure model' 1 4 2024-11-13 
# 
_pdbx_audit_revision_details.ordinal             1 
_pdbx_audit_revision_details.revision_ordinal    1 
_pdbx_audit_revision_details.data_content_type   'Structure model' 
_pdbx_audit_revision_details.provider            repository 
_pdbx_audit_revision_details.type                'Initial release' 
_pdbx_audit_revision_details.description         ? 
_pdbx_audit_revision_details.details             ? 
# 
loop_
_pdbx_audit_revision_group.ordinal 
_pdbx_audit_revision_group.revision_ordinal 
_pdbx_audit_revision_group.data_content_type 
_pdbx_audit_revision_group.group 
1 2 'Structure model' 'Version format compliance' 
2 3 'Structure model' 'Version format compliance' 
3 4 'Structure model' 'Data collection'           
4 4 'Structure model' 'Database references'       
5 4 'Structure model' 'Derived calculations'      
6 4 'Structure model' Other                       
7 4 'Structure model' 'Refinement description'    
8 5 'Structure model' 'Structure summary'         
# 
loop_
_pdbx_audit_revision_category.ordinal 
_pdbx_audit_revision_category.revision_ordinal 
_pdbx_audit_revision_category.data_content_type 
_pdbx_audit_revision_category.category 
1 4 'Structure model' chem_comp_atom            
2 4 'Structure model' chem_comp_bond            
3 4 'Structure model' database_2                
4 4 'Structure model' pdbx_database_status      
5 4 'Structure model' software                  
6 4 'Structure model' struct_conn               
7 4 'Structure model' struct_site               
8 5 'Structure model' pdbx_entry_details        
9 5 'Structure model' pdbx_modification_feature 
# 
loop_
_pdbx_audit_revision_item.ordinal 
_pdbx_audit_revision_item.revision_ordinal 
_pdbx_audit_revision_item.data_content_type 
_pdbx_audit_revision_item.item 
1  4 'Structure model' '_database_2.pdbx_DOI'                
2  4 'Structure model' '_database_2.pdbx_database_accession' 
3  4 'Structure model' '_pdbx_database_status.process_site'  
4  4 'Structure model' '_software.name'                      
5  4 'Structure model' '_struct_conn.pdbx_leaving_atom_flag' 
6  4 'Structure model' '_struct_conn.ptnr1_auth_comp_id'     
7  4 'Structure model' '_struct_conn.ptnr1_auth_seq_id'      
8  4 'Structure model' '_struct_conn.ptnr1_label_atom_id'    
9  4 'Structure model' '_struct_conn.ptnr1_label_comp_id'    
10 4 'Structure model' '_struct_conn.ptnr1_label_seq_id'     
11 4 'Structure model' '_struct_conn.ptnr2_auth_comp_id'     
12 4 'Structure model' '_struct_conn.ptnr2_auth_seq_id'      
13 4 'Structure model' '_struct_conn.ptnr2_label_atom_id'    
14 4 'Structure model' '_struct_conn.ptnr2_label_comp_id'    
15 4 'Structure model' '_struct_conn.ptnr2_label_seq_id'     
16 4 'Structure model' '_struct_site.pdbx_auth_asym_id'      
17 4 'Structure model' '_struct_site.pdbx_auth_comp_id'      
18 4 'Structure model' '_struct_site.pdbx_auth_seq_id'       
# 
_pdbx_database_status.status_code                     REL 
_pdbx_database_status.entry_id                        1VWP 
_pdbx_database_status.recvd_initial_deposition_date   1997-03-03 
_pdbx_database_status.deposit_site                    ? 
_pdbx_database_status.process_site                    BNL 
_pdbx_database_status.status_code_sf                  REL 
_pdbx_database_status.status_code_mr                  ? 
_pdbx_database_status.SG_entry                        ? 
_pdbx_database_status.pdb_format_compatible           Y 
_pdbx_database_status.status_code_cs                  ? 
_pdbx_database_status.status_code_nmr_data            ? 
_pdbx_database_status.methods_development_category    ? 
# 
loop_
_audit_author.name 
_audit_author.pdbx_ordinal 
'Katz, B.A.' 1 
'Cass, R.T.' 2 
# 
loop_
_citation.id 
_citation.title 
_citation.journal_abbrev 
_citation.journal_volume 
_citation.page_first 
_citation.page_last 
_citation.year 
_citation.journal_id_ASTM 
_citation.country 
_citation.journal_id_ISSN 
_citation.journal_id_CSD 
_citation.book_publisher 
_citation.pdbx_database_id_PubMed 
_citation.pdbx_database_id_DOI 
primary 
;In crystals of complexes of streptavidin with peptide ligands containing the HPQ sequence the pKa of the peptide histidine is less than 3.0.
;
J.Biol.Chem.   272 13220 13228 1997 JBCHA3 US 0021-9258 0071 ? 9148939 10.1074/jbc.272.20.13220 
1       
;Structure-Based Design Tools: Structural and Thermodynamic Comparison with Biotin of a Small Molecule that Binds Streptavidin with Micromolar Affinity
;
J.Am.Chem.Soc. 118 7914  ?     1996 JACSAT US 0002-7863 0004 ? ?       ?                        
2       'Preparation of a Protein-Dimerizing Ligand by Topochemistry and Structure-Based Design' J.Am.Chem.Soc. 118 2535  ?     
1996 JACSAT US 0002-7863 0004 ? ?       ?                        
3       'Topochemical Catalysis Achieved by Structure-Based Ligand Design' J.Biol.Chem.   270 31210 ?     1995 JBCHA3 US 0021-9258 
0071 ? ?       ?                        
4       'Topochemistry for Preparing Ligands that Dimerize Receptors' Chem.Biol.     2   591   ?     1995 CBOLE2 UK 1074-5521 2050 
? ?       ?                        
5       
;Binding to Protein Targets of Peptidic Leads Discovered by Phage Display: Crystal Structures of Streptavidin-Bound Linear and Cyclic Peptide Ligands Containing the Hpq Sequence
;
Biochemistry   34  15421 ?     1995 BICHAW US 0006-2960 0033 ? ?       ?                        
6       'Structure-Based Design of High Affinity Streptavidin Binding Cyclic Peptide Ligands Containing Thioether Cross-Links' 
J.Am.Chem.Soc. 117 8541  ?     1995 JACSAT US 0002-7863 0004 ? ?       ?                        
# 
loop_
_citation_author.citation_id 
_citation_author.name 
_citation_author.ordinal 
_citation_author.identifier_ORCID 
primary 'Katz, B.A.'    1  ? 
primary 'Cass, R.T.'    2  ? 
1       'Katz, B.A.'    3  ? 
1       'Liu, B.'       4  ? 
1       'Cass, R.T.'    5  ? 
2       'Katz, B.A.'    6  ? 
3       'Katz, B.A.'    7  ? 
3       'Cass, R.T.'    8  ? 
3       'Liu, B.'       9  ? 
3       'Arze, R.'      10 ? 
3       'Collins, N.'   11 ? 
4       'Katz, B.A.'    12 ? 
4       'Stroud, R.M.'  13 ? 
4       'Collins, N.'   14 ? 
4       'Liu, B.'       15 ? 
4       'Arze, R.'      16 ? 
5       'Katz, B.A.'    17 ? 
6       'Katz, B.A.'    18 ? 
6       'Johnson, C.R.' 19 ? 
6       'Cass, R.T.'    20 ? 
# 
loop_
_entity.id 
_entity.type 
_entity.src_method 
_entity.pdbx_description 
_entity.formula_weight 
_entity.pdbx_number_of_molecules 
_entity.pdbx_ec 
_entity.pdbx_mutation 
_entity.pdbx_fragment 
_entity.details 
1 polymer man STREPTAVIDIN                    12965.025 1  ? ? ? ? 
2 polymer nat 'PEPTIDE LIGAND CONTAINING HPQ' 863.018   1  ? ? ? ? 
3 water   nat water                           18.015    60 ? ? ? ? 
# 
loop_
_entity_poly.entity_id 
_entity_poly.type 
_entity_poly.nstd_linkage 
_entity_poly.nstd_monomer 
_entity_poly.pdbx_seq_one_letter_code 
_entity_poly.pdbx_seq_one_letter_code_can 
_entity_poly.pdbx_strand_id 
_entity_poly.pdbx_target_identifier 
1 'polypeptide(L)' no no  
;AEAGITGTWYNQLGSTFIVTAGADGALTGTYESAVGNAESRYVLTGRYDSAPATDGSGTALGWTVAWKNNYRNAHSATTW
SGQYVGGAEARINTQWLLTSGTTEANAWKSTLVGHDTFTKVKP
;
;AEAGITGTWYNQLGSTFIVTAGADGALTGTYESAVGNAESRYVLTGRYDSAPATDGSGTALGWTVAWKNNYRNAHSATTW
SGQYVGGAEARINTQWLLTSGTTEANAWKSTLVGHDTFTKVKP
;
B ? 
2 'polypeptide(L)' no yes '(ACE)CHPQGPPC(NH2)' XCHPQGPPCX P ? 
# 
_pdbx_entity_nonpoly.entity_id   3 
_pdbx_entity_nonpoly.name        water 
_pdbx_entity_nonpoly.comp_id     HOH 
# 
loop_
_entity_poly_seq.entity_id 
_entity_poly_seq.num 
_entity_poly_seq.mon_id 
_entity_poly_seq.hetero 
1 1   ALA n 
1 2   GLU n 
1 3   ALA n 
1 4   GLY n 
1 5   ILE n 
1 6   THR n 
1 7   GLY n 
1 8   THR n 
1 9   TRP n 
1 10  TYR n 
1 11  ASN n 
1 12  GLN n 
1 13  LEU n 
1 14  GLY n 
1 15  SER n 
1 16  THR n 
1 17  PHE n 
1 18  ILE n 
1 19  VAL n 
1 20  THR n 
1 21  ALA n 
1 22  GLY n 
1 23  ALA n 
1 24  ASP n 
1 25  GLY n 
1 26  ALA n 
1 27  LEU n 
1 28  THR n 
1 29  GLY n 
1 30  THR n 
1 31  TYR n 
1 32  GLU n 
1 33  SER n 
1 34  ALA n 
1 35  VAL n 
1 36  GLY n 
1 37  ASN n 
1 38  ALA n 
1 39  GLU n 
1 40  SER n 
1 41  ARG n 
1 42  TYR n 
1 43  VAL n 
1 44  LEU n 
1 45  THR n 
1 46  GLY n 
1 47  ARG n 
1 48  TYR n 
1 49  ASP n 
1 50  SER n 
1 51  ALA n 
1 52  PRO n 
1 53  ALA n 
1 54  THR n 
1 55  ASP n 
1 56  GLY n 
1 57  SER n 
1 58  GLY n 
1 59  THR n 
1 60  ALA n 
1 61  LEU n 
1 62  GLY n 
1 63  TRP n 
1 64  THR n 
1 65  VAL n 
1 66  ALA n 
1 67  TRP n 
1 68  LYS n 
1 69  ASN n 
1 70  ASN n 
1 71  TYR n 
1 72  ARG n 
1 73  ASN n 
1 74  ALA n 
1 75  HIS n 
1 76  SER n 
1 77  ALA n 
1 78  THR n 
1 79  THR n 
1 80  TRP n 
1 81  SER n 
1 82  GLY n 
1 83  GLN n 
1 84  TYR n 
1 85  VAL n 
1 86  GLY n 
1 87  GLY n 
1 88  ALA n 
1 89  GLU n 
1 90  ALA n 
1 91  ARG n 
1 92  ILE n 
1 93  ASN n 
1 94  THR n 
1 95  GLN n 
1 96  TRP n 
1 97  LEU n 
1 98  LEU n 
1 99  THR n 
1 100 SER n 
1 101 GLY n 
1 102 THR n 
1 103 THR n 
1 104 GLU n 
1 105 ALA n 
1 106 ASN n 
1 107 ALA n 
1 108 TRP n 
1 109 LYS n 
1 110 SER n 
1 111 THR n 
1 112 LEU n 
1 113 VAL n 
1 114 GLY n 
1 115 HIS n 
1 116 ASP n 
1 117 THR n 
1 118 PHE n 
1 119 THR n 
1 120 LYS n 
1 121 VAL n 
1 122 LYS n 
1 123 PRO n 
2 1   ACE n 
2 2   CYS n 
2 3   HIS n 
2 4   PRO n 
2 5   GLN n 
2 6   GLY n 
2 7   PRO n 
2 8   PRO n 
2 9   CYS n 
2 10  NH2 n 
# 
_entity_src_gen.entity_id                          1 
_entity_src_gen.pdbx_src_id                        1 
_entity_src_gen.pdbx_alt_source_flag               sample 
_entity_src_gen.pdbx_seq_type                      ? 
_entity_src_gen.pdbx_beg_seq_num                   ? 
_entity_src_gen.pdbx_end_seq_num                   ? 
_entity_src_gen.gene_src_common_name               ? 
_entity_src_gen.gene_src_genus                     Streptomyces 
_entity_src_gen.pdbx_gene_src_gene                 ? 
_entity_src_gen.gene_src_species                   ? 
_entity_src_gen.gene_src_strain                    ? 
_entity_src_gen.gene_src_tissue                    ? 
_entity_src_gen.gene_src_tissue_fraction           ? 
_entity_src_gen.gene_src_details                   ? 
_entity_src_gen.pdbx_gene_src_fragment             ? 
_entity_src_gen.pdbx_gene_src_scientific_name      'Streptomyces avidinii' 
_entity_src_gen.pdbx_gene_src_ncbi_taxonomy_id     1895 
_entity_src_gen.pdbx_gene_src_variant              ? 
_entity_src_gen.pdbx_gene_src_cell_line            ? 
_entity_src_gen.pdbx_gene_src_atcc                 ? 
_entity_src_gen.pdbx_gene_src_organ                ? 
_entity_src_gen.pdbx_gene_src_organelle            ? 
_entity_src_gen.pdbx_gene_src_cell                 ? 
_entity_src_gen.pdbx_gene_src_cellular_location    ? 
_entity_src_gen.host_org_common_name               ? 
_entity_src_gen.pdbx_host_org_scientific_name      ? 
_entity_src_gen.pdbx_host_org_ncbi_taxonomy_id     ? 
_entity_src_gen.host_org_genus                     ? 
_entity_src_gen.pdbx_host_org_gene                 ? 
_entity_src_gen.pdbx_host_org_organ                ? 
_entity_src_gen.host_org_species                   ? 
_entity_src_gen.pdbx_host_org_tissue               ? 
_entity_src_gen.pdbx_host_org_tissue_fraction      ? 
_entity_src_gen.pdbx_host_org_strain               ? 
_entity_src_gen.pdbx_host_org_variant              ? 
_entity_src_gen.pdbx_host_org_cell_line            ? 
_entity_src_gen.pdbx_host_org_atcc                 ? 
_entity_src_gen.pdbx_host_org_culture_collection   ? 
_entity_src_gen.pdbx_host_org_cell                 ? 
_entity_src_gen.pdbx_host_org_organelle            ? 
_entity_src_gen.pdbx_host_org_cellular_location    ? 
_entity_src_gen.pdbx_host_org_vector_type          ? 
_entity_src_gen.pdbx_host_org_vector               ? 
_entity_src_gen.host_org_details                   ? 
_entity_src_gen.expression_system_id               ? 
_entity_src_gen.plasmid_name                       ? 
_entity_src_gen.plasmid_details                    ? 
_entity_src_gen.pdbx_description                   ? 
# 
_entity_src_nat.entity_id                  2 
_entity_src_nat.pdbx_src_id                1 
_entity_src_nat.pdbx_alt_source_flag       sample 
_entity_src_nat.pdbx_beg_seq_num           ? 
_entity_src_nat.pdbx_end_seq_num           ? 
_entity_src_nat.common_name                ? 
_entity_src_nat.pdbx_organism_scientific   'Escherichia coli' 
_entity_src_nat.pdbx_ncbi_taxonomy_id      562 
_entity_src_nat.genus                      Escherichia 
_entity_src_nat.species                    ? 
_entity_src_nat.strain                     ? 
_entity_src_nat.tissue                     ? 
_entity_src_nat.tissue_fraction            ? 
_entity_src_nat.pdbx_secretion             ? 
_entity_src_nat.pdbx_fragment              ? 
_entity_src_nat.pdbx_variant               ? 
_entity_src_nat.pdbx_cell_line             ? 
_entity_src_nat.pdbx_atcc                  ? 
_entity_src_nat.pdbx_cellular_location     ? 
_entity_src_nat.pdbx_organ                 ? 
_entity_src_nat.pdbx_organelle             ? 
_entity_src_nat.pdbx_cell                  ? 
_entity_src_nat.pdbx_plasmid_name          ? 
_entity_src_nat.pdbx_plasmid_details       ? 
_entity_src_nat.details                    ? 
# 
loop_
_chem_comp.id 
_chem_comp.type 
_chem_comp.mon_nstd_flag 
_chem_comp.name 
_chem_comp.pdbx_synonyms 
_chem_comp.formula 
_chem_comp.formula_weight 
ACE non-polymer         . 'ACETYL GROUP'  ? 'C2 H4 O'        44.053  
ALA 'L-peptide linking' y ALANINE         ? 'C3 H7 N O2'     89.093  
ARG 'L-peptide linking' y ARGININE        ? 'C6 H15 N4 O2 1' 175.209 
ASN 'L-peptide linking' y ASPARAGINE      ? 'C4 H8 N2 O3'    132.118 
ASP 'L-peptide linking' y 'ASPARTIC ACID' ? 'C4 H7 N O4'     133.103 
CYS 'L-peptide linking' y CYSTEINE        ? 'C3 H7 N O2 S'   121.158 
GLN 'L-peptide linking' y GLUTAMINE       ? 'C5 H10 N2 O3'   146.144 
GLU 'L-peptide linking' y 'GLUTAMIC ACID' ? 'C5 H9 N O4'     147.129 
GLY 'peptide linking'   y GLYCINE         ? 'C2 H5 N O2'     75.067  
HIS 'L-peptide linking' y HISTIDINE       ? 'C6 H10 N3 O2 1' 156.162 
HOH non-polymer         . WATER           ? 'H2 O'           18.015  
ILE 'L-peptide linking' y ISOLEUCINE      ? 'C6 H13 N O2'    131.173 
LEU 'L-peptide linking' y LEUCINE         ? 'C6 H13 N O2'    131.173 
LYS 'L-peptide linking' y LYSINE          ? 'C6 H15 N2 O2 1' 147.195 
NH2 non-polymer         . 'AMINO GROUP'   ? 'H2 N'           16.023  
PHE 'L-peptide linking' y PHENYLALANINE   ? 'C9 H11 N O2'    165.189 
PRO 'L-peptide linking' y PROLINE         ? 'C5 H9 N O2'     115.130 
SER 'L-peptide linking' y SERINE          ? 'C3 H7 N O3'     105.093 
THR 'L-peptide linking' y THREONINE       ? 'C4 H9 N O3'     119.119 
TRP 'L-peptide linking' y TRYPTOPHAN      ? 'C11 H12 N2 O2'  204.225 
TYR 'L-peptide linking' y TYROSINE        ? 'C9 H11 N O3'    181.189 
VAL 'L-peptide linking' y VALINE          ? 'C5 H11 N O2'    117.146 
# 
loop_
_pdbx_poly_seq_scheme.asym_id 
_pdbx_poly_seq_scheme.entity_id 
_pdbx_poly_seq_scheme.seq_id 
_pdbx_poly_seq_scheme.mon_id 
_pdbx_poly_seq_scheme.ndb_seq_num 
_pdbx_poly_seq_scheme.pdb_seq_num 
_pdbx_poly_seq_scheme.auth_seq_num 
_pdbx_poly_seq_scheme.pdb_mon_id 
_pdbx_poly_seq_scheme.auth_mon_id 
_pdbx_poly_seq_scheme.pdb_strand_id 
_pdbx_poly_seq_scheme.pdb_ins_code 
_pdbx_poly_seq_scheme.hetero 
A 1 1   ALA 1   13  13  ALA ALA B . n 
A 1 2   GLU 2   14  14  GLU GLU B . n 
A 1 3   ALA 3   15  15  ALA ALA B . n 
A 1 4   GLY 4   16  16  GLY GLY B . n 
A 1 5   ILE 5   17  17  ILE ILE B . n 
A 1 6   THR 6   18  18  THR THR B . n 
A 1 7   GLY 7   19  19  GLY GLY B . n 
A 1 8   THR 8   20  20  THR THR B . n 
A 1 9   TRP 9   21  21  TRP TRP B . n 
A 1 10  TYR 10  22  22  TYR TYR B . n 
A 1 11  ASN 11  23  23  ASN ASN B . n 
A 1 12  GLN 12  24  24  GLN GLN B . n 
A 1 13  LEU 13  25  25  LEU LEU B . n 
A 1 14  GLY 14  26  26  GLY GLY B . n 
A 1 15  SER 15  27  27  SER SER B . n 
A 1 16  THR 16  28  28  THR THR B . n 
A 1 17  PHE 17  29  29  PHE PHE B . n 
A 1 18  ILE 18  30  30  ILE ILE B . n 
A 1 19  VAL 19  31  31  VAL VAL B . n 
A 1 20  THR 20  32  32  THR THR B . n 
A 1 21  ALA 21  33  33  ALA ALA B . n 
A 1 22  GLY 22  34  34  GLY GLY B . n 
A 1 23  ALA 23  35  35  ALA ALA B . n 
A 1 24  ASP 24  36  36  ASP ASP B . n 
A 1 25  GLY 25  37  37  GLY GLY B . n 
A 1 26  ALA 26  38  38  ALA ALA B . n 
A 1 27  LEU 27  39  39  LEU LEU B . n 
A 1 28  THR 28  40  40  THR THR B . n 
A 1 29  GLY 29  41  41  GLY GLY B . n 
A 1 30  THR 30  42  42  THR THR B . n 
A 1 31  TYR 31  43  43  TYR TYR B . n 
A 1 32  GLU 32  44  44  GLU GLU B . n 
A 1 33  SER 33  45  45  SER SER B . n 
A 1 34  ALA 34  46  46  ALA ALA B . n 
A 1 35  VAL 35  47  47  VAL VAL B . n 
A 1 36  GLY 36  48  48  GLY GLY B . n 
A 1 37  ASN 37  49  49  ASN ASN B . n 
A 1 38  ALA 38  50  50  ALA ALA B . n 
A 1 39  GLU 39  51  51  GLU GLU B . n 
A 1 40  SER 40  52  52  SER SER B . n 
A 1 41  ARG 41  53  53  ARG ARG B . n 
A 1 42  TYR 42  54  54  TYR TYR B . n 
A 1 43  VAL 43  55  55  VAL VAL B . n 
A 1 44  LEU 44  56  56  LEU LEU B . n 
A 1 45  THR 45  57  57  THR THR B . n 
A 1 46  GLY 46  58  58  GLY GLY B . n 
A 1 47  ARG 47  59  59  ARG ARG B . n 
A 1 48  TYR 48  60  60  TYR TYR B . n 
A 1 49  ASP 49  61  61  ASP ASP B . n 
A 1 50  SER 50  62  62  SER SER B . n 
A 1 51  ALA 51  63  63  ALA ALA B . n 
A 1 52  PRO 52  64  64  PRO PRO B . n 
A 1 53  ALA 53  65  65  ALA ALA B . n 
A 1 54  THR 54  66  66  THR THR B . n 
A 1 55  ASP 55  67  67  ASP ASP B . n 
A 1 56  GLY 56  68  68  GLY GLY B . n 
A 1 57  SER 57  69  69  SER SER B . n 
A 1 58  GLY 58  70  70  GLY GLY B . n 
A 1 59  THR 59  71  71  THR THR B . n 
A 1 60  ALA 60  72  72  ALA ALA B . n 
A 1 61  LEU 61  73  73  LEU LEU B . n 
A 1 62  GLY 62  74  74  GLY GLY B . n 
A 1 63  TRP 63  75  75  TRP TRP B . n 
A 1 64  THR 64  76  76  THR THR B . n 
A 1 65  VAL 65  77  77  VAL VAL B . n 
A 1 66  ALA 66  78  78  ALA ALA B . n 
A 1 67  TRP 67  79  79  TRP TRP B . n 
A 1 68  LYS 68  80  80  LYS LYS B . n 
A 1 69  ASN 69  81  81  ASN ASN B . n 
A 1 70  ASN 70  82  82  ASN ASN B . n 
A 1 71  TYR 71  83  83  TYR TYR B . n 
A 1 72  ARG 72  84  84  ARG ARG B . n 
A 1 73  ASN 73  85  85  ASN ASN B . n 
A 1 74  ALA 74  86  86  ALA ALA B . n 
A 1 75  HIS 75  87  87  HIS HIS B . n 
A 1 76  SER 76  88  88  SER SER B . n 
A 1 77  ALA 77  89  89  ALA ALA B . n 
A 1 78  THR 78  90  90  THR THR B . n 
A 1 79  THR 79  91  91  THR THR B . n 
A 1 80  TRP 80  92  92  TRP TRP B . n 
A 1 81  SER 81  93  93  SER SER B . n 
A 1 82  GLY 82  94  94  GLY GLY B . n 
A 1 83  GLN 83  95  95  GLN GLN B . n 
A 1 84  TYR 84  96  96  TYR TYR B . n 
A 1 85  VAL 85  97  97  VAL VAL B . n 
A 1 86  GLY 86  98  98  GLY GLY B . n 
A 1 87  GLY 87  99  99  GLY GLY B . n 
A 1 88  ALA 88  100 100 ALA ALA B . n 
A 1 89  GLU 89  101 101 GLU GLU B . n 
A 1 90  ALA 90  102 102 ALA ALA B . n 
A 1 91  ARG 91  103 103 ARG ARG B . n 
A 1 92  ILE 92  104 104 ILE ILE B . n 
A 1 93  ASN 93  105 105 ASN ASN B . n 
A 1 94  THR 94  106 106 THR THR B . n 
A 1 95  GLN 95  107 107 GLN GLN B . n 
A 1 96  TRP 96  108 108 TRP TRP B . n 
A 1 97  LEU 97  109 109 LEU LEU B . n 
A 1 98  LEU 98  110 110 LEU LEU B . n 
A 1 99  THR 99  111 111 THR THR B . n 
A 1 100 SER 100 112 112 SER SER B . n 
A 1 101 GLY 101 113 113 GLY GLY B . n 
A 1 102 THR 102 114 114 THR THR B . n 
A 1 103 THR 103 115 115 THR THR B . n 
A 1 104 GLU 104 116 116 GLU GLU B . n 
A 1 105 ALA 105 117 117 ALA ALA B . n 
A 1 106 ASN 106 118 118 ASN ASN B . n 
A 1 107 ALA 107 119 119 ALA ALA B . n 
A 1 108 TRP 108 120 120 TRP TRP B . n 
A 1 109 LYS 109 121 121 LYS LYS B . n 
A 1 110 SER 110 122 122 SER SER B . n 
A 1 111 THR 111 123 123 THR THR B . n 
A 1 112 LEU 112 124 124 LEU LEU B . n 
A 1 113 VAL 113 125 125 VAL VAL B . n 
A 1 114 GLY 114 126 126 GLY GLY B . n 
A 1 115 HIS 115 127 127 HIS HIS B . n 
A 1 116 ASP 116 128 128 ASP ASP B . n 
A 1 117 THR 117 129 129 THR THR B . n 
A 1 118 PHE 118 130 130 PHE PHE B . n 
A 1 119 THR 119 131 131 THR THR B . n 
A 1 120 LYS 120 132 132 LYS LYS B . n 
A 1 121 VAL 121 133 133 VAL VAL B . n 
A 1 122 LYS 122 134 ?   ?   ?   B . n 
A 1 123 PRO 123 135 ?   ?   ?   B . n 
B 2 1   ACE 1   0   0   ACE ACE P . n 
B 2 2   CYS 2   1   1   CYS CYS P . n 
B 2 3   HIS 3   2   2   HIS HIS P . n 
B 2 4   PRO 4   3   3   PRO PRO P . n 
B 2 5   GLN 5   4   4   GLN GLN P . n 
B 2 6   GLY 6   5   5   GLY GLY P . n 
B 2 7   PRO 7   6   6   PRO PRO P . n 
B 2 8   PRO 8   7   7   PRO PRO P . n 
B 2 9   CYS 9   8   8   CYS CYS P . n 
B 2 10  NH2 10  9   9   NH2 NH2 P . n 
# 
loop_
_pdbx_nonpoly_scheme.asym_id 
_pdbx_nonpoly_scheme.entity_id 
_pdbx_nonpoly_scheme.mon_id 
_pdbx_nonpoly_scheme.ndb_seq_num 
_pdbx_nonpoly_scheme.pdb_seq_num 
_pdbx_nonpoly_scheme.auth_seq_num 
_pdbx_nonpoly_scheme.pdb_mon_id 
_pdbx_nonpoly_scheme.auth_mon_id 
_pdbx_nonpoly_scheme.pdb_strand_id 
_pdbx_nonpoly_scheme.pdb_ins_code 
C 3 HOH 1  141 141 HOH HOH B . 
C 3 HOH 2  143 143 HOH HOH B . 
C 3 HOH 3  144 144 HOH HOH B . 
C 3 HOH 4  151 151 HOH HOH B . 
C 3 HOH 5  160 160 HOH HOH B . 
C 3 HOH 6  163 163 HOH HOH B . 
C 3 HOH 7  165 165 HOH HOH B . 
C 3 HOH 8  169 169 HOH HOH B . 
C 3 HOH 9  173 173 HOH HOH B . 
C 3 HOH 10 175 175 HOH HOH B . 
C 3 HOH 11 192 192 HOH HOH B . 
C 3 HOH 12 193 193 HOH HOH B . 
C 3 HOH 13 205 205 HOH HOH B . 
C 3 HOH 14 212 212 HOH HOH B . 
C 3 HOH 15 224 224 HOH HOH B . 
C 3 HOH 16 228 228 HOH HOH B . 
C 3 HOH 17 231 231 HOH HOH B . 
C 3 HOH 18 233 233 HOH HOH B . 
C 3 HOH 19 234 234 HOH HOH B . 
C 3 HOH 20 244 244 HOH HOH B . 
C 3 HOH 21 246 246 HOH HOH B . 
C 3 HOH 22 251 251 HOH HOH B . 
C 3 HOH 23 252 252 HOH HOH B . 
C 3 HOH 24 253 253 HOH HOH B . 
C 3 HOH 25 255 255 HOH HOH B . 
C 3 HOH 26 263 263 HOH HOH B . 
C 3 HOH 27 264 264 HOH HOH B . 
C 3 HOH 28 269 269 HOH HOH B . 
C 3 HOH 29 274 274 HOH HOH B . 
C 3 HOH 30 278 278 HOH HOH B . 
C 3 HOH 31 279 279 HOH HOH B . 
C 3 HOH 32 283 283 HOH HOH B . 
C 3 HOH 33 293 293 HOH HOH B . 
C 3 HOH 34 302 302 HOH HOH B . 
C 3 HOH 35 305 305 HOH HOH B . 
C 3 HOH 36 308 308 HOH HOH B . 
C 3 HOH 37 313 313 HOH HOH B . 
C 3 HOH 38 319 319 HOH HOH B . 
C 3 HOH 39 340 340 HOH HOH B . 
C 3 HOH 40 358 358 HOH HOH B . 
C 3 HOH 41 359 359 HOH HOH B . 
C 3 HOH 42 380 380 HOH HOH B . 
C 3 HOH 43 383 383 HOH HOH B . 
C 3 HOH 44 384 384 HOH HOH B . 
C 3 HOH 45 400 400 HOH HOH B . 
C 3 HOH 46 416 416 HOH HOH B . 
C 3 HOH 47 421 421 HOH HOH B . 
C 3 HOH 48 427 427 HOH HOH B . 
C 3 HOH 49 429 429 HOH HOH B . 
C 3 HOH 50 438 438 HOH HOH B . 
C 3 HOH 51 445 445 HOH HOH B . 
C 3 HOH 52 447 447 HOH HOH B . 
C 3 HOH 53 455 455 HOH HOH B . 
C 3 HOH 54 472 472 HOH HOH B . 
C 3 HOH 55 500 500 HOH HOH B . 
C 3 HOH 56 512 512 HOH HOH B . 
C 3 HOH 57 522 522 HOH HOH B . 
C 3 HOH 58 538 538 HOH HOH B . 
C 3 HOH 59 544 544 HOH HOH B . 
C 3 HOH 60 548 548 HOH HOH B . 
# 
loop_
_pdbx_unobs_or_zero_occ_atoms.id 
_pdbx_unobs_or_zero_occ_atoms.PDB_model_num 
_pdbx_unobs_or_zero_occ_atoms.polymer_flag 
_pdbx_unobs_or_zero_occ_atoms.occupancy_flag 
_pdbx_unobs_or_zero_occ_atoms.auth_asym_id 
_pdbx_unobs_or_zero_occ_atoms.auth_comp_id 
_pdbx_unobs_or_zero_occ_atoms.auth_seq_id 
_pdbx_unobs_or_zero_occ_atoms.PDB_ins_code 
_pdbx_unobs_or_zero_occ_atoms.auth_atom_id 
_pdbx_unobs_or_zero_occ_atoms.label_alt_id 
_pdbx_unobs_or_zero_occ_atoms.label_asym_id 
_pdbx_unobs_or_zero_occ_atoms.label_comp_id 
_pdbx_unobs_or_zero_occ_atoms.label_seq_id 
_pdbx_unobs_or_zero_occ_atoms.label_atom_id 
1 1 Y 0 P CYS 8 ? N  ? B CYS 9 N  
2 1 Y 0 P CYS 8 ? CA ? B CYS 9 CA 
3 1 Y 0 P CYS 8 ? C  ? B CYS 9 C  
4 1 Y 0 P CYS 8 ? O  ? B CYS 9 O  
5 1 Y 0 P CYS 8 ? CB ? B CYS 9 CB 
6 1 Y 0 P CYS 8 ? SG ? B CYS 9 SG 
# 
loop_
_software.name 
_software.classification 
_software.version 
_software.citation_id 
_software.pdbx_ordinal 
bioteX 'data collection' '(FROM MSC)' ? 1 
X-PLOR 'model building'  .            ? 2 
X-PLOR refinement        .            ? 3 
bioteX 'data reduction'  '(MSC)'      ? 4 
X-PLOR phasing           .            ? 5 
# 
_cell.entry_id           1VWP 
_cell.length_a           58.190 
_cell.length_b           58.190 
_cell.length_c           175.350 
_cell.angle_alpha        90.00 
_cell.angle_beta         90.00 
_cell.angle_gamma        90.00 
_cell.Z_PDB              16 
_cell.pdbx_unique_axis   ? 
# 
_symmetry.entry_id                         1VWP 
_symmetry.space_group_name_H-M             'I 41 2 2' 
_symmetry.pdbx_full_space_group_name_H-M   ? 
_symmetry.cell_setting                     ? 
_symmetry.Int_Tables_number                98 
# 
_exptl.entry_id          1VWP 
_exptl.method            'X-RAY DIFFRACTION' 
_exptl.crystals_number   1 
# 
_exptl_crystal.id                    1 
_exptl_crystal.density_meas          ? 
_exptl_crystal.density_Matthews      2.68 
_exptl_crystal.density_percent_sol   35.2 
_exptl_crystal.description           ? 
# 
_exptl_crystal_grow.crystal_id      1 
_exptl_crystal_grow.method          ? 
_exptl_crystal_grow.temp            ? 
_exptl_crystal_grow.temp_details    ? 
_exptl_crystal_grow.pH              2.5 
_exptl_crystal_grow.pdbx_pH_range   ? 
_exptl_crystal_grow.pdbx_details    
'SYNTHETIC MOTHER LIQUOR = 75 % SATURATED AMMONIUM SULFATE, 25 % 1.0 M SODIUM FORMATE ADJUSTED TO PH 2.5.' 
# 
_diffrn.id                     1 
_diffrn.ambient_temp           293 
_diffrn.ambient_temp_details   ? 
_diffrn.crystal_id             1 
# 
_diffrn_detector.diffrn_id              1 
_diffrn_detector.detector               'IMAGE PLATE' 
_diffrn_detector.type                   'RIGAKU RAXIS IV' 
_diffrn_detector.pdbx_collection_date   ? 
_diffrn_detector.details                ? 
# 
_diffrn_radiation.diffrn_id                        1 
_diffrn_radiation.wavelength_id                    1 
_diffrn_radiation.pdbx_monochromatic_or_laue_m_l   M 
_diffrn_radiation.monochromator                    ? 
_diffrn_radiation.pdbx_diffrn_protocol             ? 
_diffrn_radiation.pdbx_scattering_type             x-ray 
# 
_diffrn_radiation_wavelength.id           1 
_diffrn_radiation_wavelength.wavelength   1.5418 
_diffrn_radiation_wavelength.wt           1.0 
# 
_diffrn_source.diffrn_id                   1 
_diffrn_source.source                      ? 
_diffrn_source.type                        ? 
_diffrn_source.pdbx_synchrotron_site       ? 
_diffrn_source.pdbx_synchrotron_beamline   ? 
_diffrn_source.pdbx_wavelength             1.5418 
_diffrn_source.pdbx_wavelength_list        ? 
# 
_reflns.entry_id                     1VWP 
_reflns.observed_criterion_sigma_I   ? 
_reflns.observed_criterion_sigma_F   ? 
_reflns.d_resolution_low             ? 
_reflns.d_resolution_high            ? 
_reflns.number_obs                   17544 
_reflns.number_all                   ? 
_reflns.percent_possible_obs         ? 
_reflns.pdbx_Rmerge_I_obs            0.08 
_reflns.pdbx_Rsym_value              ? 
_reflns.pdbx_netI_over_sigmaI        ? 
_reflns.B_iso_Wilson_estimate        ? 
_reflns.pdbx_redundancy              2.0 
_reflns.pdbx_diffrn_id               1 
_reflns.pdbx_ordinal                 1 
# 
_refine.entry_id                                 1VWP 
_refine.ls_number_reflns_obs                     10179 
_refine.ls_number_reflns_all                     ? 
_refine.pdbx_ls_sigma_I                          ? 
_refine.pdbx_ls_sigma_F                          2.0 
_refine.pdbx_data_cutoff_high_absF               ? 
_refine.pdbx_data_cutoff_low_absF                ? 
_refine.pdbx_data_cutoff_high_rms_absF           ? 
_refine.ls_d_res_low                             7.5 
_refine.ls_d_res_high                            1.75 
_refine.ls_percent_reflns_obs                    65.7 
_refine.ls_R_factor_obs                          0.179 
_refine.ls_R_factor_all                          ? 
_refine.ls_R_factor_R_work                       0.179 
_refine.ls_R_factor_R_free                       0.235 
_refine.ls_R_factor_R_free_error                 ? 
_refine.ls_R_factor_R_free_error_details         ? 
_refine.ls_percent_reflns_R_free                 10. 
_refine.ls_number_reflns_R_free                  ? 
_refine.ls_number_parameters                     ? 
_refine.ls_number_restraints                     ? 
_refine.occupancy_min                            ? 
_refine.occupancy_max                            ? 
_refine.B_iso_mean                               ? 
_refine.aniso_B[1][1]                            ? 
_refine.aniso_B[2][2]                            ? 
_refine.aniso_B[3][3]                            ? 
_refine.aniso_B[1][2]                            ? 
_refine.aniso_B[1][3]                            ? 
_refine.aniso_B[2][3]                            ? 
_refine.solvent_model_details                    ? 
_refine.solvent_model_param_ksol                 ? 
_refine.solvent_model_param_bsol                 ? 
_refine.pdbx_ls_cross_valid_method               ? 
_refine.details                                  
;THE FOLLOWING ATOMS HAD WEAK DENSITY AND OCCUPANCIES WERE
REFINED: 13, 14, 15, GLN 24, (CG, OD1, AND OD2 OF ASP 36),
ALA 46, VAL 47, GLY 48, ASN 49, ALA 50, SIDE CHAIN OF GLU
51, TERMINUS OF ARG 53, GLY 99, ALA 100, (CG, CD, OE1, OE2
OF GLU 101), (C, O OF GLU 101), TERMINUS OF ARG 103, (N,
CA, CB, CG, OF GLN 116), (CD, OE1, OE2 OF GLN 116),
ALA 117, (CG, CD, OF LYS 121), (CE, NZ OF LYS 121),
(ACE P 0 AND CYS P 1), PRO P 7, (CYS P 8 AND NH2 P 9).
;
_refine.pdbx_starting_model                      ? 
_refine.pdbx_method_to_determine_struct          ? 
_refine.pdbx_isotropic_thermal_model             ? 
_refine.pdbx_stereochemistry_target_values       ? 
_refine.pdbx_stereochem_target_val_spec_case     ? 
_refine.pdbx_R_Free_selection_details            ? 
_refine.pdbx_overall_ESU_R                       ? 
_refine.pdbx_overall_ESU_R_Free                  ? 
_refine.overall_SU_ML                            ? 
_refine.overall_SU_B                             ? 
_refine.pdbx_refine_id                           'X-RAY DIFFRACTION' 
_refine.pdbx_diffrn_id                           1 
_refine.pdbx_TLS_residual_ADP_flag               ? 
_refine.correlation_coeff_Fo_to_Fc               ? 
_refine.correlation_coeff_Fo_to_Fc_free          ? 
_refine.pdbx_solvent_vdw_probe_radii             ? 
_refine.pdbx_solvent_ion_probe_radii             ? 
_refine.pdbx_solvent_shrinkage_radii             ? 
_refine.pdbx_overall_phase_error                 ? 
_refine.overall_SU_R_Cruickshank_DPI             ? 
_refine.pdbx_overall_SU_R_free_Cruickshank_DPI   ? 
_refine.pdbx_overall_SU_R_Blow_DPI               ? 
_refine.pdbx_overall_SU_R_free_Blow_DPI          ? 
# 
_refine_hist.pdbx_refine_id                   'X-RAY DIFFRACTION' 
_refine_hist.cycle_id                         LAST 
_refine_hist.pdbx_number_atoms_protein        1049 
_refine_hist.pdbx_number_atoms_nucleic_acid   0 
_refine_hist.pdbx_number_atoms_ligand         0 
_refine_hist.number_atoms_solvent             60 
_refine_hist.number_atoms_total               1109 
_refine_hist.d_res_high                       1.75 
_refine_hist.d_res_low                        7.5 
# 
loop_
_refine_ls_restr.type 
_refine_ls_restr.dev_ideal 
_refine_ls_restr.dev_ideal_target 
_refine_ls_restr.weight 
_refine_ls_restr.number 
_refine_ls_restr.pdbx_refine_id 
_refine_ls_restr.pdbx_restraint_function 
x_bond_d                0.019 ? ? ? 'X-RAY DIFFRACTION' ? 
x_bond_d_na             ?     ? ? ? 'X-RAY DIFFRACTION' ? 
x_bond_d_prot           ?     ? ? ? 'X-RAY DIFFRACTION' ? 
x_angle_d               ?     ? ? ? 'X-RAY DIFFRACTION' ? 
x_angle_d_na            ?     ? ? ? 'X-RAY DIFFRACTION' ? 
x_angle_d_prot          ?     ? ? ? 'X-RAY DIFFRACTION' ? 
x_angle_deg             3.0   ? ? ? 'X-RAY DIFFRACTION' ? 
x_angle_deg_na          ?     ? ? ? 'X-RAY DIFFRACTION' ? 
x_angle_deg_prot        ?     ? ? ? 'X-RAY DIFFRACTION' ? 
x_dihedral_angle_d      28.5  ? ? ? 'X-RAY DIFFRACTION' ? 
x_dihedral_angle_d_na   ?     ? ? ? 'X-RAY DIFFRACTION' ? 
x_dihedral_angle_d_prot ?     ? ? ? 'X-RAY DIFFRACTION' ? 
x_improper_angle_d      ?     ? ? ? 'X-RAY DIFFRACTION' ? 
x_improper_angle_d_na   ?     ? ? ? 'X-RAY DIFFRACTION' ? 
x_improper_angle_d_prot ?     ? ? ? 'X-RAY DIFFRACTION' ? 
x_mcbond_it             ?     ? ? ? 'X-RAY DIFFRACTION' ? 
x_mcangle_it            ?     ? ? ? 'X-RAY DIFFRACTION' ? 
x_scbond_it             ?     ? ? ? 'X-RAY DIFFRACTION' ? 
x_scangle_it            ?     ? ? ? 'X-RAY DIFFRACTION' ? 
# 
_refine_ls_shell.pdbx_total_number_of_bins_used   ? 
_refine_ls_shell.d_res_high                       1.75 
_refine_ls_shell.d_res_low                        1.83 
_refine_ls_shell.number_reflns_R_work             ? 
_refine_ls_shell.R_factor_R_work                  ? 
_refine_ls_shell.percent_reflns_obs               40.8 
_refine_ls_shell.R_factor_R_free                  ? 
_refine_ls_shell.R_factor_R_free_error            ? 
_refine_ls_shell.percent_reflns_R_free            ? 
_refine_ls_shell.number_reflns_R_free             ? 
_refine_ls_shell.pdbx_refine_id                   'X-RAY DIFFRACTION' 
_refine_ls_shell.number_reflns_all                ? 
_refine_ls_shell.R_factor_all                     ? 
# 
loop_
_pdbx_xplor_file.serial_no 
_pdbx_xplor_file.param_file 
_pdbx_xplor_file.topol_file 
_pdbx_xplor_file.pdbx_refine_id 
1 I4A2PH25_PARAM19XB2_KBCO. I4A2PH25_TOPH19XB2_KBCO.PRO 'X-RAY DIFFRACTION' 
2 PARAM11_UCSF.WAT          TOPH19.PEP                  'X-RAY DIFFRACTION' 
3 PARAM19XB2_KBCO.PRO       TOPH19XB2_KBCO.PRO          'X-RAY DIFFRACTION' 
# 
_struct.entry_id                  1VWP 
_struct.title                     'STREPTAVIDIN COMPLEXED WITH CYCLO-AC-[CHPQGPPC]-NH2 MONOMER, PH 2.5' 
_struct.pdbx_model_details        ? 
_struct.pdbx_CASP_flag            ? 
_struct.pdbx_model_type_details   ? 
# 
_struct_keywords.entry_id        1VWP 
_struct_keywords.pdbx_keywords   'COMPLEX (BIOTIN-BINDING PROTEIN/PEPTIDE)' 
_struct_keywords.text            
;COMPLEX (BIOTIN-BINDING PROTEIN-PEPTIDE), CYCLIC PEPTIDE DISCOVERED BY PHAGE DISPLAY, COMPLEX (BIOTIN-BINDING PROTEIN-PEPTIDE) complex
;
# 
loop_
_struct_asym.id 
_struct_asym.pdbx_blank_PDB_chainid_flag 
_struct_asym.pdbx_modified 
_struct_asym.entity_id 
_struct_asym.details 
A N N 1 ? 
B N N 2 ? 
C N N 3 ? 
# 
loop_
_struct_ref.id 
_struct_ref.db_name 
_struct_ref.db_code 
_struct_ref.entity_id 
_struct_ref.pdbx_db_accession 
_struct_ref.pdbx_align_begin 
_struct_ref.pdbx_seq_one_letter_code 
_struct_ref.pdbx_db_isoform 
1 UNP SAV_STRAV 1 P22629 1 
;MRKIVVAAIAVSLTTVSITASASADPSKDSKAQVSAAEAGITGTWYNQLGSTFIVTAGADGALTGTYESAVGNAESRYVL
TGRYDSAPATDGSGTALGWTVAWKNNYRNAHSATTWSGQYVGGAEARINTQWLLTSGTTEANAWKSTLVGHDTFTKVKPS
AASIDAAKKAGVNNGNPLDAVQQ
;
? 
2 PDB 1VWP      2 1VWP   ? ? ? 
# 
loop_
_struct_ref_seq.align_id 
_struct_ref_seq.ref_id 
_struct_ref_seq.pdbx_PDB_id_code 
_struct_ref_seq.pdbx_strand_id 
_struct_ref_seq.seq_align_beg 
_struct_ref_seq.pdbx_seq_align_beg_ins_code 
_struct_ref_seq.seq_align_end 
_struct_ref_seq.pdbx_seq_align_end_ins_code 
_struct_ref_seq.pdbx_db_accession 
_struct_ref_seq.db_align_beg 
_struct_ref_seq.pdbx_db_align_beg_ins_code 
_struct_ref_seq.db_align_end 
_struct_ref_seq.pdbx_db_align_end_ins_code 
_struct_ref_seq.pdbx_auth_seq_align_beg 
_struct_ref_seq.pdbx_auth_seq_align_end 
1 1 1VWP B 1 ? 123 ? P22629 37 ? 159 ? 13 135 
2 2 1VWP P 1 ? 10  ? 1VWP   0  ? 9   ? 0  9   
# 
_pdbx_struct_assembly.id                   1 
_pdbx_struct_assembly.details              author_defined_assembly 
_pdbx_struct_assembly.method_details       ? 
_pdbx_struct_assembly.oligomeric_details   octameric 
_pdbx_struct_assembly.oligomeric_count     8 
# 
_pdbx_struct_assembly_gen.assembly_id       1 
_pdbx_struct_assembly_gen.oper_expression   1,2,3,4 
_pdbx_struct_assembly_gen.asym_id_list      A,B,C 
# 
loop_
_pdbx_struct_oper_list.id 
_pdbx_struct_oper_list.type 
_pdbx_struct_oper_list.name 
_pdbx_struct_oper_list.symmetry_operation 
_pdbx_struct_oper_list.matrix[1][1] 
_pdbx_struct_oper_list.matrix[1][2] 
_pdbx_struct_oper_list.matrix[1][3] 
_pdbx_struct_oper_list.vector[1] 
_pdbx_struct_oper_list.matrix[2][1] 
_pdbx_struct_oper_list.matrix[2][2] 
_pdbx_struct_oper_list.matrix[2][3] 
_pdbx_struct_oper_list.vector[2] 
_pdbx_struct_oper_list.matrix[3][1] 
_pdbx_struct_oper_list.matrix[3][2] 
_pdbx_struct_oper_list.matrix[3][3] 
_pdbx_struct_oper_list.vector[3] 
1 'identity operation'         1_555  x,y,z    1.0000000000  0.0000000000  0.0000000000  0.0000000000   0.0000000000  1.0000000000  0.0000000000  0.0000000000   0.0000000000  0.0000000000  1.0000000000  0.0000000000  
2 'crystal symmetry operation' 15_555 y,x,-z   0.2363840742  0.8951221010  -0.3779933779 -9.9208303528  0.8951221010  -0.3519460559 -0.2736611007 9.8221372677   -0.3779933779 -0.2736611007 -0.8844380183 -9.1904903817 
3 'crystal symmetry operation' 10_555 -x,-y,z  -0.7487777810 -0.5203668102 -0.4105486786 -29.7626203235 -0.5203668102 0.0778569597  0.8503861927  -9.8964690367  -0.4105486786 0.8503861927  -0.3290791787 -5.6686030587 
4 'crystal symmetry operation' 8_555  -y,-x,-z -0.4876062932 -0.3747552908 0.7885420565  -23.6720935433 -0.3747552908 -0.7259109038 -0.5767250920 -11.7847425708 0.7885420565  -0.5767250920 0.2135171970  9.7813896744 
# 
_struct_biol.id   1 
# 
loop_
_struct_conf.conf_type_id 
_struct_conf.id 
_struct_conf.pdbx_PDB_helix_id 
_struct_conf.beg_label_comp_id 
_struct_conf.beg_label_asym_id 
_struct_conf.beg_label_seq_id 
_struct_conf.pdbx_beg_PDB_ins_code 
_struct_conf.end_label_comp_id 
_struct_conf.end_label_asym_id 
_struct_conf.end_label_seq_id 
_struct_conf.pdbx_end_PDB_ins_code 
_struct_conf.beg_auth_comp_id 
_struct_conf.beg_auth_asym_id 
_struct_conf.beg_auth_seq_id 
_struct_conf.end_auth_comp_id 
_struct_conf.end_auth_asym_id 
_struct_conf.end_auth_seq_id 
_struct_conf.pdbx_PDB_helix_class 
_struct_conf.details 
_struct_conf.pdbx_PDB_helix_length 
HELX_P HELX_P1 1 ALA A 38  ? SER A 40  ? ALA B 50  SER B 52  5 ? 3 
HELX_P HELX_P2 2 GLU A 104 ? LYS A 109 ? GLU B 116 LYS B 121 5 ? 6 
# 
_struct_conf_type.id          HELX_P 
_struct_conf_type.criteria    ? 
_struct_conf_type.reference   ? 
# 
loop_
_struct_conn.id 
_struct_conn.conn_type_id 
_struct_conn.pdbx_leaving_atom_flag 
_struct_conn.pdbx_PDB_id 
_struct_conn.ptnr1_label_asym_id 
_struct_conn.ptnr1_label_comp_id 
_struct_conn.ptnr1_label_seq_id 
_struct_conn.ptnr1_label_atom_id 
_struct_conn.pdbx_ptnr1_label_alt_id 
_struct_conn.pdbx_ptnr1_PDB_ins_code 
_struct_conn.pdbx_ptnr1_standard_comp_id 
_struct_conn.ptnr1_symmetry 
_struct_conn.ptnr2_label_asym_id 
_struct_conn.ptnr2_label_comp_id 
_struct_conn.ptnr2_label_seq_id 
_struct_conn.ptnr2_label_atom_id 
_struct_conn.pdbx_ptnr2_label_alt_id 
_struct_conn.pdbx_ptnr2_PDB_ins_code 
_struct_conn.ptnr1_auth_asym_id 
_struct_conn.ptnr1_auth_comp_id 
_struct_conn.ptnr1_auth_seq_id 
_struct_conn.ptnr2_auth_asym_id 
_struct_conn.ptnr2_auth_comp_id 
_struct_conn.ptnr2_auth_seq_id 
_struct_conn.ptnr2_symmetry 
_struct_conn.pdbx_ptnr3_label_atom_id 
_struct_conn.pdbx_ptnr3_label_seq_id 
_struct_conn.pdbx_ptnr3_label_comp_id 
_struct_conn.pdbx_ptnr3_label_asym_id 
_struct_conn.pdbx_ptnr3_label_alt_id 
_struct_conn.pdbx_ptnr3_PDB_ins_code 
_struct_conn.details 
_struct_conn.pdbx_dist_value 
_struct_conn.pdbx_value_order 
_struct_conn.pdbx_role 
disulf1 disulf ?    ? B CYS 2 SG ? ? ? 1_555 B CYS 9  SG ? ? P CYS 1 P CYS 8 1_555 ? ? ? ? ? ? ? 2.028 ? ? 
covale1 covale both ? B ACE 1 C  ? ? ? 1_555 B CYS 2  N  ? ? P ACE 0 P CYS 1 1_555 ? ? ? ? ? ? ? 1.339 ? ? 
covale2 covale both ? B CYS 9 C  ? ? ? 1_555 B NH2 10 N  ? ? P CYS 8 P NH2 9 1_555 ? ? ? ? ? ? ? 1.330 ? ? 
# 
loop_
_struct_conn_type.id 
_struct_conn_type.criteria 
_struct_conn_type.reference 
disulf ? ? 
covale ? ? 
# 
loop_
_pdbx_modification_feature.ordinal 
_pdbx_modification_feature.label_comp_id 
_pdbx_modification_feature.label_asym_id 
_pdbx_modification_feature.label_seq_id 
_pdbx_modification_feature.label_alt_id 
_pdbx_modification_feature.modified_residue_label_comp_id 
_pdbx_modification_feature.modified_residue_label_asym_id 
_pdbx_modification_feature.modified_residue_label_seq_id 
_pdbx_modification_feature.modified_residue_label_alt_id 
_pdbx_modification_feature.auth_comp_id 
_pdbx_modification_feature.auth_asym_id 
_pdbx_modification_feature.auth_seq_id 
_pdbx_modification_feature.PDB_ins_code 
_pdbx_modification_feature.symmetry 
_pdbx_modification_feature.modified_residue_auth_comp_id 
_pdbx_modification_feature.modified_residue_auth_asym_id 
_pdbx_modification_feature.modified_residue_auth_seq_id 
_pdbx_modification_feature.modified_residue_PDB_ins_code 
_pdbx_modification_feature.modified_residue_symmetry 
_pdbx_modification_feature.comp_id_linking_atom 
_pdbx_modification_feature.modified_residue_id_linking_atom 
_pdbx_modification_feature.modified_residue_id 
_pdbx_modification_feature.ref_pcm_id 
_pdbx_modification_feature.ref_comp_id 
_pdbx_modification_feature.type 
_pdbx_modification_feature.category 
1 ACE B 1  ? CYS B 2 ? ACE P 0 ? 1_555 CYS P 1 ? 1_555 .  .  CYS 11 ACE None 'Terminal acetylation' 
2 NH2 B 10 ? CYS B 9 ? NH2 P 9 ? 1_555 CYS P 8 ? 1_555 .  .  CYS 11 NH2 None 'Terminal amidation'   
3 CYS B 2  ? CYS B 9 ? CYS P 1 ? 1_555 CYS P 8 ? 1_555 SG SG .   .  .   None 'Disulfide bridge'     
# 
_struct_mon_prot_cis.pdbx_id                1 
_struct_mon_prot_cis.label_comp_id          PRO 
_struct_mon_prot_cis.label_seq_id           7 
_struct_mon_prot_cis.label_asym_id          B 
_struct_mon_prot_cis.label_alt_id           . 
_struct_mon_prot_cis.pdbx_PDB_ins_code      ? 
_struct_mon_prot_cis.auth_comp_id           PRO 
_struct_mon_prot_cis.auth_seq_id            6 
_struct_mon_prot_cis.auth_asym_id           P 
_struct_mon_prot_cis.pdbx_label_comp_id_2   PRO 
_struct_mon_prot_cis.pdbx_label_seq_id_2    8 
_struct_mon_prot_cis.pdbx_label_asym_id_2   B 
_struct_mon_prot_cis.pdbx_PDB_ins_code_2    ? 
_struct_mon_prot_cis.pdbx_auth_comp_id_2    PRO 
_struct_mon_prot_cis.pdbx_auth_seq_id_2     7 
_struct_mon_prot_cis.pdbx_auth_asym_id_2    P 
_struct_mon_prot_cis.pdbx_PDB_model_num     1 
_struct_mon_prot_cis.pdbx_omega_angle       -14.00 
# 
_struct_sheet.id               A 
_struct_sheet.type             ? 
_struct_sheet.number_strands   8 
_struct_sheet.details          ? 
# 
loop_
_struct_sheet_order.sheet_id 
_struct_sheet_order.range_id_1 
_struct_sheet_order.range_id_2 
_struct_sheet_order.offset 
_struct_sheet_order.sense 
A 1 2 ? anti-parallel 
A 2 3 ? anti-parallel 
A 3 4 ? anti-parallel 
A 4 5 ? anti-parallel 
A 5 6 ? anti-parallel 
A 6 7 ? anti-parallel 
A 7 8 ? anti-parallel 
# 
loop_
_struct_sheet_range.sheet_id 
_struct_sheet_range.id 
_struct_sheet_range.beg_label_comp_id 
_struct_sheet_range.beg_label_asym_id 
_struct_sheet_range.beg_label_seq_id 
_struct_sheet_range.pdbx_beg_PDB_ins_code 
_struct_sheet_range.end_label_comp_id 
_struct_sheet_range.end_label_asym_id 
_struct_sheet_range.end_label_seq_id 
_struct_sheet_range.pdbx_end_PDB_ins_code 
_struct_sheet_range.beg_auth_comp_id 
_struct_sheet_range.beg_auth_asym_id 
_struct_sheet_range.beg_auth_seq_id 
_struct_sheet_range.end_auth_comp_id 
_struct_sheet_range.end_auth_asym_id 
_struct_sheet_range.end_auth_seq_id 
A 1 GLY A 7   ? TYR A 10  ? GLY B 19  TYR B 22  
A 2 THR A 16  ? GLY A 22  ? THR B 28  GLY B 34  
A 3 ALA A 26  ? GLU A 32  ? ALA B 38  GLU B 44  
A 4 ARG A 41  ? TYR A 48  ? ARG B 53  TYR B 60  
A 5 THR A 59  ? ALA A 66  ? THR B 71  ALA B 78  
A 6 SER A 76  ? VAL A 85  ? SER B 88  VAL B 97  
A 7 ARG A 91  ? SER A 100 ? ARG B 103 SER B 112 
A 8 THR A 111 ? THR A 119 ? THR B 123 THR B 131 
# 
loop_
_pdbx_struct_sheet_hbond.sheet_id 
_pdbx_struct_sheet_hbond.range_id_1 
_pdbx_struct_sheet_hbond.range_id_2 
_pdbx_struct_sheet_hbond.range_1_label_atom_id 
_pdbx_struct_sheet_hbond.range_1_label_comp_id 
_pdbx_struct_sheet_hbond.range_1_label_asym_id 
_pdbx_struct_sheet_hbond.range_1_label_seq_id 
_pdbx_struct_sheet_hbond.range_1_PDB_ins_code 
_pdbx_struct_sheet_hbond.range_1_auth_atom_id 
_pdbx_struct_sheet_hbond.range_1_auth_comp_id 
_pdbx_struct_sheet_hbond.range_1_auth_asym_id 
_pdbx_struct_sheet_hbond.range_1_auth_seq_id 
_pdbx_struct_sheet_hbond.range_2_label_atom_id 
_pdbx_struct_sheet_hbond.range_2_label_comp_id 
_pdbx_struct_sheet_hbond.range_2_label_asym_id 
_pdbx_struct_sheet_hbond.range_2_label_seq_id 
_pdbx_struct_sheet_hbond.range_2_PDB_ins_code 
_pdbx_struct_sheet_hbond.range_2_auth_atom_id 
_pdbx_struct_sheet_hbond.range_2_auth_comp_id 
_pdbx_struct_sheet_hbond.range_2_auth_asym_id 
_pdbx_struct_sheet_hbond.range_2_auth_seq_id 
A 1 2 O GLY A 7  ? O GLY B 19  N VAL A 19  ? N VAL B 31  
A 2 3 O THR A 16 ? O THR B 28  N GLU A 32  ? N GLU B 44  
A 3 4 O LEU A 27 ? O LEU B 39  N GLY A 46  ? N GLY B 58  
A 4 5 O THR A 45 ? O THR B 57  N THR A 64  ? N THR B 76  
A 5 6 O THR A 59 ? O THR B 71  N TYR A 84  ? N TYR B 96  
A 6 7 O ALA A 77 ? O ALA B 89  N THR A 99  ? N THR B 111 
A 7 8 O ILE A 92 ? O ILE B 104 N PHE A 118 ? N PHE B 130 
# 
_struct_site.id                   AC2 
_struct_site.pdbx_evidence_code   Software 
_struct_site.pdbx_auth_asym_id    P 
_struct_site.pdbx_auth_comp_id    NH2 
_struct_site.pdbx_auth_seq_id     9 
_struct_site.pdbx_auth_ins_code   ? 
_struct_site.pdbx_num_residues    2 
_struct_site.details              'BINDING SITE FOR RESIDUE NH2 P 9' 
# 
loop_
_struct_site_gen.id 
_struct_site_gen.site_id 
_struct_site_gen.pdbx_num_res 
_struct_site_gen.label_comp_id 
_struct_site_gen.label_asym_id 
_struct_site_gen.label_seq_id 
_struct_site_gen.pdbx_auth_ins_code 
_struct_site_gen.auth_comp_id 
_struct_site_gen.auth_asym_id 
_struct_site_gen.auth_seq_id 
_struct_site_gen.label_atom_id 
_struct_site_gen.label_alt_id 
_struct_site_gen.symmetry 
_struct_site_gen.details 
1 AC2 2 CYS B 9 ? CYS P 8   . ? 15_555 ? 
2 AC2 2 HOH C . ? HOH B 293 . ? 15_555 ? 
# 
_pdbx_entry_details.entry_id                   1VWP 
_pdbx_entry_details.compound_details           ? 
_pdbx_entry_details.source_details             ? 
_pdbx_entry_details.nonpolymer_details         ? 
_pdbx_entry_details.sequence_details           ? 
_pdbx_entry_details.has_ligand_of_interest     ? 
_pdbx_entry_details.has_protein_modification   Y 
# 
loop_
_pdbx_validate_close_contact.id 
_pdbx_validate_close_contact.PDB_model_num 
_pdbx_validate_close_contact.auth_atom_id_1 
_pdbx_validate_close_contact.auth_asym_id_1 
_pdbx_validate_close_contact.auth_comp_id_1 
_pdbx_validate_close_contact.auth_seq_id_1 
_pdbx_validate_close_contact.PDB_ins_code_1 
_pdbx_validate_close_contact.label_alt_id_1 
_pdbx_validate_close_contact.auth_atom_id_2 
_pdbx_validate_close_contact.auth_asym_id_2 
_pdbx_validate_close_contact.auth_comp_id_2 
_pdbx_validate_close_contact.auth_seq_id_2 
_pdbx_validate_close_contact.PDB_ins_code_2 
_pdbx_validate_close_contact.label_alt_id_2 
_pdbx_validate_close_contact.dist 
1 1 CB B ALA 13  ? A O  B HOH 522 ? ? 0.88 
2 1 H1 B HOH 538 ? ? O  B HOH 548 ? ? 1.14 
3 1 H2 B HOH 538 ? ? O  B HOH 548 ? ? 1.48 
4 1 CB B ALA 13  ? A H1 B HOH 522 ? ? 1.51 
5 1 O  B LYS 132 ? ? H2 B HOH 224 ? ? 1.57 
6 1 O  B HOH 538 ? ? O  B HOH 548 ? ? 1.75 
7 1 CA B ALA 13  ? A O  B HOH 522 ? ? 1.92 
# 
loop_
_pdbx_validate_symm_contact.id 
_pdbx_validate_symm_contact.PDB_model_num 
_pdbx_validate_symm_contact.auth_atom_id_1 
_pdbx_validate_symm_contact.auth_asym_id_1 
_pdbx_validate_symm_contact.auth_comp_id_1 
_pdbx_validate_symm_contact.auth_seq_id_1 
_pdbx_validate_symm_contact.PDB_ins_code_1 
_pdbx_validate_symm_contact.label_alt_id_1 
_pdbx_validate_symm_contact.site_symmetry_1 
_pdbx_validate_symm_contact.auth_atom_id_2 
_pdbx_validate_symm_contact.auth_asym_id_2 
_pdbx_validate_symm_contact.auth_comp_id_2 
_pdbx_validate_symm_contact.auth_seq_id_2 
_pdbx_validate_symm_contact.PDB_ins_code_2 
_pdbx_validate_symm_contact.label_alt_id_2 
_pdbx_validate_symm_contact.site_symmetry_2 
_pdbx_validate_symm_contact.dist 
1  1 H1   B HOH 279 ? ? 1_555 H2 B HOH 279 ? ? 10_655 0.57 
2  1 H1   B HOH 445 ? ? 1_555 H1 B HOH 445 ? ? 5_554  0.62 
3  1 O    B HOH 445 ? ? 1_555 O  B HOH 445 ? ? 5_554  0.70 
4  1 O    B HOH 305 ? ? 1_555 O  B HOH 305 ? ? 15_555 0.80 
5  1 O    B HOH 305 ? ? 1_555 H2 B HOH 305 ? ? 15_555 1.03 
6  1 H2   B HOH 544 ? ? 1_555 H2 B HOH 544 ? ? 10_655 1.07 
7  1 H1   B HOH 163 ? ? 1_555 H1 B HOH 163 ? ? 10_555 1.12 
8  1 O    B HOH 445 ? ? 1_555 H1 B HOH 445 ? ? 5_554  1.13 
9  1 H2   B HOH 305 ? ? 1_555 H2 B HOH 305 ? ? 15_555 1.18 
10 1 O    B HOH 279 ? ? 1_555 H1 B HOH 279 ? ? 10_655 1.25 
11 1 HH21 B ARG 59  ? ? 1_555 H1 B HOH 231 ? ? 15_555 1.30 
12 1 O    B HOH 544 ? ? 1_555 O  B HOH 544 ? ? 10_655 1.40 
13 1 HZ2  B LYS 132 ? A 1_555 O  B HOH 313 ? ? 10_655 1.42 
14 1 O    B HOH 544 ? ? 1_555 H2 B HOH 544 ? ? 10_655 1.43 
15 1 O    B HOH 279 ? ? 1_555 O  B HOH 279 ? ? 10_655 1.53 
16 1 O    B HOH 279 ? ? 1_555 H2 B HOH 279 ? ? 10_655 1.55 
17 1 O    B HOH 313 ? ? 1_555 H1 B HOH 313 ? ? 10_655 1.60 
18 1 O    B HOH 313 ? ? 1_555 O  B HOH 313 ? ? 10_655 1.75 
19 1 O    B HOH 447 ? ? 1_555 O  B HOH 500 ? ? 8_555  1.84 
20 1 NZ   B LYS 132 ? A 1_555 O  B HOH 313 ? ? 10_655 1.96 
21 1 CE   B LYS 132 ? A 1_555 O  B HOH 313 ? ? 10_655 2.15 
# 
loop_
_pdbx_validate_rmsd_bond.id 
_pdbx_validate_rmsd_bond.PDB_model_num 
_pdbx_validate_rmsd_bond.auth_atom_id_1 
_pdbx_validate_rmsd_bond.auth_asym_id_1 
_pdbx_validate_rmsd_bond.auth_comp_id_1 
_pdbx_validate_rmsd_bond.auth_seq_id_1 
_pdbx_validate_rmsd_bond.PDB_ins_code_1 
_pdbx_validate_rmsd_bond.label_alt_id_1 
_pdbx_validate_rmsd_bond.auth_atom_id_2 
_pdbx_validate_rmsd_bond.auth_asym_id_2 
_pdbx_validate_rmsd_bond.auth_comp_id_2 
_pdbx_validate_rmsd_bond.auth_seq_id_2 
_pdbx_validate_rmsd_bond.PDB_ins_code_2 
_pdbx_validate_rmsd_bond.label_alt_id_2 
_pdbx_validate_rmsd_bond.bond_value 
_pdbx_validate_rmsd_bond.bond_target_value 
_pdbx_validate_rmsd_bond.bond_deviation 
_pdbx_validate_rmsd_bond.bond_standard_deviation 
_pdbx_validate_rmsd_bond.linker_flag 
1 1 NE2 B HIS 87  ? B CD2 B HIS 87  ? B 1.306 1.373 -0.067 0.011 N 
2 1 NE2 B HIS 127 ? ? CD2 B HIS 127 ? ? 1.292 1.373 -0.081 0.011 N 
3 1 NE2 P HIS 2   ? ? CD2 P HIS 2   ? ? 1.304 1.373 -0.069 0.011 N 
# 
loop_
_pdbx_validate_rmsd_angle.id 
_pdbx_validate_rmsd_angle.PDB_model_num 
_pdbx_validate_rmsd_angle.auth_atom_id_1 
_pdbx_validate_rmsd_angle.auth_asym_id_1 
_pdbx_validate_rmsd_angle.auth_comp_id_1 
_pdbx_validate_rmsd_angle.auth_seq_id_1 
_pdbx_validate_rmsd_angle.PDB_ins_code_1 
_pdbx_validate_rmsd_angle.label_alt_id_1 
_pdbx_validate_rmsd_angle.auth_atom_id_2 
_pdbx_validate_rmsd_angle.auth_asym_id_2 
_pdbx_validate_rmsd_angle.auth_comp_id_2 
_pdbx_validate_rmsd_angle.auth_seq_id_2 
_pdbx_validate_rmsd_angle.PDB_ins_code_2 
_pdbx_validate_rmsd_angle.label_alt_id_2 
_pdbx_validate_rmsd_angle.auth_atom_id_3 
_pdbx_validate_rmsd_angle.auth_asym_id_3 
_pdbx_validate_rmsd_angle.auth_comp_id_3 
_pdbx_validate_rmsd_angle.auth_seq_id_3 
_pdbx_validate_rmsd_angle.PDB_ins_code_3 
_pdbx_validate_rmsd_angle.label_alt_id_3 
_pdbx_validate_rmsd_angle.angle_value 
_pdbx_validate_rmsd_angle.angle_target_value 
_pdbx_validate_rmsd_angle.angle_deviation 
_pdbx_validate_rmsd_angle.angle_standard_deviation 
_pdbx_validate_rmsd_angle.linker_flag 
1  1 CD1 B TRP 21  ? ? CG  B TRP 21  ? ? CD2 B TRP 21  ? ? 112.72 106.30 6.42   0.80 N 
2  1 CE2 B TRP 21  ? ? CD2 B TRP 21  ? ? CG  B TRP 21  ? ? 102.32 107.30 -4.98  0.80 N 
3  1 CB  B TYR 54  ? ? CG  B TYR 54  ? ? CD2 B TYR 54  ? ? 115.95 121.00 -5.05  0.60 N 
4  1 CA  B LEU 73  ? ? CB  B LEU 73  ? B CG  B LEU 73  ? B 129.20 115.30 13.90  2.30 N 
5  1 CD1 B TRP 75  ? ? CG  B TRP 75  ? ? CD2 B TRP 75  ? ? 111.77 106.30 5.47   0.80 N 
6  1 CE2 B TRP 75  ? ? CD2 B TRP 75  ? ? CG  B TRP 75  ? ? 102.25 107.30 -5.05  0.80 N 
7  1 CD1 B TRP 79  ? ? CG  B TRP 79  ? ? CD2 B TRP 79  ? ? 113.93 106.30 7.63   0.80 N 
8  1 CE2 B TRP 79  ? ? CD2 B TRP 79  ? ? CG  B TRP 79  ? ? 100.58 107.30 -6.72  0.80 N 
9  1 CG  B TRP 79  ? ? CD2 B TRP 79  ? ? CE3 B TRP 79  ? ? 140.19 133.90 6.29   0.90 N 
10 1 NE  B ARG 84  ? A CZ  B ARG 84  ? A NH2 B ARG 84  ? A 117.21 120.30 -3.09  0.50 N 
11 1 CD1 B TRP 92  ? ? CG  B TRP 92  ? ? CD2 B TRP 92  ? ? 112.61 106.30 6.31   0.80 N 
12 1 CE2 B TRP 92  ? ? CD2 B TRP 92  ? ? CG  B TRP 92  ? ? 101.01 107.30 -6.29  0.80 N 
13 1 CG  B TRP 92  ? ? CD2 B TRP 92  ? ? CE3 B TRP 92  ? ? 139.46 133.90 5.56   0.90 N 
14 1 CA  B GLN 107 ? ? CB  B GLN 107 ? B CG  B GLN 107 ? B 99.53  113.40 -13.87 2.20 N 
15 1 CD1 B TRP 108 ? ? CG  B TRP 108 ? ? CD2 B TRP 108 ? ? 114.10 106.30 7.80   0.80 N 
16 1 CG  B TRP 108 ? ? CD1 B TRP 108 ? ? NE1 B TRP 108 ? ? 102.41 110.10 -7.69  1.00 N 
17 1 CE2 B TRP 108 ? ? CD2 B TRP 108 ? ? CG  B TRP 108 ? ? 101.01 107.30 -6.29  0.80 N 
18 1 CG  B TRP 108 ? ? CD2 B TRP 108 ? ? CE3 B TRP 108 ? ? 140.29 133.90 6.39   0.90 N 
19 1 CD1 B TRP 120 ? ? CG  B TRP 120 ? ? CD2 B TRP 120 ? ? 111.55 106.30 5.25   0.80 N 
20 1 CE2 B TRP 120 ? ? CD2 B TRP 120 ? ? CG  B TRP 120 ? ? 102.04 107.30 -5.26  0.80 N 
# 
loop_
_pdbx_validate_torsion.id 
_pdbx_validate_torsion.PDB_model_num 
_pdbx_validate_torsion.auth_comp_id 
_pdbx_validate_torsion.auth_asym_id 
_pdbx_validate_torsion.auth_seq_id 
_pdbx_validate_torsion.PDB_ins_code 
_pdbx_validate_torsion.label_alt_id 
_pdbx_validate_torsion.phi 
_pdbx_validate_torsion.psi 
1 1 GLU B 14  ? ? 35.66   -76.16  
2 1 ASP B 36  ? ? -92.91  48.09   
3 1 ALA B 46  ? ? -177.50 -172.32 
4 1 VAL B 47  ? ? 58.93   -55.05  
5 1 PRO B 64  ? ? -56.11  104.34  
6 1 ASP B 67  ? ? -141.40 19.35   
7 1 ASN B 81  ? ? -136.41 -156.83 
8 1 GLU B 101 ? ? -113.68 73.02   
9 1 PRO P 7   ? ? -82.62  -137.04 
# 
loop_
_pdbx_unobs_or_zero_occ_residues.id 
_pdbx_unobs_or_zero_occ_residues.PDB_model_num 
_pdbx_unobs_or_zero_occ_residues.polymer_flag 
_pdbx_unobs_or_zero_occ_residues.occupancy_flag 
_pdbx_unobs_or_zero_occ_residues.auth_asym_id 
_pdbx_unobs_or_zero_occ_residues.auth_comp_id 
_pdbx_unobs_or_zero_occ_residues.auth_seq_id 
_pdbx_unobs_or_zero_occ_residues.PDB_ins_code 
_pdbx_unobs_or_zero_occ_residues.label_asym_id 
_pdbx_unobs_or_zero_occ_residues.label_comp_id 
_pdbx_unobs_or_zero_occ_residues.label_seq_id 
1 1 Y 1 B LYS 134 ? A LYS 122 
2 1 Y 1 B PRO 135 ? A PRO 123 
3 1 Y 0 P NH2 9   ? B NH2 10  
# 
loop_
_chem_comp_atom.comp_id 
_chem_comp_atom.atom_id 
_chem_comp_atom.type_symbol 
_chem_comp_atom.pdbx_aromatic_flag 
_chem_comp_atom.pdbx_stereo_config 
_chem_comp_atom.pdbx_ordinal 
ACE C    C N N 1   
ACE O    O N N 2   
ACE CH3  C N N 3   
ACE H    H N N 4   
ACE H1   H N N 5   
ACE H2   H N N 6   
ACE H3   H N N 7   
ALA N    N N N 8   
ALA CA   C N S 9   
ALA C    C N N 10  
ALA O    O N N 11  
ALA CB   C N N 12  
ALA OXT  O N N 13  
ALA H    H N N 14  
ALA H2   H N N 15  
ALA HA   H N N 16  
ALA HB1  H N N 17  
ALA HB2  H N N 18  
ALA HB3  H N N 19  
ALA HXT  H N N 20  
ARG N    N N N 21  
ARG CA   C N S 22  
ARG C    C N N 23  
ARG O    O N N 24  
ARG CB   C N N 25  
ARG CG   C N N 26  
ARG CD   C N N 27  
ARG NE   N N N 28  
ARG CZ   C N N 29  
ARG NH1  N N N 30  
ARG NH2  N N N 31  
ARG OXT  O N N 32  
ARG H    H N N 33  
ARG H2   H N N 34  
ARG HA   H N N 35  
ARG HB2  H N N 36  
ARG HB3  H N N 37  
ARG HG2  H N N 38  
ARG HG3  H N N 39  
ARG HD2  H N N 40  
ARG HD3  H N N 41  
ARG HE   H N N 42  
ARG HH11 H N N 43  
ARG HH12 H N N 44  
ARG HH21 H N N 45  
ARG HH22 H N N 46  
ARG HXT  H N N 47  
ASN N    N N N 48  
ASN CA   C N S 49  
ASN C    C N N 50  
ASN O    O N N 51  
ASN CB   C N N 52  
ASN CG   C N N 53  
ASN OD1  O N N 54  
ASN ND2  N N N 55  
ASN OXT  O N N 56  
ASN H    H N N 57  
ASN H2   H N N 58  
ASN HA   H N N 59  
ASN HB2  H N N 60  
ASN HB3  H N N 61  
ASN HD21 H N N 62  
ASN HD22 H N N 63  
ASN HXT  H N N 64  
ASP N    N N N 65  
ASP CA   C N S 66  
ASP C    C N N 67  
ASP O    O N N 68  
ASP CB   C N N 69  
ASP CG   C N N 70  
ASP OD1  O N N 71  
ASP OD2  O N N 72  
ASP OXT  O N N 73  
ASP H    H N N 74  
ASP H2   H N N 75  
ASP HA   H N N 76  
ASP HB2  H N N 77  
ASP HB3  H N N 78  
ASP HD2  H N N 79  
ASP HXT  H N N 80  
CYS N    N N N 81  
CYS CA   C N R 82  
CYS C    C N N 83  
CYS O    O N N 84  
CYS CB   C N N 85  
CYS SG   S N N 86  
CYS OXT  O N N 87  
CYS H    H N N 88  
CYS H2   H N N 89  
CYS HA   H N N 90  
CYS HB2  H N N 91  
CYS HB3  H N N 92  
CYS HG   H N N 93  
CYS HXT  H N N 94  
GLN N    N N N 95  
GLN CA   C N S 96  
GLN C    C N N 97  
GLN O    O N N 98  
GLN CB   C N N 99  
GLN CG   C N N 100 
GLN CD   C N N 101 
GLN OE1  O N N 102 
GLN NE2  N N N 103 
GLN OXT  O N N 104 
GLN H    H N N 105 
GLN H2   H N N 106 
GLN HA   H N N 107 
GLN HB2  H N N 108 
GLN HB3  H N N 109 
GLN HG2  H N N 110 
GLN HG3  H N N 111 
GLN HE21 H N N 112 
GLN HE22 H N N 113 
GLN HXT  H N N 114 
GLU N    N N N 115 
GLU CA   C N S 116 
GLU C    C N N 117 
GLU O    O N N 118 
GLU CB   C N N 119 
GLU CG   C N N 120 
GLU CD   C N N 121 
GLU OE1  O N N 122 
GLU OE2  O N N 123 
GLU OXT  O N N 124 
GLU H    H N N 125 
GLU H2   H N N 126 
GLU HA   H N N 127 
GLU HB2  H N N 128 
GLU HB3  H N N 129 
GLU HG2  H N N 130 
GLU HG3  H N N 131 
GLU HE2  H N N 132 
GLU HXT  H N N 133 
GLY N    N N N 134 
GLY CA   C N N 135 
GLY C    C N N 136 
GLY O    O N N 137 
GLY OXT  O N N 138 
GLY H    H N N 139 
GLY H2   H N N 140 
GLY HA2  H N N 141 
GLY HA3  H N N 142 
GLY HXT  H N N 143 
HIS N    N N N 144 
HIS CA   C N S 145 
HIS C    C N N 146 
HIS O    O N N 147 
HIS CB   C N N 148 
HIS CG   C Y N 149 
HIS ND1  N Y N 150 
HIS CD2  C Y N 151 
HIS CE1  C Y N 152 
HIS NE2  N Y N 153 
HIS OXT  O N N 154 
HIS H    H N N 155 
HIS H2   H N N 156 
HIS HA   H N N 157 
HIS HB2  H N N 158 
HIS HB3  H N N 159 
HIS HD1  H N N 160 
HIS HD2  H N N 161 
HIS HE1  H N N 162 
HIS HE2  H N N 163 
HIS HXT  H N N 164 
HOH O    O N N 165 
HOH H1   H N N 166 
HOH H2   H N N 167 
ILE N    N N N 168 
ILE CA   C N S 169 
ILE C    C N N 170 
ILE O    O N N 171 
ILE CB   C N S 172 
ILE CG1  C N N 173 
ILE CG2  C N N 174 
ILE CD1  C N N 175 
ILE OXT  O N N 176 
ILE H    H N N 177 
ILE H2   H N N 178 
ILE HA   H N N 179 
ILE HB   H N N 180 
ILE HG12 H N N 181 
ILE HG13 H N N 182 
ILE HG21 H N N 183 
ILE HG22 H N N 184 
ILE HG23 H N N 185 
ILE HD11 H N N 186 
ILE HD12 H N N 187 
ILE HD13 H N N 188 
ILE HXT  H N N 189 
LEU N    N N N 190 
LEU CA   C N S 191 
LEU C    C N N 192 
LEU O    O N N 193 
LEU CB   C N N 194 
LEU CG   C N N 195 
LEU CD1  C N N 196 
LEU CD2  C N N 197 
LEU OXT  O N N 198 
LEU H    H N N 199 
LEU H2   H N N 200 
LEU HA   H N N 201 
LEU HB2  H N N 202 
LEU HB3  H N N 203 
LEU HG   H N N 204 
LEU HD11 H N N 205 
LEU HD12 H N N 206 
LEU HD13 H N N 207 
LEU HD21 H N N 208 
LEU HD22 H N N 209 
LEU HD23 H N N 210 
LEU HXT  H N N 211 
LYS N    N N N 212 
LYS CA   C N S 213 
LYS C    C N N 214 
LYS O    O N N 215 
LYS CB   C N N 216 
LYS CG   C N N 217 
LYS CD   C N N 218 
LYS CE   C N N 219 
LYS NZ   N N N 220 
LYS OXT  O N N 221 
LYS H    H N N 222 
LYS H2   H N N 223 
LYS HA   H N N 224 
LYS HB2  H N N 225 
LYS HB3  H N N 226 
LYS HG2  H N N 227 
LYS HG3  H N N 228 
LYS HD2  H N N 229 
LYS HD3  H N N 230 
LYS HE2  H N N 231 
LYS HE3  H N N 232 
LYS HZ1  H N N 233 
LYS HZ2  H N N 234 
LYS HZ3  H N N 235 
LYS HXT  H N N 236 
NH2 N    N N N 237 
NH2 HN1  H N N 238 
NH2 HN2  H N N 239 
PHE N    N N N 240 
PHE CA   C N S 241 
PHE C    C N N 242 
PHE O    O N N 243 
PHE CB   C N N 244 
PHE CG   C Y N 245 
PHE CD1  C Y N 246 
PHE CD2  C Y N 247 
PHE CE1  C Y N 248 
PHE CE2  C Y N 249 
PHE CZ   C Y N 250 
PHE OXT  O N N 251 
PHE H    H N N 252 
PHE H2   H N N 253 
PHE HA   H N N 254 
PHE HB2  H N N 255 
PHE HB3  H N N 256 
PHE HD1  H N N 257 
PHE HD2  H N N 258 
PHE HE1  H N N 259 
PHE HE2  H N N 260 
PHE HZ   H N N 261 
PHE HXT  H N N 262 
PRO N    N N N 263 
PRO CA   C N S 264 
PRO C    C N N 265 
PRO O    O N N 266 
PRO CB   C N N 267 
PRO CG   C N N 268 
PRO CD   C N N 269 
PRO OXT  O N N 270 
PRO H    H N N 271 
PRO HA   H N N 272 
PRO HB2  H N N 273 
PRO HB3  H N N 274 
PRO HG2  H N N 275 
PRO HG3  H N N 276 
PRO HD2  H N N 277 
PRO HD3  H N N 278 
PRO HXT  H N N 279 
SER N    N N N 280 
SER CA   C N S 281 
SER C    C N N 282 
SER O    O N N 283 
SER CB   C N N 284 
SER OG   O N N 285 
SER OXT  O N N 286 
SER H    H N N 287 
SER H2   H N N 288 
SER HA   H N N 289 
SER HB2  H N N 290 
SER HB3  H N N 291 
SER HG   H N N 292 
SER HXT  H N N 293 
THR N    N N N 294 
THR CA   C N S 295 
THR C    C N N 296 
THR O    O N N 297 
THR CB   C N R 298 
THR OG1  O N N 299 
THR CG2  C N N 300 
THR OXT  O N N 301 
THR H    H N N 302 
THR H2   H N N 303 
THR HA   H N N 304 
THR HB   H N N 305 
THR HG1  H N N 306 
THR HG21 H N N 307 
THR HG22 H N N 308 
THR HG23 H N N 309 
THR HXT  H N N 310 
TRP N    N N N 311 
TRP CA   C N S 312 
TRP C    C N N 313 
TRP O    O N N 314 
TRP CB   C N N 315 
TRP CG   C Y N 316 
TRP CD1  C Y N 317 
TRP CD2  C Y N 318 
TRP NE1  N Y N 319 
TRP CE2  C Y N 320 
TRP CE3  C Y N 321 
TRP CZ2  C Y N 322 
TRP CZ3  C Y N 323 
TRP CH2  C Y N 324 
TRP OXT  O N N 325 
TRP H    H N N 326 
TRP H2   H N N 327 
TRP HA   H N N 328 
TRP HB2  H N N 329 
TRP HB3  H N N 330 
TRP HD1  H N N 331 
TRP HE1  H N N 332 
TRP HE3  H N N 333 
TRP HZ2  H N N 334 
TRP HZ3  H N N 335 
TRP HH2  H N N 336 
TRP HXT  H N N 337 
TYR N    N N N 338 
TYR CA   C N S 339 
TYR C    C N N 340 
TYR O    O N N 341 
TYR CB   C N N 342 
TYR CG   C Y N 343 
TYR CD1  C Y N 344 
TYR CD2  C Y N 345 
TYR CE1  C Y N 346 
TYR CE2  C Y N 347 
TYR CZ   C Y N 348 
TYR OH   O N N 349 
TYR OXT  O N N 350 
TYR H    H N N 351 
TYR H2   H N N 352 
TYR HA   H N N 353 
TYR HB2  H N N 354 
TYR HB3  H N N 355 
TYR HD1  H N N 356 
TYR HD2  H N N 357 
TYR HE1  H N N 358 
TYR HE2  H N N 359 
TYR HH   H N N 360 
TYR HXT  H N N 361 
VAL N    N N N 362 
VAL CA   C N S 363 
VAL C    C N N 364 
VAL O    O N N 365 
VAL CB   C N N 366 
VAL CG1  C N N 367 
VAL CG2  C N N 368 
VAL OXT  O N N 369 
VAL H    H N N 370 
VAL H2   H N N 371 
VAL HA   H N N 372 
VAL HB   H N N 373 
VAL HG11 H N N 374 
VAL HG12 H N N 375 
VAL HG13 H N N 376 
VAL HG21 H N N 377 
VAL HG22 H N N 378 
VAL HG23 H N N 379 
VAL HXT  H N N 380 
# 
loop_
_chem_comp_bond.comp_id 
_chem_comp_bond.atom_id_1 
_chem_comp_bond.atom_id_2 
_chem_comp_bond.value_order 
_chem_comp_bond.pdbx_aromatic_flag 
_chem_comp_bond.pdbx_stereo_config 
_chem_comp_bond.pdbx_ordinal 
ACE C   O    doub N N 1   
ACE C   CH3  sing N N 2   
ACE C   H    sing N N 3   
ACE CH3 H1   sing N N 4   
ACE CH3 H2   sing N N 5   
ACE CH3 H3   sing N N 6   
ALA N   CA   sing N N 7   
ALA N   H    sing N N 8   
ALA N   H2   sing N N 9   
ALA CA  C    sing N N 10  
ALA CA  CB   sing N N 11  
ALA CA  HA   sing N N 12  
ALA C   O    doub N N 13  
ALA C   OXT  sing N N 14  
ALA CB  HB1  sing N N 15  
ALA CB  HB2  sing N N 16  
ALA CB  HB3  sing N N 17  
ALA OXT HXT  sing N N 18  
ARG N   CA   sing N N 19  
ARG N   H    sing N N 20  
ARG N   H2   sing N N 21  
ARG CA  C    sing N N 22  
ARG CA  CB   sing N N 23  
ARG CA  HA   sing N N 24  
ARG C   O    doub N N 25  
ARG C   OXT  sing N N 26  
ARG CB  CG   sing N N 27  
ARG CB  HB2  sing N N 28  
ARG CB  HB3  sing N N 29  
ARG CG  CD   sing N N 30  
ARG CG  HG2  sing N N 31  
ARG CG  HG3  sing N N 32  
ARG CD  NE   sing N N 33  
ARG CD  HD2  sing N N 34  
ARG CD  HD3  sing N N 35  
ARG NE  CZ   sing N N 36  
ARG NE  HE   sing N N 37  
ARG CZ  NH1  sing N N 38  
ARG CZ  NH2  doub N N 39  
ARG NH1 HH11 sing N N 40  
ARG NH1 HH12 sing N N 41  
ARG NH2 HH21 sing N N 42  
ARG NH2 HH22 sing N N 43  
ARG OXT HXT  sing N N 44  
ASN N   CA   sing N N 45  
ASN N   H    sing N N 46  
ASN N   H2   sing N N 47  
ASN CA  C    sing N N 48  
ASN CA  CB   sing N N 49  
ASN CA  HA   sing N N 50  
ASN C   O    doub N N 51  
ASN C   OXT  sing N N 52  
ASN CB  CG   sing N N 53  
ASN CB  HB2  sing N N 54  
ASN CB  HB3  sing N N 55  
ASN CG  OD1  doub N N 56  
ASN CG  ND2  sing N N 57  
ASN ND2 HD21 sing N N 58  
ASN ND2 HD22 sing N N 59  
ASN OXT HXT  sing N N 60  
ASP N   CA   sing N N 61  
ASP N   H    sing N N 62  
ASP N   H2   sing N N 63  
ASP CA  C    sing N N 64  
ASP CA  CB   sing N N 65  
ASP CA  HA   sing N N 66  
ASP C   O    doub N N 67  
ASP C   OXT  sing N N 68  
ASP CB  CG   sing N N 69  
ASP CB  HB2  sing N N 70  
ASP CB  HB3  sing N N 71  
ASP CG  OD1  doub N N 72  
ASP CG  OD2  sing N N 73  
ASP OD2 HD2  sing N N 74  
ASP OXT HXT  sing N N 75  
CYS N   CA   sing N N 76  
CYS N   H    sing N N 77  
CYS N   H2   sing N N 78  
CYS CA  C    sing N N 79  
CYS CA  CB   sing N N 80  
CYS CA  HA   sing N N 81  
CYS C   O    doub N N 82  
CYS C   OXT  sing N N 83  
CYS CB  SG   sing N N 84  
CYS CB  HB2  sing N N 85  
CYS CB  HB3  sing N N 86  
CYS SG  HG   sing N N 87  
CYS OXT HXT  sing N N 88  
GLN N   CA   sing N N 89  
GLN N   H    sing N N 90  
GLN N   H2   sing N N 91  
GLN CA  C    sing N N 92  
GLN CA  CB   sing N N 93  
GLN CA  HA   sing N N 94  
GLN C   O    doub N N 95  
GLN C   OXT  sing N N 96  
GLN CB  CG   sing N N 97  
GLN CB  HB2  sing N N 98  
GLN CB  HB3  sing N N 99  
GLN CG  CD   sing N N 100 
GLN CG  HG2  sing N N 101 
GLN CG  HG3  sing N N 102 
GLN CD  OE1  doub N N 103 
GLN CD  NE2  sing N N 104 
GLN NE2 HE21 sing N N 105 
GLN NE2 HE22 sing N N 106 
GLN OXT HXT  sing N N 107 
GLU N   CA   sing N N 108 
GLU N   H    sing N N 109 
GLU N   H2   sing N N 110 
GLU CA  C    sing N N 111 
GLU CA  CB   sing N N 112 
GLU CA  HA   sing N N 113 
GLU C   O    doub N N 114 
GLU C   OXT  sing N N 115 
GLU CB  CG   sing N N 116 
GLU CB  HB2  sing N N 117 
GLU CB  HB3  sing N N 118 
GLU CG  CD   sing N N 119 
GLU CG  HG2  sing N N 120 
GLU CG  HG3  sing N N 121 
GLU CD  OE1  doub N N 122 
GLU CD  OE2  sing N N 123 
GLU OE2 HE2  sing N N 124 
GLU OXT HXT  sing N N 125 
GLY N   CA   sing N N 126 
GLY N   H    sing N N 127 
GLY N   H2   sing N N 128 
GLY CA  C    sing N N 129 
GLY CA  HA2  sing N N 130 
GLY CA  HA3  sing N N 131 
GLY C   O    doub N N 132 
GLY C   OXT  sing N N 133 
GLY OXT HXT  sing N N 134 
HIS N   CA   sing N N 135 
HIS N   H    sing N N 136 
HIS N   H2   sing N N 137 
HIS CA  C    sing N N 138 
HIS CA  CB   sing N N 139 
HIS CA  HA   sing N N 140 
HIS C   O    doub N N 141 
HIS C   OXT  sing N N 142 
HIS CB  CG   sing N N 143 
HIS CB  HB2  sing N N 144 
HIS CB  HB3  sing N N 145 
HIS CG  ND1  sing Y N 146 
HIS CG  CD2  doub Y N 147 
HIS ND1 CE1  doub Y N 148 
HIS ND1 HD1  sing N N 149 
HIS CD2 NE2  sing Y N 150 
HIS CD2 HD2  sing N N 151 
HIS CE1 NE2  sing Y N 152 
HIS CE1 HE1  sing N N 153 
HIS NE2 HE2  sing N N 154 
HIS OXT HXT  sing N N 155 
HOH O   H1   sing N N 156 
HOH O   H2   sing N N 157 
ILE N   CA   sing N N 158 
ILE N   H    sing N N 159 
ILE N   H2   sing N N 160 
ILE CA  C    sing N N 161 
ILE CA  CB   sing N N 162 
ILE CA  HA   sing N N 163 
ILE C   O    doub N N 164 
ILE C   OXT  sing N N 165 
ILE CB  CG1  sing N N 166 
ILE CB  CG2  sing N N 167 
ILE CB  HB   sing N N 168 
ILE CG1 CD1  sing N N 169 
ILE CG1 HG12 sing N N 170 
ILE CG1 HG13 sing N N 171 
ILE CG2 HG21 sing N N 172 
ILE CG2 HG22 sing N N 173 
ILE CG2 HG23 sing N N 174 
ILE CD1 HD11 sing N N 175 
ILE CD1 HD12 sing N N 176 
ILE CD1 HD13 sing N N 177 
ILE OXT HXT  sing N N 178 
LEU N   CA   sing N N 179 
LEU N   H    sing N N 180 
LEU N   H2   sing N N 181 
LEU CA  C    sing N N 182 
LEU CA  CB   sing N N 183 
LEU CA  HA   sing N N 184 
LEU C   O    doub N N 185 
LEU C   OXT  sing N N 186 
LEU CB  CG   sing N N 187 
LEU CB  HB2  sing N N 188 
LEU CB  HB3  sing N N 189 
LEU CG  CD1  sing N N 190 
LEU CG  CD2  sing N N 191 
LEU CG  HG   sing N N 192 
LEU CD1 HD11 sing N N 193 
LEU CD1 HD12 sing N N 194 
LEU CD1 HD13 sing N N 195 
LEU CD2 HD21 sing N N 196 
LEU CD2 HD22 sing N N 197 
LEU CD2 HD23 sing N N 198 
LEU OXT HXT  sing N N 199 
LYS N   CA   sing N N 200 
LYS N   H    sing N N 201 
LYS N   H2   sing N N 202 
LYS CA  C    sing N N 203 
LYS CA  CB   sing N N 204 
LYS CA  HA   sing N N 205 
LYS C   O    doub N N 206 
LYS C   OXT  sing N N 207 
LYS CB  CG   sing N N 208 
LYS CB  HB2  sing N N 209 
LYS CB  HB3  sing N N 210 
LYS CG  CD   sing N N 211 
LYS CG  HG2  sing N N 212 
LYS CG  HG3  sing N N 213 
LYS CD  CE   sing N N 214 
LYS CD  HD2  sing N N 215 
LYS CD  HD3  sing N N 216 
LYS CE  NZ   sing N N 217 
LYS CE  HE2  sing N N 218 
LYS CE  HE3  sing N N 219 
LYS NZ  HZ1  sing N N 220 
LYS NZ  HZ2  sing N N 221 
LYS NZ  HZ3  sing N N 222 
LYS OXT HXT  sing N N 223 
NH2 N   HN1  sing N N 224 
NH2 N   HN2  sing N N 225 
PHE N   CA   sing N N 226 
PHE N   H    sing N N 227 
PHE N   H2   sing N N 228 
PHE CA  C    sing N N 229 
PHE CA  CB   sing N N 230 
PHE CA  HA   sing N N 231 
PHE C   O    doub N N 232 
PHE C   OXT  sing N N 233 
PHE CB  CG   sing N N 234 
PHE CB  HB2  sing N N 235 
PHE CB  HB3  sing N N 236 
PHE CG  CD1  doub Y N 237 
PHE CG  CD2  sing Y N 238 
PHE CD1 CE1  sing Y N 239 
PHE CD1 HD1  sing N N 240 
PHE CD2 CE2  doub Y N 241 
PHE CD2 HD2  sing N N 242 
PHE CE1 CZ   doub Y N 243 
PHE CE1 HE1  sing N N 244 
PHE CE2 CZ   sing Y N 245 
PHE CE2 HE2  sing N N 246 
PHE CZ  HZ   sing N N 247 
PHE OXT HXT  sing N N 248 
PRO N   CA   sing N N 249 
PRO N   CD   sing N N 250 
PRO N   H    sing N N 251 
PRO CA  C    sing N N 252 
PRO CA  CB   sing N N 253 
PRO CA  HA   sing N N 254 
PRO C   O    doub N N 255 
PRO C   OXT  sing N N 256 
PRO CB  CG   sing N N 257 
PRO CB  HB2  sing N N 258 
PRO CB  HB3  sing N N 259 
PRO CG  CD   sing N N 260 
PRO CG  HG2  sing N N 261 
PRO CG  HG3  sing N N 262 
PRO CD  HD2  sing N N 263 
PRO CD  HD3  sing N N 264 
PRO OXT HXT  sing N N 265 
SER N   CA   sing N N 266 
SER N   H    sing N N 267 
SER N   H2   sing N N 268 
SER CA  C    sing N N 269 
SER CA  CB   sing N N 270 
SER CA  HA   sing N N 271 
SER C   O    doub N N 272 
SER C   OXT  sing N N 273 
SER CB  OG   sing N N 274 
SER CB  HB2  sing N N 275 
SER CB  HB3  sing N N 276 
SER OG  HG   sing N N 277 
SER OXT HXT  sing N N 278 
THR N   CA   sing N N 279 
THR N   H    sing N N 280 
THR N   H2   sing N N 281 
THR CA  C    sing N N 282 
THR CA  CB   sing N N 283 
THR CA  HA   sing N N 284 
THR C   O    doub N N 285 
THR C   OXT  sing N N 286 
THR CB  OG1  sing N N 287 
THR CB  CG2  sing N N 288 
THR CB  HB   sing N N 289 
THR OG1 HG1  sing N N 290 
THR CG2 HG21 sing N N 291 
THR CG2 HG22 sing N N 292 
THR CG2 HG23 sing N N 293 
THR OXT HXT  sing N N 294 
TRP N   CA   sing N N 295 
TRP N   H    sing N N 296 
TRP N   H2   sing N N 297 
TRP CA  C    sing N N 298 
TRP CA  CB   sing N N 299 
TRP CA  HA   sing N N 300 
TRP C   O    doub N N 301 
TRP C   OXT  sing N N 302 
TRP CB  CG   sing N N 303 
TRP CB  HB2  sing N N 304 
TRP CB  HB3  sing N N 305 
TRP CG  CD1  doub Y N 306 
TRP CG  CD2  sing Y N 307 
TRP CD1 NE1  sing Y N 308 
TRP CD1 HD1  sing N N 309 
TRP CD2 CE2  doub Y N 310 
TRP CD2 CE3  sing Y N 311 
TRP NE1 CE2  sing Y N 312 
TRP NE1 HE1  sing N N 313 
TRP CE2 CZ2  sing Y N 314 
TRP CE3 CZ3  doub Y N 315 
TRP CE3 HE3  sing N N 316 
TRP CZ2 CH2  doub Y N 317 
TRP CZ2 HZ2  sing N N 318 
TRP CZ3 CH2  sing Y N 319 
TRP CZ3 HZ3  sing N N 320 
TRP CH2 HH2  sing N N 321 
TRP OXT HXT  sing N N 322 
TYR N   CA   sing N N 323 
TYR N   H    sing N N 324 
TYR N   H2   sing N N 325 
TYR CA  C    sing N N 326 
TYR CA  CB   sing N N 327 
TYR CA  HA   sing N N 328 
TYR C   O    doub N N 329 
TYR C   OXT  sing N N 330 
TYR CB  CG   sing N N 331 
TYR CB  HB2  sing N N 332 
TYR CB  HB3  sing N N 333 
TYR CG  CD1  doub Y N 334 
TYR CG  CD2  sing Y N 335 
TYR CD1 CE1  sing Y N 336 
TYR CD1 HD1  sing N N 337 
TYR CD2 CE2  doub Y N 338 
TYR CD2 HD2  sing N N 339 
TYR CE1 CZ   doub Y N 340 
TYR CE1 HE1  sing N N 341 
TYR CE2 CZ   sing Y N 342 
TYR CE2 HE2  sing N N 343 
TYR CZ  OH   sing N N 344 
TYR OH  HH   sing N N 345 
TYR OXT HXT  sing N N 346 
VAL N   CA   sing N N 347 
VAL N   H    sing N N 348 
VAL N   H2   sing N N 349 
VAL CA  C    sing N N 350 
VAL CA  CB   sing N N 351 
VAL CA  HA   sing N N 352 
VAL C   O    doub N N 353 
VAL C   OXT  sing N N 354 
VAL CB  CG1  sing N N 355 
VAL CB  CG2  sing N N 356 
VAL CB  HB   sing N N 357 
VAL CG1 HG11 sing N N 358 
VAL CG1 HG12 sing N N 359 
VAL CG1 HG13 sing N N 360 
VAL CG2 HG21 sing N N 361 
VAL CG2 HG22 sing N N 362 
VAL CG2 HG23 sing N N 363 
VAL OXT HXT  sing N N 364 
# 
_atom_sites.entry_id                    1VWP 
_atom_sites.fract_transf_matrix[1][1]   0.01570490 
_atom_sites.fract_transf_matrix[1][2]   0.00241864 
_atom_sites.fract_transf_matrix[1][3]   0.00654451 
_atom_sites.fract_transf_matrix[2][1]   0.00340359 
_atom_sites.fract_transf_matrix[2][2]   0.01141559 
_atom_sites.fract_transf_matrix[2][3]   -0.01238645 
_atom_sites.fract_transf_matrix[3][1]   -0.00202124 
_atom_sites.fract_transf_matrix[3][2]   0.00418667 
_atom_sites.fract_transf_matrix[3][3]   0.00330312 
_atom_sites.fract_transf_vector[1]      0.264227 
_atom_sites.fract_transf_vector[2]      0.072030 
_atom_sites.fract_transf_vector[3]      -0.015409 
# 
loop_
_atom_type.symbol 
C 
H 
N 
O 
S 
# 
loop_
_atom_site.group_PDB 
_atom_site.id 
_atom_site.type_symbol 
_atom_site.label_atom_id 
_atom_site.label_alt_id 
_atom_site.label_comp_id 
_atom_site.label_asym_id 
_atom_site.label_entity_id 
_atom_site.label_seq_id 
_atom_site.pdbx_PDB_ins_code 
_atom_site.Cartn_x 
_atom_site.Cartn_y 
_atom_site.Cartn_z 
_atom_site.occupancy 
_atom_site.B_iso_or_equiv 
_atom_site.pdbx_formal_charge 
_atom_site.auth_seq_id 
_atom_site.auth_comp_id 
_atom_site.auth_asym_id 
_atom_site.auth_atom_id 
_atom_site.pdbx_PDB_model_num 
ATOM   1    N N    A ALA A 1 1   ? 1.472   12.724  12.439  0.24 40.55 ? 13  ALA B N    1 
ATOM   2    C CA   A ALA A 1 1   ? 1.702   11.690  11.473  0.24 41.01 ? 13  ALA B CA   1 
ATOM   3    C C    A ALA A 1 1   ? 2.937   12.225  10.766  0.24 41.95 ? 13  ALA B C    1 
ATOM   4    O O    A ALA A 1 1   ? 3.858   12.538  11.519  0.24 42.16 ? 13  ALA B O    1 
ATOM   5    C CB   A ALA A 1 1   ? 0.512   11.573  10.550  0.24 41.23 ? 13  ALA B CB   1 
ATOM   6    H H1   A ALA A 1 1   ? 2.399   12.776  12.925  0.24 40.62 ? 13  ALA B H1   1 
ATOM   7    H H2   A ALA A 1 1   ? 1.259   13.611  11.934  0.24 40.58 ? 13  ALA B H2   1 
ATOM   8    H H3   A ALA A 1 1   ? 0.748   12.450  13.118  0.24 40.58 ? 13  ALA B H3   1 
ATOM   9    N N    . GLU A 1 2   ? 3.037   12.426  9.448   0.72 43.41 ? 14  GLU B N    1 
ATOM   10   C CA   . GLU A 1 2   ? 4.268   12.699  8.694   0.72 43.55 ? 14  GLU B CA   1 
ATOM   11   C C    . GLU A 1 2   ? 5.521   11.977  9.192   0.72 43.23 ? 14  GLU B C    1 
ATOM   12   O O    . GLU A 1 2   ? 5.913   10.970  8.604   0.72 44.34 ? 14  GLU B O    1 
ATOM   13   C CB   . GLU A 1 2   ? 4.581   14.208  8.646   0.72 44.05 ? 14  GLU B CB   1 
ATOM   14   C CG   . GLU A 1 2   ? 5.801   14.372  7.734   0.72 44.80 ? 14  GLU B CG   1 
ATOM   15   C CD   . GLU A 1 2   ? 6.192   15.761  7.296   0.72 46.20 ? 14  GLU B CD   1 
ATOM   16   O OE1  . GLU A 1 2   ? 5.308   16.594  7.150   0.72 49.06 ? 14  GLU B OE1  1 
ATOM   17   O OE2  . GLU A 1 2   ? 7.377   15.994  7.054   0.72 47.12 ? 14  GLU B OE2  1 
ATOM   18   H H    . GLU A 1 2   ? 2.222   12.356  8.912   0.72 43.17 ? 14  GLU B H    1 
ATOM   19   N N    . ALA A 1 3   ? 6.136   12.411  10.291  0.62 40.30 ? 15  ALA B N    1 
ATOM   20   C CA   . ALA A 1 3   ? 7.300   11.749  10.827  0.62 38.36 ? 15  ALA B CA   1 
ATOM   21   C C    . ALA A 1 3   ? 6.906   10.332  11.215  0.62 35.28 ? 15  ALA B C    1 
ATOM   22   O O    . ALA A 1 3   ? 7.631   9.383   10.956  0.62 36.65 ? 15  ALA B O    1 
ATOM   23   C CB   . ALA A 1 3   ? 7.776   12.487  12.054  0.62 40.04 ? 15  ALA B CB   1 
ATOM   24   H H    . ALA A 1 3   ? 5.767   13.183  10.766  0.62 40.36 ? 15  ALA B H    1 
ATOM   25   N N    . GLY A 1 4   ? 5.714   10.123  11.767  1.00 32.39 ? 16  GLY B N    1 
ATOM   26   C CA   . GLY A 1 4   ? 5.328   8.789   12.211  1.00 28.87 ? 16  GLY B CA   1 
ATOM   27   C C    . GLY A 1 4   ? 5.138   7.771   11.087  1.00 25.77 ? 16  GLY B C    1 
ATOM   28   O O    . GLY A 1 4   ? 5.270   6.563   11.294  1.00 26.82 ? 16  GLY B O    1 
ATOM   29   H H    . GLY A 1 4   ? 5.141   10.902  11.923  1.00 32.29 ? 16  GLY B H    1 
ATOM   30   N N    . ILE A 1 5   ? 4.715   8.273   9.925   1.00 22.29 ? 17  ILE B N    1 
ATOM   31   C CA   . ILE A 1 5   ? 4.422   7.462   8.762   1.00 20.15 ? 17  ILE B CA   1 
ATOM   32   C C    . ILE A 1 5   ? 5.694   7.015   8.050   1.00 19.69 ? 17  ILE B C    1 
ATOM   33   O O    . ILE A 1 5   ? 5.792   5.864   7.612   1.00 19.81 ? 17  ILE B O    1 
ATOM   34   C CB   . ILE A 1 5   ? 3.506   8.261   7.807   1.00 18.30 ? 17  ILE B CB   1 
ATOM   35   C CG1  . ILE A 1 5   ? 2.122   8.509   8.443   1.00 17.28 ? 17  ILE B CG1  1 
ATOM   36   C CG2  . ILE A 1 5   ? 3.224   7.400   6.532   1.00 14.89 ? 17  ILE B CG2  1 
ATOM   37   C CD1  . ILE A 1 5   ? 1.234   9.579   7.667   1.00 15.35 ? 17  ILE B CD1  1 
ATOM   38   H H    . ILE A 1 5   ? 4.679   9.243   9.831   1.00 22.96 ? 17  ILE B H    1 
ATOM   39   N N    . THR A 1 6   ? 6.635   7.918   7.819   1.00 19.63 ? 18  THR B N    1 
ATOM   40   C CA   . THR A 1 6   ? 7.885   7.591   7.168   1.00 19.77 ? 18  THR B CA   1 
ATOM   41   C C    . THR A 1 6   ? 8.524   6.388   7.907   1.00 22.04 ? 18  THR B C    1 
ATOM   42   O O    . THR A 1 6   ? 8.481   6.243   9.150   1.00 22.03 ? 18  THR B O    1 
ATOM   43   C CB   . THR A 1 6   ? 8.707   8.879   7.226   1.00 16.33 ? 18  THR B CB   1 
ATOM   44   O OG1  . THR A 1 6   ? 7.972   9.861   6.475   1.00 17.67 ? 18  THR B OG1  1 
ATOM   45   C CG2  . THR A 1 6   ? 10.184  8.643   6.763   1.00 16.56 ? 18  THR B CG2  1 
ATOM   46   H H    . THR A 1 6   ? 6.527   8.838   8.129   1.00 20.02 ? 18  THR B H    1 
ATOM   47   H HG1  . THR A 1 6   ? 8.478   10.691  6.510   1.00 16.55 ? 18  THR B HG1  1 
ATOM   48   N N    . GLY A 1 7   ? 8.977   5.449   7.077   1.00 21.46 ? 19  GLY B N    1 
ATOM   49   C CA   . GLY A 1 7   ? 9.634   4.240   7.539   1.00 18.79 ? 19  GLY B CA   1 
ATOM   50   C C    . GLY A 1 7   ? 9.166   3.006   6.767   1.00 15.04 ? 19  GLY B C    1 
ATOM   51   O O    . GLY A 1 7   ? 8.603   3.083   5.678   1.00 14.03 ? 19  GLY B O    1 
ATOM   52   H H    . GLY A 1 7   ? 8.786   5.526   6.116   1.00 21.68 ? 19  GLY B H    1 
ATOM   53   N N    . THR A 1 8   ? 9.364   1.857   7.401   1.00 16.79 ? 20  THR B N    1 
ATOM   54   C CA   . THR A 1 8   ? 9.126   0.554   6.836   1.00 14.54 ? 20  THR B CA   1 
ATOM   55   C C    . THR A 1 8   ? 7.950   -0.031  7.557   1.00 13.59 ? 20  THR B C    1 
ATOM   56   O O    . THR A 1 8   ? 7.843   0.059   8.778   1.00 18.70 ? 20  THR B O    1 
ATOM   57   C CB   . THR A 1 8   ? 10.404  -0.365  7.007   1.00 11.78 ? 20  THR B CB   1 
ATOM   58   O OG1  . THR A 1 8   ? 11.485  0.304   6.388   1.00 15.53 ? 20  THR B OG1  1 
ATOM   59   C CG2  . THR A 1 8   ? 10.196  -1.774  6.429   1.00 7.26  ? 20  THR B CG2  1 
ATOM   60   H H    . THR A 1 8   ? 9.835   1.898   8.267   1.00 16.22 ? 20  THR B H    1 
ATOM   61   H HG1  . THR A 1 8   ? 12.292  -0.225  6.379   1.00 14.51 ? 20  THR B HG1  1 
ATOM   62   N N    . TRP A 1 9   ? 7.054   -0.657  6.806   1.00 12.80 ? 21  TRP B N    1 
ATOM   63   C CA   . TRP A 1 9   ? 5.827   -1.243  7.274   1.00 14.38 ? 21  TRP B CA   1 
ATOM   64   C C    . TRP A 1 9   ? 5.688   -2.662  6.722   1.00 10.47 ? 21  TRP B C    1 
ATOM   65   O O    . TRP A 1 9   ? 6.057   -2.917  5.585   1.00 11.32 ? 21  TRP B O    1 
ATOM   66   C CB   . TRP A 1 9   ? 4.627   -0.375  6.802   1.00 11.32 ? 21  TRP B CB   1 
ATOM   67   C CG   . TRP A 1 9   ? 4.581   0.994   7.455   1.00 14.93 ? 21  TRP B CG   1 
ATOM   68   C CD1  . TRP A 1 9   ? 5.167   2.089   6.900   1.00 16.09 ? 21  TRP B CD1  1 
ATOM   69   C CD2  . TRP A 1 9   ? 4.010   1.257   8.649   1.00 17.34 ? 21  TRP B CD2  1 
ATOM   70   N NE1  . TRP A 1 9   ? 4.966   3.062   7.753   1.00 17.87 ? 21  TRP B NE1  1 
ATOM   71   C CE2  . TRP A 1 9   ? 4.269   2.623   8.809   1.00 16.72 ? 21  TRP B CE2  1 
ATOM   72   C CE3  . TRP A 1 9   ? 3.294   0.547   9.618   1.00 16.55 ? 21  TRP B CE3  1 
ATOM   73   C CZ2  . TRP A 1 9   ? 3.840   3.289   9.967   1.00 16.68 ? 21  TRP B CZ2  1 
ATOM   74   C CZ3  . TRP A 1 9   ? 2.867   1.212   10.772  1.00 16.35 ? 21  TRP B CZ3  1 
ATOM   75   C CH2  . TRP A 1 9   ? 3.133   2.577   10.934  1.00 19.27 ? 21  TRP B CH2  1 
ATOM   76   H H    . TRP A 1 9   ? 7.193   -0.650  5.834   1.00 13.53 ? 21  TRP B H    1 
ATOM   77   H HE1  . TRP A 1 9   ? 5.354   3.961   7.657   1.00 16.92 ? 21  TRP B HE1  1 
ATOM   78   N N    . TYR A 1 10  ? 5.174   -3.571  7.495   1.00 13.51 ? 22  TYR B N    1 
ATOM   79   C CA   . TYR A 1 10  ? 5.084   -4.976  7.168   1.00 12.55 ? 22  TYR B CA   1 
ATOM   80   C C    . TYR A 1 10  ? 3.663   -5.411  7.255   1.00 15.88 ? 22  TYR B C    1 
ATOM   81   O O    . TYR A 1 10  ? 2.994   -4.917  8.175   1.00 18.76 ? 22  TYR B O    1 
ATOM   82   C CB   . TYR A 1 10  ? 5.803   -5.813  8.151   1.00 8.92  ? 22  TYR B CB   1 
ATOM   83   C CG   . TYR A 1 10  ? 7.260   -5.430  8.215   1.00 9.99  ? 22  TYR B CG   1 
ATOM   84   C CD1  . TYR A 1 10  ? 8.155   -5.902  7.246   1.00 14.25 ? 22  TYR B CD1  1 
ATOM   85   C CD2  . TYR A 1 10  ? 7.697   -4.590  9.237   1.00 12.54 ? 22  TYR B CD2  1 
ATOM   86   C CE1  . TYR A 1 10  ? 9.492   -5.534  7.297   1.00 15.59 ? 22  TYR B CE1  1 
ATOM   87   C CE2  . TYR A 1 10  ? 9.045   -4.241  9.284   1.00 15.62 ? 22  TYR B CE2  1 
ATOM   88   C CZ   . TYR A 1 10  ? 9.921   -4.712  8.312   1.00 15.69 ? 22  TYR B CZ   1 
ATOM   89   O OH   . TYR A 1 10  ? 11.239  -4.358  8.335   1.00 16.09 ? 22  TYR B OH   1 
ATOM   90   H H    . TYR A 1 10  ? 4.805   -3.332  8.370   1.00 12.57 ? 22  TYR B H    1 
ATOM   91   H HH   . TYR A 1 10  ? 11.760  -5.116  8.031   1.00 15.85 ? 22  TYR B HH   1 
ATOM   92   N N    . ASN A 1 11  ? 3.110   -6.293  6.425   1.00 18.38 ? 23  ASN B N    1 
ATOM   93   C CA   . ASN A 1 11  ? 1.779   -6.800  6.773   1.00 22.23 ? 23  ASN B CA   1 
ATOM   94   C C    . ASN A 1 11  ? 1.808   -8.254  7.231   1.00 23.10 ? 23  ASN B C    1 
ATOM   95   O O    . ASN A 1 11  ? 2.866   -8.895  7.319   1.00 23.64 ? 23  ASN B O    1 
ATOM   96   C CB   . ASN A 1 11  ? 0.818   -6.654  5.583   1.00 22.53 ? 23  ASN B CB   1 
ATOM   97   C CG   . ASN A 1 11  ? 1.124   -7.508  4.374   1.00 20.50 ? 23  ASN B CG   1 
ATOM   98   O OD1  . ASN A 1 11  ? 1.975   -8.388  4.383   1.00 20.72 ? 23  ASN B OD1  1 
ATOM   99   N ND2  . ASN A 1 11  ? 0.462   -7.223  3.284   1.00 24.40 ? 23  ASN B ND2  1 
ATOM   100  H H    . ASN A 1 11  ? 3.635   -6.675  5.686   1.00 17.62 ? 23  ASN B H    1 
ATOM   101  H HD21 . ASN A 1 11  ? 0.641   -7.706  2.443   1.00 23.44 ? 23  ASN B HD21 1 
ATOM   102  H HD22 . ASN A 1 11  ? -0.166  -6.478  3.330   1.00 23.37 ? 23  ASN B HD22 1 
ATOM   103  N N    . GLN A 1 12  ? 0.615   -8.787  7.484   0.68 25.91 ? 24  GLN B N    1 
ATOM   104  C CA   . GLN A 1 12  ? 0.436   -10.174 7.887   0.68 31.01 ? 24  GLN B CA   1 
ATOM   105  C C    . GLN A 1 12  ? 0.918   -11.259 6.905   0.68 33.13 ? 24  GLN B C    1 
ATOM   106  O O    . GLN A 1 12  ? 1.299   -12.345 7.329   0.68 34.13 ? 24  GLN B O    1 
ATOM   107  C CB   . GLN A 1 12  ? -1.074  -10.337 8.214   0.68 32.97 ? 24  GLN B CB   1 
ATOM   108  C CG   . GLN A 1 12  ? -2.210  -10.321 7.133   0.68 31.19 ? 24  GLN B CG   1 
ATOM   109  C CD   . GLN A 1 12  ? -2.633  -9.041  6.393   0.68 30.95 ? 24  GLN B CD   1 
ATOM   110  O OE1  . GLN A 1 12  ? -2.278  -7.879  6.619   0.68 31.01 ? 24  GLN B OE1  1 
ATOM   111  N NE2  . GLN A 1 12  ? -3.459  -9.269  5.397   0.68 30.73 ? 24  GLN B NE2  1 
ATOM   112  H H    . GLN A 1 12  ? -0.170  -8.192  7.506   0.68 26.16 ? 24  GLN B H    1 
ATOM   113  H HE21 . GLN A 1 12  ? -3.852  -8.497  4.935   0.68 30.69 ? 24  GLN B HE21 1 
ATOM   114  H HE22 . GLN A 1 12  ? -3.696  -10.196 5.197   0.68 30.67 ? 24  GLN B HE22 1 
ATOM   115  N N    . LEU A 1 13  ? 0.962   -10.962 5.603   1.00 34.41 ? 25  LEU B N    1 
ATOM   116  C CA   . LEU A 1 13  ? 1.203   -11.890 4.507   1.00 35.29 ? 25  LEU B CA   1 
ATOM   117  C C    . LEU A 1 13  ? 2.647   -11.929 4.052   1.00 36.02 ? 25  LEU B C    1 
ATOM   118  O O    . LEU A 1 13  ? 2.873   -12.450 2.965   1.00 37.08 ? 25  LEU B O    1 
ATOM   119  C CB   . LEU A 1 13  ? 0.452   -11.509 3.285   1.00 35.76 ? 25  LEU B CB   1 
ATOM   120  C CG   . LEU A 1 13  ? -1.023  -11.508 3.226   1.00 39.33 ? 25  LEU B CG   1 
ATOM   121  C CD1  . LEU A 1 13  ? -1.466  -10.406 2.260   1.00 39.86 ? 25  LEU B CD1  1 
ATOM   122  C CD2  . LEU A 1 13  ? -1.498  -12.880 2.811   1.00 40.87 ? 25  LEU B CD2  1 
ATOM   123  H H    . LEU A 1 13  ? 0.983   -10.014 5.361   1.00 34.24 ? 25  LEU B H    1 
ATOM   124  N N    . GLY A 1 14  ? 3.624   -11.346 4.750   1.00 35.61 ? 26  GLY B N    1 
ATOM   125  C CA   . GLY A 1 14  ? 4.983   -11.277 4.245   1.00 32.12 ? 26  GLY B CA   1 
ATOM   126  C C    . GLY A 1 14  ? 5.371   -10.007 3.472   1.00 29.65 ? 26  GLY B C    1 
ATOM   127  O O    . GLY A 1 14  ? 6.584   -9.812  3.337   1.00 32.40 ? 26  GLY B O    1 
ATOM   128  H H    . GLY A 1 14  ? 3.428   -10.917 5.609   1.00 35.66 ? 26  GLY B H    1 
ATOM   129  N N    . SER A 1 15  ? 4.494   -9.100  3.006   1.00 24.35 ? 27  SER B N    1 
ATOM   130  C CA   . SER A 1 15  ? 4.896   -7.928  2.235   1.00 23.71 ? 27  SER B CA   1 
ATOM   131  C C    . SER A 1 15  ? 5.515   -6.793  3.040   1.00 20.56 ? 27  SER B C    1 
ATOM   132  O O    . SER A 1 15  ? 5.259   -6.642  4.237   1.00 21.17 ? 27  SER B O    1 
ATOM   133  C CB   . SER A 1 15  ? 3.726   -7.330  1.484   1.00 24.23 ? 27  SER B CB   1 
ATOM   134  O OG   . SER A 1 15  ? 3.000   -8.313  0.800   1.00 25.54 ? 27  SER B OG   1 
ATOM   135  H H    . SER A 1 15  ? 3.538   -9.207  3.176   1.00 25.81 ? 27  SER B H    1 
ATOM   136  H HG   . SER A 1 15  ? 3.593   -8.835  0.236   1.00 24.71 ? 27  SER B HG   1 
ATOM   137  N N    . THR A 1 16  ? 6.326   -5.985  2.375   1.00 22.54 ? 28  THR B N    1 
ATOM   138  C CA   . THR A 1 16  ? 7.011   -4.867  3.009   1.00 26.11 ? 28  THR B CA   1 
ATOM   139  C C    . THR A 1 16  ? 6.696   -3.598  2.226   1.00 24.99 ? 28  THR B C    1 
ATOM   140  O O    . THR A 1 16  ? 6.682   -3.668  0.998   1.00 27.45 ? 28  THR B O    1 
ATOM   141  C CB   . THR A 1 16  ? 8.568   -5.036  3.004   1.00 28.38 ? 28  THR B CB   1 
ATOM   142  O OG1  . THR A 1 16  ? 8.932   -6.265  3.596   1.00 32.63 ? 28  THR B OG1  1 
ATOM   143  C CG2  . THR A 1 16  ? 9.245   -3.977  3.856   1.00 28.71 ? 28  THR B CG2  1 
ATOM   144  H H    . THR A 1 16  ? 6.521   -6.153  1.431   1.00 23.04 ? 28  THR B H    1 
ATOM   145  H HG1  . THR A 1 16  ? 8.408   -6.992  3.242   1.00 32.14 ? 28  THR B HG1  1 
ATOM   146  N N    . PHE A 1 17  ? 6.457   -2.431  2.804   1.00 21.15 ? 29  PHE B N    1 
ATOM   147  C CA   . PHE A 1 17  ? 6.711   -1.237  2.038   1.00 19.32 ? 29  PHE B CA   1 
ATOM   148  C C    . PHE A 1 17  ? 7.453   -0.133  2.760   1.00 21.58 ? 29  PHE B C    1 
ATOM   149  O O    . PHE A 1 17  ? 7.422   -0.009  3.987   1.00 24.09 ? 29  PHE B O    1 
ATOM   150  C CB   . PHE A 1 17  ? 5.410   -0.765  1.515   1.00 23.88 ? 29  PHE B CB   1 
ATOM   151  C CG   . PHE A 1 17  ? 4.463   0.005   2.383   1.00 23.27 ? 29  PHE B CG   1 
ATOM   152  C CD1  . PHE A 1 17  ? 4.595   1.385   2.439   1.00 24.48 ? 29  PHE B CD1  1 
ATOM   153  C CD2  . PHE A 1 17  ? 3.469   -0.641  3.083   1.00 23.33 ? 29  PHE B CD2  1 
ATOM   154  C CE1  . PHE A 1 17  ? 3.708   2.140   3.197   1.00 25.74 ? 29  PHE B CE1  1 
ATOM   155  C CE2  . PHE A 1 17  ? 2.589   0.147   3.844   1.00 23.22 ? 29  PHE B CE2  1 
ATOM   156  C CZ   . PHE A 1 17  ? 2.707   1.530   3.903   1.00 22.07 ? 29  PHE B CZ   1 
ATOM   157  H H    . PHE A 1 17  ? 6.201   -2.398  3.746   1.00 21.33 ? 29  PHE B H    1 
ATOM   158  N N    . ILE A 1 18  ? 8.211   0.622   2.020   1.00 20.63 ? 30  ILE B N    1 
ATOM   159  C CA   . ILE A 1 18  ? 9.008   1.686   2.555   1.00 21.49 ? 30  ILE B CA   1 
ATOM   160  C C    . ILE A 1 18  ? 8.411   2.965   2.014   1.00 21.11 ? 30  ILE B C    1 
ATOM   161  O O    . ILE A 1 18  ? 8.294   3.079   0.793   1.00 20.87 ? 30  ILE B O    1 
ATOM   162  C CB   . ILE A 1 18  ? 10.436  1.490   2.073   1.00 23.80 ? 30  ILE B CB   1 
ATOM   163  C CG1  . ILE A 1 18  ? 10.866  0.079   2.505   1.00 26.09 ? 30  ILE B CG1  1 
ATOM   164  C CG2  . ILE A 1 18  ? 11.363  2.529   2.685   1.00 24.29 ? 30  ILE B CG2  1 
ATOM   165  C CD1  . ILE A 1 18  ? 12.258  -0.400  2.113   1.00 30.47 ? 30  ILE B CD1  1 
ATOM   166  H H    . ILE A 1 18  ? 8.168   0.514   1.045   1.00 21.64 ? 30  ILE B H    1 
ATOM   167  N N    . VAL A 1 19  ? 8.031   3.928   2.838   1.00 16.04 ? 31  VAL B N    1 
ATOM   168  C CA   . VAL A 1 19  ? 7.441   5.164   2.369   1.00 17.39 ? 31  VAL B CA   1 
ATOM   169  C C    . VAL A 1 19  ? 7.999   6.387   3.100   1.00 17.42 ? 31  VAL B C    1 
ATOM   170  O O    . VAL A 1 19  ? 8.369   6.346   4.282   1.00 17.85 ? 31  VAL B O    1 
ATOM   171  C CB   . VAL A 1 19  ? 5.919   5.022   2.525   1.00 15.40 ? 31  VAL B CB   1 
ATOM   172  C CG1  . VAL A 1 19  ? 5.523   5.044   3.981   1.00 16.96 ? 31  VAL B CG1  1 
ATOM   173  C CG2  . VAL A 1 19  ? 5.257   6.132   1.744   1.00 15.35 ? 31  VAL B CG2  1 
ATOM   174  H H    . VAL A 1 19  ? 8.238   3.838   3.794   1.00 18.44 ? 31  VAL B H    1 
ATOM   175  N N    . THR A 1 20  ? 8.158   7.456   2.318   1.00 18.94 ? 32  THR B N    1 
ATOM   176  C CA   . THR A 1 20  ? 8.419   8.801   2.808   1.00 19.58 ? 32  THR B CA   1 
ATOM   177  C C    . THR A 1 20  ? 7.156   9.660   2.732   1.00 19.65 ? 32  THR B C    1 
ATOM   178  O O    . THR A 1 20  ? 6.475   9.732   1.701   1.00 19.16 ? 32  THR B O    1 
ATOM   179  C CB   . THR A 1 20  ? 9.505   9.382   1.961   1.00 21.13 ? 32  THR B CB   1 
ATOM   180  O OG1  . THR A 1 20  ? 10.620  8.575   2.242   1.00 22.40 ? 32  THR B OG1  1 
ATOM   181  C CG2  . THR A 1 20  ? 9.844   10.818  2.281   1.00 25.50 ? 32  THR B CG2  1 
ATOM   182  H H    . THR A 1 20  ? 8.110   7.334   1.348   1.00 18.48 ? 32  THR B H    1 
ATOM   183  H HG1  . THR A 1 20  ? 11.384  8.846   1.721   1.00 22.78 ? 32  THR B HG1  1 
ATOM   184  N N    . ALA A 1 21  ? 6.802   10.276  3.847   1.00 18.79 ? 33  ALA B N    1 
ATOM   185  C CA   . ALA A 1 21  ? 5.684   11.186  3.889   1.00 18.64 ? 33  ALA B CA   1 
ATOM   186  C C    . ALA A 1 21  ? 6.330   12.559  3.800   1.00 23.25 ? 33  ALA B C    1 
ATOM   187  O O    . ALA A 1 21  ? 7.058   13.026  4.687   1.00 23.66 ? 33  ALA B O    1 
ATOM   188  C CB   . ALA A 1 21  ? 4.966   11.002  5.217   1.00 18.33 ? 33  ALA B CB   1 
ATOM   189  H H    . ALA A 1 21  ? 7.293   10.117  4.686   1.00 18.35 ? 33  ALA B H    1 
ATOM   190  N N    . GLY A 1 22  ? 6.074   13.256  2.714   1.00 22.54 ? 34  GLY B N    1 
ATOM   191  C CA   . GLY A 1 22  ? 6.719   14.509  2.427   1.00 28.39 ? 34  GLY B CA   1 
ATOM   192  C C    . GLY A 1 22  ? 5.805   15.582  2.965   1.00 32.49 ? 34  GLY B C    1 
ATOM   193  O O    . GLY A 1 22  ? 4.598   15.357  3.102   1.00 34.76 ? 34  GLY B O    1 
ATOM   194  H H    . GLY A 1 22  ? 5.304   12.980  2.183   1.00 23.99 ? 34  GLY B H    1 
ATOM   195  N N    . ALA A 1 23  ? 6.330   16.768  3.216   1.00 34.91 ? 35  ALA B N    1 
ATOM   196  C CA   . ALA A 1 23  ? 5.633   17.809  3.944   1.00 36.01 ? 35  ALA B CA   1 
ATOM   197  C C    . ALA A 1 23  ? 4.261   18.193  3.410   1.00 36.33 ? 35  ALA B C    1 
ATOM   198  O O    . ALA A 1 23  ? 3.304   18.216  4.200   1.00 39.79 ? 35  ALA B O    1 
ATOM   199  C CB   . ALA A 1 23  ? 6.506   19.065  3.985   1.00 37.56 ? 35  ALA B CB   1 
ATOM   200  H H    . ALA A 1 23  ? 7.236   16.928  2.875   1.00 35.66 ? 35  ALA B H    1 
ATOM   201  N N    . ASP A 1 24  ? 4.060   18.434  2.114   1.00 32.36 ? 36  ASP B N    1 
ATOM   202  C CA   . ASP A 1 24  ? 2.722   18.830  1.703   1.00 29.84 ? 36  ASP B CA   1 
ATOM   203  C C    . ASP A 1 24  ? 1.728   17.726  1.234   1.00 25.42 ? 36  ASP B C    1 
ATOM   204  O O    . ASP A 1 24  ? 1.051   17.815  0.213   1.00 26.92 ? 36  ASP B O    1 
ATOM   205  C CB   . ASP A 1 24  ? 2.954   19.951  0.653   1.00 33.07 ? 36  ASP B CB   1 
ATOM   206  C CG   . ASP A 1 24  ? 3.573   21.198  1.295   0.37 33.06 ? 36  ASP B CG   1 
ATOM   207  O OD1  . ASP A 1 24  ? 2.896   21.923  2.022   0.37 33.20 ? 36  ASP B OD1  1 
ATOM   208  O OD2  . ASP A 1 24  ? 4.754   21.434  1.106   0.37 34.07 ? 36  ASP B OD2  1 
ATOM   209  H H    . ASP A 1 24  ? 4.760   18.256  1.448   1.00 32.82 ? 36  ASP B H    1 
ATOM   210  N N    . GLY A 1 25  ? 1.592   16.647  1.979   1.00 22.07 ? 37  GLY B N    1 
ATOM   211  C CA   . GLY A 1 25  ? 0.682   15.593  1.671   1.00 19.32 ? 37  GLY B CA   1 
ATOM   212  C C    . GLY A 1 25  ? 1.169   14.419  0.812   1.00 19.47 ? 37  GLY B C    1 
ATOM   213  O O    . GLY A 1 25  ? 0.407   13.450  0.601   1.00 15.27 ? 37  GLY B O    1 
ATOM   214  H H    . GLY A 1 25  ? 2.064   16.613  2.838   1.00 22.68 ? 37  GLY B H    1 
ATOM   215  N N    . ALA A 1 26  ? 2.406   14.407  0.320   1.00 17.91 ? 38  ALA B N    1 
ATOM   216  C CA   . ALA A 1 26  ? 2.802   13.418  -0.677  1.00 17.26 ? 38  ALA B CA   1 
ATOM   217  C C    . ALA A 1 26  ? 3.275   12.185  0.059   1.00 19.34 ? 38  ALA B C    1 
ATOM   218  O O    . ALA A 1 26  ? 3.901   12.347  1.118   1.00 20.58 ? 38  ALA B O    1 
ATOM   219  C CB   . ALA A 1 26  ? 3.958   13.900  -1.493  1.00 17.94 ? 38  ALA B CB   1 
ATOM   220  H H    . ALA A 1 26  ? 3.077   14.982  0.732   1.00 17.74 ? 38  ALA B H    1 
ATOM   221  N N    . LEU A 1 27  ? 2.970   10.976  -0.427  1.00 18.44 ? 39  LEU B N    1 
ATOM   222  C CA   . LEU A 1 27  ? 3.622   9.717   -0.022  1.00 15.98 ? 39  LEU B CA   1 
ATOM   223  C C    . LEU A 1 27  ? 4.331   9.161   -1.252  1.00 14.87 ? 39  LEU B C    1 
ATOM   224  O O    . LEU A 1 27  ? 3.727   9.123   -2.342  1.00 15.49 ? 39  LEU B O    1 
ATOM   225  C CB   . LEU A 1 27  ? 2.646   8.603   0.422   1.00 11.61 ? 39  LEU B CB   1 
ATOM   226  C CG   . LEU A 1 27  ? 1.696   8.886   1.560   1.00 16.64 ? 39  LEU B CG   1 
ATOM   227  C CD1  . LEU A 1 27  ? 0.712   7.756   1.757   1.00 13.33 ? 39  LEU B CD1  1 
ATOM   228  C CD2  . LEU A 1 27  ? 2.494   8.973   2.865   1.00 15.68 ? 39  LEU B CD2  1 
ATOM   229  H H    . LEU A 1 27  ? 2.320   10.961  -1.170  1.00 17.66 ? 39  LEU B H    1 
ATOM   230  N N    . THR A 1 28  ? 5.594   8.724   -1.114  1.00 14.19 ? 40  THR B N    1 
ATOM   231  C CA   . THR A 1 28  ? 6.313   8.041   -2.191  1.00 15.32 ? 40  THR B CA   1 
ATOM   232  C C    . THR A 1 28  ? 7.145   6.936   -1.604  1.00 14.32 ? 40  THR B C    1 
ATOM   233  O O    . THR A 1 28  ? 7.666   7.137   -0.486  1.00 18.84 ? 40  THR B O    1 
ATOM   234  C CB   . THR A 1 28  ? 7.239   9.023   -2.927  1.00 18.08 ? 40  THR B CB   1 
ATOM   235  O OG1  . THR A 1 28  ? 8.013   9.687   -1.935  1.00 24.42 ? 40  THR B OG1  1 
ATOM   236  C CG2  . THR A 1 28  ? 6.499   10.092  -3.686  1.00 18.15 ? 40  THR B CG2  1 
ATOM   237  H H    . THR A 1 28  ? 6.053   8.867   -0.263  1.00 14.20 ? 40  THR B H    1 
ATOM   238  H HG1  . THR A 1 28  ? 8.441   8.988   -1.410  1.00 22.68 ? 40  THR B HG1  1 
ATOM   239  N N    . GLY A 1 29  ? 7.318   5.838   -2.305  1.00 15.23 ? 41  GLY B N    1 
ATOM   240  C CA   . GLY A 1 29  ? 8.285   4.791   -1.925  1.00 11.53 ? 41  GLY B CA   1 
ATOM   241  C C    . GLY A 1 29  ? 8.107   3.520   -2.752  1.00 11.19 ? 41  GLY B C    1 
ATOM   242  O O    . GLY A 1 29  ? 7.825   3.596   -3.958  1.00 14.40 ? 41  GLY B O    1 
ATOM   243  H H    . GLY A 1 29  ? 6.786   5.712   -3.120  1.00 13.88 ? 41  GLY B H    1 
ATOM   244  N N    . THR A 1 30  ? 8.294   2.334   -2.188  1.00 13.31 ? 42  THR B N    1 
ATOM   245  C CA   . THR A 1 30  ? 8.295   1.112   -2.974  1.00 10.87 ? 42  THR B CA   1 
ATOM   246  C C    . THR A 1 30  ? 7.648   0.050   -2.146  1.00 11.33 ? 42  THR B C    1 
ATOM   247  O O    . THR A 1 30  ? 7.826   0.018   -0.930  1.00 17.51 ? 42  THR B O    1 
ATOM   248  C CB   . THR A 1 30  ? 9.740   0.686   -3.331  1.00 16.00 ? 42  THR B CB   1 
ATOM   249  O OG1  . THR A 1 30  ? 10.346  0.455   -2.112  1.00 22.69 ? 42  THR B OG1  1 
ATOM   250  C CG2  . THR A 1 30  ? 10.633  1.737   -3.911  1.00 13.08 ? 42  THR B CG2  1 
ATOM   251  H H    . THR A 1 30  ? 8.402   2.259   -1.212  1.00 12.35 ? 42  THR B H    1 
ATOM   252  H HG1  . THR A 1 30  ? 9.927   -0.289  -1.655  1.00 21.86 ? 42  THR B HG1  1 
ATOM   253  N N    . TYR A 1 31  ? 6.980   -0.881  -2.804  1.00 13.52 ? 43  TYR B N    1 
ATOM   254  C CA   . TYR A 1 31  ? 6.258   -2.003  -2.241  1.00 11.99 ? 43  TYR B CA   1 
ATOM   255  C C    . TYR A 1 31  ? 7.026   -3.208  -2.623  1.00 17.36 ? 43  TYR B C    1 
ATOM   256  O O    . TYR A 1 31  ? 7.287   -3.301  -3.813  1.00 19.43 ? 43  TYR B O    1 
ATOM   257  C CB   . TYR A 1 31  ? 4.941   -2.122  -2.878  1.00 10.95 ? 43  TYR B CB   1 
ATOM   258  C CG   . TYR A 1 31  ? 3.984   -2.959  -2.052  1.00 15.89 ? 43  TYR B CG   1 
ATOM   259  C CD1  . TYR A 1 31  ? 3.239   -2.334  -1.054  1.00 15.38 ? 43  TYR B CD1  1 
ATOM   260  C CD2  . TYR A 1 31  ? 3.822   -4.346  -2.269  1.00 16.38 ? 43  TYR B CD2  1 
ATOM   261  C CE1  . TYR A 1 31  ? 2.355   -3.084  -0.273  1.00 18.56 ? 43  TYR B CE1  1 
ATOM   262  C CE2  . TYR A 1 31  ? 2.942   -5.112  -1.489  1.00 17.80 ? 43  TYR B CE2  1 
ATOM   263  C CZ   . TYR A 1 31  ? 2.233   -4.456  -0.504  1.00 18.67 ? 43  TYR B CZ   1 
ATOM   264  O OH   . TYR A 1 31  ? 1.405   -5.161  0.305   1.00 22.27 ? 43  TYR B OH   1 
ATOM   265  H H    . TYR A 1 31  ? 6.957   -0.826  -3.776  1.00 13.35 ? 43  TYR B H    1 
ATOM   266  H HH   . TYR A 1 31  ? 1.679   -6.088  0.346   1.00 21.46 ? 43  TYR B HH   1 
ATOM   267  N N    . GLU A 1 32  ? 7.393   -4.127  -1.770  1.00 24.66 ? 44  GLU B N    1 
ATOM   268  C CA   . GLU A 1 32  ? 8.008   -5.371  -2.220  1.00 31.21 ? 44  GLU B CA   1 
ATOM   269  C C    . GLU A 1 32  ? 7.174   -6.494  -1.680  1.00 34.89 ? 44  GLU B C    1 
ATOM   270  O O    . GLU A 1 32  ? 6.881   -6.584  -0.480  1.00 28.79 ? 44  GLU B O    1 
ATOM   271  C CB   . GLU A 1 32  ? 9.444   -5.535  -1.733  1.00 35.89 ? 44  GLU B CB   1 
ATOM   272  C CG   . GLU A 1 32  ? 9.829   -4.787  -0.486  1.00 45.57 ? 44  GLU B CG   1 
ATOM   273  C CD   . GLU A 1 32  ? 11.315  -4.434  -0.406  1.00 51.22 ? 44  GLU B CD   1 
ATOM   274  O OE1  . GLU A 1 32  ? 12.111  -5.377  -0.443  1.00 55.77 ? 44  GLU B OE1  1 
ATOM   275  O OE2  . GLU A 1 32  ? 11.669  -3.243  -0.313  1.00 52.17 ? 44  GLU B OE2  1 
ATOM   276  H H    . GLU A 1 32  ? 7.139   -4.046  -0.832  1.00 24.42 ? 44  GLU B H    1 
ATOM   277  N N    . SER A 1 33  ? 6.681   -7.278  -2.627  1.00 41.78 ? 45  SER B N    1 
ATOM   278  C CA   . SER A 1 33  ? 5.927   -8.498  -2.343  1.00 50.66 ? 45  SER B CA   1 
ATOM   279  C C    . SER A 1 33  ? 6.643   -9.597  -1.536  1.00 56.19 ? 45  SER B C    1 
ATOM   280  O O    . SER A 1 33  ? 6.064   -10.060 -0.544  1.00 61.15 ? 45  SER B O    1 
ATOM   281  C CB   . SER A 1 33  ? 5.485   -9.131  -3.628  1.00 51.23 ? 45  SER B CB   1 
ATOM   282  O OG   . SER A 1 33  ? 5.245   -8.107  -4.577  1.00 52.71 ? 45  SER B OG   1 
ATOM   283  H H    . SER A 1 33  ? 6.760   -7.021  -3.576  1.00 42.02 ? 45  SER B H    1 
ATOM   284  H HG   . SER A 1 33  ? 4.596   -8.522  -5.156  1.00 51.87 ? 45  SER B HG   1 
ATOM   285  N N    . ALA A 1 34  ? 7.869   -10.054 -1.855  0.39 58.02 ? 46  ALA B N    1 
ATOM   286  C CA   . ALA A 1 34  ? 8.411   -11.286 -1.272  0.39 59.59 ? 46  ALA B CA   1 
ATOM   287  C C    . ALA A 1 34  ? 9.830   -11.543 -1.751  0.39 61.31 ? 46  ALA B C    1 
ATOM   288  O O    . ALA A 1 34  ? 10.405  -10.704 -2.439  0.39 61.74 ? 46  ALA B O    1 
ATOM   289  C CB   . ALA A 1 34  ? 7.572   -12.512 -1.672  0.39 59.16 ? 46  ALA B CB   1 
ATOM   290  H H    . ALA A 1 34  ? 8.439   -9.542  -2.472  0.39 57.95 ? 46  ALA B H    1 
ATOM   291  N N    . VAL A 1 35  ? 10.353  -12.728 -1.401  0.05 62.47 ? 47  VAL B N    1 
ATOM   292  C CA   . VAL A 1 35  ? 11.649  -13.296 -1.762  0.05 63.29 ? 47  VAL B CA   1 
ATOM   293  C C    . VAL A 1 35  ? 12.848  -12.449 -1.334  0.05 63.86 ? 47  VAL B C    1 
ATOM   294  O O    . VAL A 1 35  ? 13.678  -12.995 -0.619  0.05 64.58 ? 47  VAL B O    1 
ATOM   295  C CB   . VAL A 1 35  ? 11.708  -13.591 -3.305  0.05 63.13 ? 47  VAL B CB   1 
ATOM   296  C CG1  . VAL A 1 35  ? 12.952  -14.417 -3.616  0.05 63.29 ? 47  VAL B CG1  1 
ATOM   297  C CG2  . VAL A 1 35  ? 10.495  -14.394 -3.769  0.05 63.34 ? 47  VAL B CG2  1 
ATOM   298  H H    . VAL A 1 35  ? 9.827   -13.273 -0.787  0.05 62.91 ? 47  VAL B H    1 
ATOM   299  N N    . GLY A 1 36  ? 13.005  -11.170 -1.670  0.30 64.29 ? 48  GLY B N    1 
ATOM   300  C CA   . GLY A 1 36  ? 14.122  -10.367 -1.188  0.30 64.06 ? 48  GLY B CA   1 
ATOM   301  C C    . GLY A 1 36  ? 15.054  -10.092 -2.354  0.30 63.79 ? 48  GLY B C    1 
ATOM   302  O O    . GLY A 1 36  ? 16.272  -10.241 -2.294  0.30 64.16 ? 48  GLY B O    1 
ATOM   303  H H    . GLY A 1 36  ? 12.402  -10.784 -2.341  0.30 65.15 ? 48  GLY B H    1 
ATOM   304  N N    . ASN A 1 37  ? 14.445  -9.612  -3.436  0.43 63.01 ? 49  ASN B N    1 
ATOM   305  C CA   . ASN A 1 37  ? 15.033  -9.614  -4.769  0.43 61.11 ? 49  ASN B CA   1 
ATOM   306  C C    . ASN A 1 37  ? 14.446  -8.446  -5.541  0.43 58.88 ? 49  ASN B C    1 
ATOM   307  O O    . ASN A 1 37  ? 13.260  -8.168  -5.413  0.43 59.18 ? 49  ASN B O    1 
ATOM   308  C CB   . ASN A 1 37  ? 14.692  -10.923 -5.494  0.43 61.69 ? 49  ASN B CB   1 
ATOM   309  C CG   . ASN A 1 37  ? 13.203  -11.256 -5.460  0.43 62.40 ? 49  ASN B CG   1 
ATOM   310  O OD1  . ASN A 1 37  ? 12.462  -10.810 -4.589  0.43 63.09 ? 49  ASN B OD1  1 
ATOM   311  N ND2  . ASN A 1 37  ? 12.631  -12.071 -6.323  0.43 62.99 ? 49  ASN B ND2  1 
ATOM   312  H H    . ASN A 1 37  ? 13.538  -9.240  -3.361  0.43 62.98 ? 49  ASN B H    1 
ATOM   313  H HD21 . ASN A 1 37  ? 11.662  -12.171 -6.224  0.43 62.71 ? 49  ASN B HD21 1 
ATOM   314  H HD22 . ASN A 1 37  ? 13.162  -12.521 -7.007  0.43 62.66 ? 49  ASN B HD22 1 
ATOM   315  N N    . ALA A 1 38  ? 15.218  -7.755  -6.389  0.45 56.43 ? 50  ALA B N    1 
ATOM   316  C CA   . ALA A 1 38  ? 14.744  -6.578  -7.126  0.45 53.68 ? 50  ALA B CA   1 
ATOM   317  C C    . ALA A 1 38  ? 13.445  -6.781  -7.896  0.45 50.90 ? 50  ALA B C    1 
ATOM   318  O O    . ALA A 1 38  ? 12.611  -5.884  -8.065  0.45 50.96 ? 50  ALA B O    1 
ATOM   319  C CB   . ALA A 1 38  ? 15.803  -6.123  -8.128  0.45 53.93 ? 50  ALA B CB   1 
ATOM   320  H H    . ALA A 1 38  ? 16.156  -8.017  -6.483  0.45 56.88 ? 50  ALA B H    1 
ATOM   321  N N    . GLU A 1 39  ? 13.281  -8.032  -8.325  1.00 48.41 ? 51  GLU B N    1 
ATOM   322  C CA   . GLU A 1 39  ? 12.096  -8.416  -9.050  1.00 44.93 ? 51  GLU B CA   1 
ATOM   323  C C    . GLU A 1 39  ? 10.769  -8.302  -8.336  1.00 41.11 ? 51  GLU B C    1 
ATOM   324  O O    . GLU A 1 39  ? 9.738   -8.357  -9.017  1.00 41.37 ? 51  GLU B O    1 
ATOM   325  C CB   . GLU A 1 39  ? 12.190  -9.846  -9.555  0.26 46.48 ? 51  GLU B CB   1 
ATOM   326  C CG   . GLU A 1 39  ? 13.267  -10.762 -9.038  0.26 48.21 ? 51  GLU B CG   1 
ATOM   327  C CD   . GLU A 1 39  ? 13.267  -12.121 -9.708  0.26 49.26 ? 51  GLU B CD   1 
ATOM   328  O OE1  . GLU A 1 39  ? 12.241  -12.802 -9.711  0.25 48.98 ? 51  GLU B OE1  1 
ATOM   329  O OE2  . GLU A 1 39  ? 14.314  -12.499 -10.222 0.25 49.29 ? 51  GLU B OE2  1 
ATOM   330  H H    . GLU A 1 39  ? 14.014  -8.655  -8.196  1.00 48.33 ? 51  GLU B H    1 
ATOM   331  N N    . SER A 1 40  ? 10.703  -8.200  -7.012  1.00 36.18 ? 52  SER B N    1 
ATOM   332  C CA   . SER A 1 40  ? 9.410   -8.017  -6.398  1.00 33.46 ? 52  SER B CA   1 
ATOM   333  C C    . SER A 1 40  ? 9.210   -6.584  -5.925  1.00 27.50 ? 52  SER B C    1 
ATOM   334  O O    . SER A 1 40  ? 8.248   -6.365  -5.186  1.00 25.81 ? 52  SER B O    1 
ATOM   335  C CB   . SER A 1 40  ? 9.305   -8.998  -5.264  1.00 36.67 ? 52  SER B CB   1 
ATOM   336  O OG   . SER A 1 40  ? 10.492  -8.805  -4.507  1.00 42.57 ? 52  SER B OG   1 
ATOM   337  H H    . SER A 1 40  ? 11.482  -8.256  -6.417  1.00 36.61 ? 52  SER B H    1 
ATOM   338  H HG   . SER A 1 40  ? 10.846  -9.637  -4.162  1.00 42.08 ? 52  SER B HG   1 
ATOM   339  N N    . ARG A 1 41  ? 10.059  -5.623  -6.326  1.00 22.94 ? 53  ARG B N    1 
ATOM   340  C CA   . ARG A 1 41  ? 9.891   -4.227  -5.932  1.00 22.86 ? 53  ARG B CA   1 
ATOM   341  C C    . ARG A 1 41  ? 9.188   -3.406  -6.989  1.00 18.62 ? 53  ARG B C    1 
ATOM   342  O O    . ARG A 1 41  ? 9.582   -3.321  -8.160  1.00 16.88 ? 53  ARG B O    1 
ATOM   343  C CB   . ARG A 1 41  ? 11.202  -3.528  -5.663  1.00 24.60 ? 53  ARG B CB   1 
ATOM   344  C CG   . ARG A 1 41  ? 11.746  -3.933  -4.335  1.00 31.16 ? 53  ARG B CG   1 
ATOM   345  C CD   . ARG A 1 41  ? 12.955  -3.095  -3.863  1.00 35.40 ? 53  ARG B CD   1 
ATOM   346  N NE   . ARG A 1 41  ? 14.054  -2.872  -4.812  0.34 36.37 ? 53  ARG B NE   1 
ATOM   347  C CZ   . ARG A 1 41  ? 15.128  -3.667  -4.923  0.34 36.31 ? 53  ARG B CZ   1 
ATOM   348  N NH1  . ARG A 1 41  ? 15.305  -4.762  -4.185  0.34 36.15 ? 53  ARG B NH1  1 
ATOM   349  N NH2  . ARG A 1 41  ? 16.086  -3.327  -5.777  0.34 36.79 ? 53  ARG B NH2  1 
ATOM   350  H H    . ARG A 1 41  ? 10.826  -5.871  -6.885  1.00 23.17 ? 53  ARG B H    1 
ATOM   351  H HE   . ARG A 1 41  ? 14.021  -2.081  -5.392  0.34 36.13 ? 53  ARG B HE   1 
ATOM   352  H HH11 . ARG A 1 41  ? 14.613  -5.025  -3.514  0.34 36.64 ? 53  ARG B HH11 1 
ATOM   353  H HH12 . ARG A 1 41  ? 16.114  -5.333  -4.313  0.34 36.40 ? 53  ARG B HH12 1 
ATOM   354  H HH21 . ARG A 1 41  ? 16.020  -2.486  -6.311  0.34 36.84 ? 53  ARG B HH21 1 
ATOM   355  H HH22 . ARG A 1 41  ? 16.890  -3.915  -5.869  0.34 37.05 ? 53  ARG B HH22 1 
ATOM   356  N N    . TYR A 1 42  ? 8.092   -2.753  -6.569  1.00 16.73 ? 54  TYR B N    1 
ATOM   357  C CA   . TYR A 1 42  ? 7.223   -1.924  -7.395  1.00 12.64 ? 54  TYR B CA   1 
ATOM   358  C C    . TYR A 1 42  ? 7.127   -0.518  -6.815  1.00 14.45 ? 54  TYR B C    1 
ATOM   359  O O    . TYR A 1 42  ? 7.201   -0.275  -5.597  1.00 16.28 ? 54  TYR B O    1 
ATOM   360  C CB   . TYR A 1 42  ? 5.848   -2.494  -7.447  1.00 13.60 ? 54  TYR B CB   1 
ATOM   361  C CG   . TYR A 1 42  ? 5.841   -3.910  -7.959  1.00 12.62 ? 54  TYR B CG   1 
ATOM   362  C CD1  . TYR A 1 42  ? 6.199   -4.983  -7.141  1.00 13.70 ? 54  TYR B CD1  1 
ATOM   363  C CD2  . TYR A 1 42  ? 5.523   -4.070  -9.299  1.00 14.14 ? 54  TYR B CD2  1 
ATOM   364  C CE1  . TYR A 1 42  ? 6.269   -6.253  -7.708  1.00 15.47 ? 54  TYR B CE1  1 
ATOM   365  C CE2  . TYR A 1 42  ? 5.586   -5.327  -9.865  1.00 15.40 ? 54  TYR B CE2  1 
ATOM   366  C CZ   . TYR A 1 42  ? 5.943   -6.400  -9.070  1.00 19.08 ? 54  TYR B CZ   1 
ATOM   367  O OH   . TYR A 1 42  ? 5.926   -7.629  -9.680  1.00 20.47 ? 54  TYR B OH   1 
ATOM   368  H H    . TYR A 1 42  ? 7.843   -2.849  -5.634  1.00 16.03 ? 54  TYR B H    1 
ATOM   369  H HH   . TYR A 1 42  ? 6.208   -8.283  -9.020  1.00 20.61 ? 54  TYR B HH   1 
ATOM   370  N N    . VAL A 1 43  ? 7.045   0.525   -7.603  1.00 13.38 ? 55  VAL B N    1 
ATOM   371  C CA   . VAL A 1 43  ? 6.822   1.910   -7.135  1.00 14.15 ? 55  VAL B CA   1 
ATOM   372  C C    . VAL A 1 43  ? 5.442   2.138   -6.459  1.00 10.77 ? 55  VAL B C    1 
ATOM   373  O O    . VAL A 1 43  ? 4.396   1.695   -6.986  1.00 11.84 ? 55  VAL B O    1 
ATOM   374  C CB   . VAL A 1 43  ? 6.989   2.802   -8.359  1.00 13.04 ? 55  VAL B CB   1 
ATOM   375  C CG1  . VAL A 1 43  ? 6.780   4.300   -8.074  1.00 14.53 ? 55  VAL B CG1  1 
ATOM   376  C CG2  . VAL A 1 43  ? 8.394   2.581   -8.825  1.00 13.05 ? 55  VAL B CG2  1 
ATOM   377  H H    . VAL A 1 43  ? 7.040   0.341   -8.560  1.00 15.01 ? 55  VAL B H    1 
ATOM   378  N N    . LEU A 1 44  ? 5.384   2.772   -5.287  1.00 12.30 ? 56  LEU B N    1 
ATOM   379  C CA   . LEU A 1 44  ? 4.101   3.331   -4.850  1.00 12.82 ? 56  LEU B CA   1 
ATOM   380  C C    . LEU A 1 44  ? 4.082   4.866   -4.798  1.00 14.20 ? 56  LEU B C    1 
ATOM   381  O O    . LEU A 1 44  ? 5.079   5.581   -4.623  1.00 12.11 ? 56  LEU B O    1 
ATOM   382  C CB   . LEU A 1 44  ? 3.728   2.782   -3.478  1.00 13.58 ? 56  LEU B CB   1 
ATOM   383  C CG   . LEU A 1 44  ? 4.250   3.272   -2.174  1.00 18.68 ? 56  LEU B CG   1 
ATOM   384  C CD1  . LEU A 1 44  ? 3.569   4.577   -1.694  1.00 14.02 ? 56  LEU B CD1  1 
ATOM   385  C CD2  . LEU A 1 44  ? 3.905   2.181   -1.169  1.00 18.05 ? 56  LEU B CD2  1 
ATOM   386  H H    . LEU A 1 44  ? 6.202   3.068   -4.837  1.00 12.12 ? 56  LEU B H    1 
ATOM   387  N N    . THR A 1 45  ? 2.885   5.398   -4.898  1.00 13.55 ? 57  THR B N    1 
ATOM   388  C CA   . THR A 1 45  ? 2.623   6.802   -4.778  1.00 15.28 ? 57  THR B CA   1 
ATOM   389  C C    . THR A 1 45  ? 1.215   7.007   -4.190  1.00 11.86 ? 57  THR B C    1 
ATOM   390  O O    . THR A 1 45  ? 0.285   6.242   -4.483  1.00 10.95 ? 57  THR B O    1 
ATOM   391  C CB   . THR A 1 45  ? 2.762   7.364   -6.159  1.00 16.01 ? 57  THR B CB   1 
ATOM   392  O OG1  . THR A 1 45  ? 2.894   8.734   -5.895  1.00 22.26 ? 57  THR B OG1  1 
ATOM   393  C CG2  . THR A 1 45  ? 1.613   7.150   -7.103  1.00 16.32 ? 57  THR B CG2  1 
ATOM   394  H H    . THR A 1 45  ? 2.134   4.807   -5.097  1.00 15.45 ? 57  THR B H    1 
ATOM   395  H HG1  . THR A 1 45  ? 3.003   9.142   -6.762  1.00 21.45 ? 57  THR B HG1  1 
ATOM   396  N N    . GLY A 1 46  ? 1.087   7.965   -3.281  1.00 12.45 ? 58  GLY B N    1 
ATOM   397  C CA   . GLY A 1 46  ? -0.199  8.282   -2.643  1.00 12.96 ? 58  GLY B CA   1 
ATOM   398  C C    . GLY A 1 46  ? -0.192  9.680   -1.994  1.00 12.76 ? 58  GLY B C    1 
ATOM   399  O O    . GLY A 1 46  ? 0.697   10.547  -2.219  1.00 5.79  ? 58  GLY B O    1 
ATOM   400  H H    . GLY A 1 46  ? 1.854   8.517   -3.029  1.00 11.96 ? 58  GLY B H    1 
ATOM   401  N N    . ARG A 1 47  ? -1.210  9.880   -1.162  1.00 14.35 ? 59  ARG B N    1 
ATOM   402  C CA   . ARG A 1 47  ? -1.415  11.140  -0.462  1.00 14.95 ? 59  ARG B CA   1 
ATOM   403  C C    . ARG A 1 47  ? -1.874  10.847  0.961   1.00 15.14 ? 59  ARG B C    1 
ATOM   404  O O    . ARG A 1 47  ? -2.482  9.810   1.295   1.00 8.63  ? 59  ARG B O    1 
ATOM   405  C CB   . ARG A 1 47  ? -2.487  11.965  -1.167  1.00 13.24 ? 59  ARG B CB   1 
ATOM   406  C CG   . ARG A 1 47  ? -2.255  12.279  -2.637  1.00 13.36 ? 59  ARG B CG   1 
ATOM   407  C CD   . ARG A 1 47  ? -1.136  13.303  -2.709  1.00 17.03 ? 59  ARG B CD   1 
ATOM   408  N NE   . ARG A 1 47  ? -1.680  14.547  -2.188  1.00 20.22 ? 59  ARG B NE   1 
ATOM   409  C CZ   . ARG A 1 47  ? -0.949  15.666  -2.066  1.00 20.42 ? 59  ARG B CZ   1 
ATOM   410  N NH1  . ARG A 1 47  ? 0.317   15.719  -2.423  1.00 18.23 ? 59  ARG B NH1  1 
ATOM   411  N NH2  . ARG A 1 47  ? -1.495  16.766  -1.592  1.00 21.54 ? 59  ARG B NH2  1 
ATOM   412  H H    . ARG A 1 47  ? -1.834  9.146   -0.957  1.00 13.38 ? 59  ARG B H    1 
ATOM   413  H HE   . ARG A 1 47  ? -2.622  14.569  -1.916  1.00 18.90 ? 59  ARG B HE   1 
ATOM   414  H HH11 . ARG A 1 47  ? 0.775   14.891  -2.746  1.00 19.57 ? 59  ARG B HH11 1 
ATOM   415  H HH12 . ARG A 1 47  ? 0.827   16.569  -2.318  1.00 19.65 ? 59  ARG B HH12 1 
ATOM   416  H HH21 . ARG A 1 47  ? -2.477  16.791  -1.415  1.00 21.56 ? 59  ARG B HH21 1 
ATOM   417  H HH22 . ARG A 1 47  ? -0.941  17.594  -1.514  1.00 21.67 ? 59  ARG B HH22 1 
ATOM   418  N N    . TYR A 1 48  ? -1.573  11.744  1.912   1.00 15.33 ? 60  TYR B N    1 
ATOM   419  C CA   . TYR A 1 48  ? -2.201  11.638  3.237   1.00 15.46 ? 60  TYR B CA   1 
ATOM   420  C C    . TYR A 1 48  ? -2.788  13.002  3.622   1.00 16.61 ? 60  TYR B C    1 
ATOM   421  O O    . TYR A 1 48  ? -2.385  14.052  3.103   1.00 12.28 ? 60  TYR B O    1 
ATOM   422  C CB   . TYR A 1 48  ? -1.165  11.147  4.270   1.00 13.23 ? 60  TYR B CB   1 
ATOM   423  C CG   . TYR A 1 48  ? -0.061  12.125  4.591   1.00 17.15 ? 60  TYR B CG   1 
ATOM   424  C CD1  . TYR A 1 48  ? 0.974   12.341  3.677   1.00 18.90 ? 60  TYR B CD1  1 
ATOM   425  C CD2  . TYR A 1 48  ? -0.118  12.843  5.775   1.00 20.12 ? 60  TYR B CD2  1 
ATOM   426  C CE1  . TYR A 1 48  ? 1.972   13.300  3.942   1.00 19.83 ? 60  TYR B CE1  1 
ATOM   427  C CE2  . TYR A 1 48  ? 0.876   13.792  6.033   1.00 20.97 ? 60  TYR B CE2  1 
ATOM   428  C CZ   . TYR A 1 48  ? 1.907   14.026  5.119   1.00 20.96 ? 60  TYR B CZ   1 
ATOM   429  O OH   . TYR A 1 48  ? 2.853   14.994  5.392   1.00 23.20 ? 60  TYR B OH   1 
ATOM   430  H H    . TYR A 1 48  ? -1.019  12.518  1.698   1.00 15.04 ? 60  TYR B H    1 
ATOM   431  H HH   . TYR A 1 48  ? 3.439   15.122  4.634   1.00 22.29 ? 60  TYR B HH   1 
ATOM   432  N N    . ASP A 1 49  ? -3.773  13.074  4.490   1.00 18.88 ? 61  ASP B N    1 
ATOM   433  C CA   . ASP A 1 49  ? -4.447  14.285  4.933   1.00 20.53 ? 61  ASP B CA   1 
ATOM   434  C C    . ASP A 1 49  ? -4.052  14.623  6.380   1.00 25.54 ? 61  ASP B C    1 
ATOM   435  O O    . ASP A 1 49  ? -4.577  14.098  7.369   1.00 23.86 ? 61  ASP B O    1 
ATOM   436  C CB   . ASP A 1 49  ? -5.945  14.047  4.815   1.00 19.88 ? 61  ASP B CB   1 
ATOM   437  C CG   . ASP A 1 49  ? -6.716  15.328  5.078   1.00 20.44 ? 61  ASP B CG   1 
ATOM   438  O OD1  . ASP A 1 49  ? -7.793  15.505  4.503   1.00 19.70 ? 61  ASP B OD1  1 
ATOM   439  O OD2  . ASP A 1 49  ? -6.256  16.158  5.837   1.00 23.26 ? 61  ASP B OD2  1 
ATOM   440  H H    . ASP A 1 49  ? -4.091  12.229  4.845   1.00 19.35 ? 61  ASP B H    1 
ATOM   441  H HD2  . ASP A 1 49  ? -6.609  17.110  5.827   1.00 22.39 ? 61  ASP B HD2  1 
ATOM   442  N N    . SER A 1 50  ? -3.103  15.553  6.444   1.00 31.88 ? 62  SER B N    1 
ATOM   443  C CA   . SER A 1 50  ? -2.549  16.163  7.663   1.00 37.38 ? 62  SER B CA   1 
ATOM   444  C C    . SER A 1 50  ? -3.547  16.979  8.467   1.00 39.16 ? 62  SER B C    1 
ATOM   445  O O    . SER A 1 50  ? -4.115  17.961  7.977   1.00 36.22 ? 62  SER B O    1 
ATOM   446  C CB   . SER A 1 50  ? -1.411  17.103  7.284   1.00 39.70 ? 62  SER B CB   1 
ATOM   447  O OG   . SER A 1 50  ? -0.678  17.622  8.396   1.00 45.91 ? 62  SER B OG   1 
ATOM   448  H H    . SER A 1 50  ? -2.786  15.918  5.596   1.00 31.07 ? 62  SER B H    1 
ATOM   449  H HG   . SER A 1 50  ? 0.013   18.214  8.058   1.00 42.84 ? 62  SER B HG   1 
ATOM   450  N N    . ALA A 1 51  ? -3.742  16.678  9.732   1.00 42.88 ? 63  ALA B N    1 
ATOM   451  C CA   . ALA A 1 51  ? -4.775  17.380  10.431  1.00 48.11 ? 63  ALA B CA   1 
ATOM   452  C C    . ALA A 1 51  ? -4.378  17.843  11.811  1.00 53.15 ? 63  ALA B C    1 
ATOM   453  O O    . ALA A 1 51  ? -3.845  16.988  12.524  1.00 56.42 ? 63  ALA B O    1 
ATOM   454  C CB   . ALA A 1 51  ? -5.928  16.439  10.514  1.00 48.31 ? 63  ALA B CB   1 
ATOM   455  H H    . ALA A 1 51  ? -3.239  16.002  10.224  1.00 42.19 ? 63  ALA B H    1 
ATOM   456  N N    . PRO A 1 52  ? -4.546  19.103  12.250  1.00 56.68 ? 64  PRO B N    1 
ATOM   457  C CA   . PRO A 1 52  ? -4.572  19.470  13.685  1.00 59.03 ? 64  PRO B CA   1 
ATOM   458  C C    . PRO A 1 52  ? -5.620  18.734  14.553  1.00 60.13 ? 64  PRO B C    1 
ATOM   459  O O    . PRO A 1 52  ? -6.830  19.010  14.435  1.00 61.77 ? 64  PRO B O    1 
ATOM   460  C CB   . PRO A 1 52  ? -4.729  21.023  13.656  1.00 58.59 ? 64  PRO B CB   1 
ATOM   461  C CG   . PRO A 1 52  ? -4.964  21.424  12.222  1.00 58.18 ? 64  PRO B CG   1 
ATOM   462  C CD   . PRO A 1 52  ? -4.323  20.290  11.424  1.00 56.02 ? 64  PRO B CD   1 
ATOM   463  N N    . ALA A 1 53  ? -5.199  17.756  15.371  1.00 61.44 ? 65  ALA B N    1 
ATOM   464  C CA   . ALA A 1 53  ? -6.137  16.828  16.025  1.00 63.46 ? 65  ALA B CA   1 
ATOM   465  C C    . ALA A 1 53  ? -6.059  16.840  17.542  1.00 66.02 ? 65  ALA B C    1 
ATOM   466  O O    . ALA A 1 53  ? -4.994  16.749  18.167  1.00 66.59 ? 65  ALA B O    1 
ATOM   467  C CB   . ALA A 1 53  ? -5.929  15.347  15.601  1.00 63.42 ? 65  ALA B CB   1 
ATOM   468  H H    . ALA A 1 53  ? -4.251  17.706  15.625  1.00 59.51 ? 65  ALA B H    1 
ATOM   469  N N    . THR A 1 54  ? -7.236  17.014  18.121  1.00 68.16 ? 66  THR B N    1 
ATOM   470  C CA   . THR A 1 54  ? -7.353  17.172  19.568  1.00 67.80 ? 66  THR B CA   1 
ATOM   471  C C    . THR A 1 54  ? -7.937  15.959  20.327  1.00 65.85 ? 66  THR B C    1 
ATOM   472  O O    . THR A 1 54  ? -8.080  15.941  21.559  1.00 68.03 ? 66  THR B O    1 
ATOM   473  C CB   . THR A 1 54  ? -8.188  18.538  19.817  1.00 68.67 ? 66  THR B CB   1 
ATOM   474  O OG1  . THR A 1 54  ? -8.976  18.838  18.633  1.00 68.95 ? 66  THR B OG1  1 
ATOM   475  C CG2  . THR A 1 54  ? -7.266  19.729  20.129  1.00 68.50 ? 66  THR B CG2  1 
ATOM   476  H H    . THR A 1 54  ? -8.032  17.196  17.592  1.00 65.58 ? 66  THR B H    1 
ATOM   477  H HG1  . THR A 1 54  ? -9.249  19.760  18.675  1.00 65.89 ? 66  THR B HG1  1 
ATOM   478  N N    . ASP A 1 55  ? -8.193  14.857  19.611  1.00 63.14 ? 67  ASP B N    1 
ATOM   479  C CA   . ASP A 1 55  ? -9.066  13.829  20.150  1.00 59.33 ? 67  ASP B CA   1 
ATOM   480  C C    . ASP A 1 55  ? -8.606  12.412  19.829  1.00 55.76 ? 67  ASP B C    1 
ATOM   481  O O    . ASP A 1 55  ? -9.432  11.505  19.905  1.00 58.12 ? 67  ASP B O    1 
ATOM   482  C CB   . ASP A 1 55  ? -10.486 14.116  19.606  1.00 60.36 ? 67  ASP B CB   1 
ATOM   483  C CG   . ASP A 1 55  ? -10.618 14.132  18.085  1.00 61.94 ? 67  ASP B CG   1 
ATOM   484  O OD1  . ASP A 1 55  ? -10.013 14.965  17.409  1.00 58.11 ? 67  ASP B OD1  1 
ATOM   485  O OD2  . ASP A 1 55  ? -11.339 13.284  17.569  1.00 64.39 ? 67  ASP B OD2  1 
ATOM   486  H H    . ASP A 1 55  ? -7.863  14.773  18.705  1.00 60.65 ? 67  ASP B H    1 
ATOM   487  N N    . GLY A 1 56  ? -7.321  12.184  19.465  1.00 50.76 ? 68  GLY B N    1 
ATOM   488  C CA   . GLY A 1 56  ? -6.842  10.858  19.056  1.00 46.41 ? 68  GLY B CA   1 
ATOM   489  C C    . GLY A 1 56  ? -7.339  10.200  17.744  1.00 42.01 ? 68  GLY B C    1 
ATOM   490  O O    . GLY A 1 56  ? -7.288  8.960   17.651  1.00 43.11 ? 68  GLY B O    1 
ATOM   491  H H    . GLY A 1 56  ? -6.660  12.881  19.612  1.00 49.19 ? 68  GLY B H    1 
ATOM   492  N N    . SER A 1 57  ? -7.850  10.938  16.741  1.00 37.68 ? 69  SER B N    1 
ATOM   493  C CA   . SER A 1 57  ? -8.044  10.409  15.395  1.00 33.89 ? 69  SER B CA   1 
ATOM   494  C C    . SER A 1 57  ? -6.835  9.924   14.562  1.00 28.52 ? 69  SER B C    1 
ATOM   495  O O    . SER A 1 57  ? -5.683  10.394  14.690  1.00 27.44 ? 69  SER B O    1 
ATOM   496  C CB   . SER A 1 57  ? -8.758  11.446  14.581  1.00 34.02 ? 69  SER B CB   1 
ATOM   497  O OG   . SER A 1 57  ? -9.986  11.754  15.184  1.00 39.65 ? 69  SER B OG   1 
ATOM   498  H H    . SER A 1 57  ? -8.280  11.796  16.912  1.00 37.20 ? 69  SER B H    1 
ATOM   499  H HG   . SER A 1 57  ? -10.548 12.119  14.482  1.00 37.97 ? 69  SER B HG   1 
ATOM   500  N N    . GLY A 1 58  ? -7.140  8.966   13.671  1.00 23.77 ? 70  GLY B N    1 
ATOM   501  C CA   . GLY A 1 58  ? -6.210  8.481   12.694  1.00 17.43 ? 70  GLY B CA   1 
ATOM   502  C C    . GLY A 1 58  ? -6.015  9.524   11.638  1.00 18.51 ? 70  GLY B C    1 
ATOM   503  O O    . GLY A 1 58  ? -6.839  10.426  11.505  1.00 18.29 ? 70  GLY B O    1 
ATOM   504  H H    . GLY A 1 58  ? -8.043  8.588   13.661  1.00 23.44 ? 70  GLY B H    1 
ATOM   505  N N    . THR A 1 59  ? -4.893  9.480   10.940  1.00 17.62 ? 71  THR B N    1 
ATOM   506  C CA   . THR A 1 59  ? -4.640  10.269  9.722   1.00 16.93 ? 71  THR B CA   1 
ATOM   507  C C    . THR A 1 59  ? -5.104  9.513   8.435   1.00 16.90 ? 71  THR B C    1 
ATOM   508  O O    . THR A 1 59  ? -4.647  8.379   8.193   1.00 19.14 ? 71  THR B O    1 
ATOM   509  C CB   . THR A 1 59  ? -3.122  10.580  9.728   1.00 19.82 ? 71  THR B CB   1 
ATOM   510  O OG1  . THR A 1 59  ? -2.898  11.428  10.842  1.00 22.83 ? 71  THR B OG1  1 
ATOM   511  C CG2  . THR A 1 59  ? -2.619  11.310  8.503   1.00 16.40 ? 71  THR B CG2  1 
ATOM   512  H H    . THR A 1 59  ? -4.207  8.839   11.243  1.00 17.45 ? 71  THR B H    1 
ATOM   513  H HG1  . THR A 1 59  ? -3.198  10.886  11.595  1.00 21.43 ? 71  THR B HG1  1 
ATOM   514  N N    . ALA A 1 60  ? -6.032  9.997   7.601   1.00 16.05 ? 72  ALA B N    1 
ATOM   515  C CA   . ALA A 1 60  ? -6.460  9.319   6.382   1.00 12.17 ? 72  ALA B CA   1 
ATOM   516  C C    . ALA A 1 60  ? -5.400  9.408   5.302   1.00 13.27 ? 72  ALA B C    1 
ATOM   517  O O    . ALA A 1 60  ? -4.737  10.468  5.143   1.00 12.59 ? 72  ALA B O    1 
ATOM   518  C CB   . ALA A 1 60  ? -7.737  9.953   5.871   1.00 7.32  ? 72  ALA B CB   1 
ATOM   519  H H    . ALA A 1 60  ? -6.421  10.874  7.787   1.00 14.44 ? 72  ALA B H    1 
ATOM   520  N N    . LEU A 1 61  ? -5.138  8.317   4.613   1.00 13.61 ? 73  LEU B N    1 
ATOM   521  C CA   . LEU A 1 61  ? -4.166  8.222   3.545   1.00 13.58 ? 73  LEU B CA   1 
ATOM   522  C C    . LEU A 1 61  ? -4.624  7.133   2.513   1.00 12.92 ? 73  LEU B C    1 
ATOM   523  O O    . LEU A 1 61  ? -5.619  6.401   2.694   1.00 11.54 ? 73  LEU B O    1 
ATOM   524  C CB   A LEU A 1 61  ? -2.791  7.835   4.167   0.90 16.62 ? 73  LEU B CB   1 
ATOM   525  C CB   B LEU A 1 61  ? -2.757  7.915   4.133   0.56 15.08 ? 73  LEU B CB   1 
ATOM   526  C CG   A LEU A 1 61  ? -2.791  6.682   5.207   0.90 17.91 ? 73  LEU B CG   1 
ATOM   527  C CG   B LEU A 1 61  ? -2.210  6.610   4.682   0.56 14.36 ? 73  LEU B CG   1 
ATOM   528  C CD1  A LEU A 1 61  ? -2.925  5.288   4.498   0.90 22.88 ? 73  LEU B CD1  1 
ATOM   529  C CD1  B LEU A 1 61  ? -0.834  6.917   5.277   0.56 15.75 ? 73  LEU B CD1  1 
ATOM   530  C CD2  A LEU A 1 61  ? -1.517  6.806   6.093   0.90 16.29 ? 73  LEU B CD2  1 
ATOM   531  C CD2  B LEU A 1 61  ? -3.120  6.007   5.764   0.56 17.99 ? 73  LEU B CD2  1 
ATOM   532  H H    . LEU A 1 61  ? -5.604  7.502   4.866   1.00 13.14 ? 73  LEU B H    1 
ATOM   533  N N    . GLY A 1 62  ? -3.909  7.064   1.402   1.00 11.86 ? 74  GLY B N    1 
ATOM   534  C CA   . GLY A 1 62  ? -4.165  6.155   0.311   1.00 8.86  ? 74  GLY B CA   1 
ATOM   535  C C    . GLY A 1 62  ? -2.945  6.133   -0.577  1.00 11.62 ? 74  GLY B C    1 
ATOM   536  O O    . GLY A 1 62  ? -2.212  7.140   -0.710  1.00 12.90 ? 74  GLY B O    1 
ATOM   537  H H    . GLY A 1 62  ? -3.154  7.689   1.255   1.00 11.63 ? 74  GLY B H    1 
ATOM   538  N N    . TRP A 1 63  ? -2.640  4.974   -1.191  1.00 10.45 ? 75  TRP B N    1 
ATOM   539  C CA   . TRP A 1 63  ? -1.541  4.906   -2.206  1.00 6.65  ? 75  TRP B CA   1 
ATOM   540  C C    . TRP A 1 63  ? -1.966  3.870   -3.258  1.00 8.07  ? 75  TRP B C    1 
ATOM   541  O O    . TRP A 1 63  ? -2.975  3.058   -3.024  1.00 2.00  ? 75  TRP B O    1 
ATOM   542  C CB   . TRP A 1 63  ? -0.196  4.497   -1.535  1.00 5.86  ? 75  TRP B CB   1 
ATOM   543  C CG   . TRP A 1 63  ? -0.131  3.101   -0.897  1.00 6.59  ? 75  TRP B CG   1 
ATOM   544  C CD1  . TRP A 1 63  ? 0.267   1.977   -1.595  1.00 10.61 ? 75  TRP B CD1  1 
ATOM   545  C CD2  . TRP A 1 63  ? -0.453  2.807   0.397   1.00 9.59  ? 75  TRP B CD2  1 
ATOM   546  N NE1  . TRP A 1 63  ? 0.204   0.995   -0.723  1.00 9.95  ? 75  TRP B NE1  1 
ATOM   547  C CE2  . TRP A 1 63  ? -0.214  1.420   0.456   1.00 8.77  ? 75  TRP B CE2  1 
ATOM   548  C CE3  . TRP A 1 63  ? -0.892  3.486   1.538   1.00 12.54 ? 75  TRP B CE3  1 
ATOM   549  C CZ2  . TRP A 1 63  ? -0.397  0.675   1.615   1.00 9.98  ? 75  TRP B CZ2  1 
ATOM   550  C CZ3  . TRP A 1 63  ? -1.090  2.761   2.703   1.00 11.60 ? 75  TRP B CZ3  1 
ATOM   551  C CH2  . TRP A 1 63  ? -0.848  1.364   2.734   1.00 14.89 ? 75  TRP B CH2  1 
ATOM   552  H H    . TRP A 1 63  ? -3.216  4.202   -1.042  1.00 8.85  ? 75  TRP B H    1 
ATOM   553  H HE1  . TRP A 1 63  ? 0.433   0.070   -0.910  1.00 9.90  ? 75  TRP B HE1  1 
ATOM   554  N N    . THR A 1 64  ? -1.308  3.859   -4.406  1.00 11.00 ? 76  THR B N    1 
ATOM   555  C CA   . THR A 1 64  ? -1.565  2.990   -5.571  1.00 10.32 ? 76  THR B CA   1 
ATOM   556  C C    . THR A 1 64  ? -0.237  2.253   -5.917  1.00 10.03 ? 76  THR B C    1 
ATOM   557  O O    . THR A 1 64  ? 0.843   2.869   -5.794  1.00 8.74  ? 76  THR B O    1 
ATOM   558  C CB   . THR A 1 64  ? -1.983  3.784   -6.851  1.00 5.73  ? 76  THR B CB   1 
ATOM   559  O OG1  . THR A 1 64  ? -3.159  4.567   -6.577  1.00 10.81 ? 76  THR B OG1  1 
ATOM   560  C CG2  . THR A 1 64  ? -2.489  2.858   -7.961  1.00 2.00  ? 76  THR B CG2  1 
ATOM   561  H H    . THR A 1 64  ? -0.582  4.497   -4.464  1.00 10.19 ? 76  THR B H    1 
ATOM   562  H HG1  . THR A 1 64  ? -2.836  5.213   -5.962  1.00 9.16  ? 76  THR B HG1  1 
ATOM   563  N N    . VAL A 1 65  ? -0.243  0.948   -6.289  1.00 11.56 ? 77  VAL B N    1 
ATOM   564  C CA   . VAL A 1 65  ? 0.916   0.246   -6.848  1.00 11.36 ? 77  VAL B CA   1 
ATOM   565  C C    . VAL A 1 65  ? 0.339   -0.318  -8.142  1.00 12.14 ? 77  VAL B C    1 
ATOM   566  O O    . VAL A 1 65  ? -0.734  -0.914  -8.086  1.00 9.93  ? 77  VAL B O    1 
ATOM   567  C CB   . VAL A 1 65  ? 1.385   -0.932  -5.968  1.00 13.03 ? 77  VAL B CB   1 
ATOM   568  C CG1  . VAL A 1 65  ? 2.484   -1.713  -6.698  1.00 13.64 ? 77  VAL B CG1  1 
ATOM   569  C CG2  . VAL A 1 65  ? 1.947   -0.427  -4.667  1.00 9.61  ? 77  VAL B CG2  1 
ATOM   570  H H    . VAL A 1 65  ? -1.070  0.406   -6.200  1.00 10.34 ? 77  VAL B H    1 
ATOM   571  N N    . ALA A 1 66  ? 0.969   -0.071  -9.300  1.00 13.17 ? 78  ALA B N    1 
ATOM   572  C CA   . ALA A 1 66  ? 0.726   -0.802  -10.555 1.00 8.87  ? 78  ALA B CA   1 
ATOM   573  C C    . ALA A 1 66  ? 1.730   -1.907  -10.606 1.00 11.53 ? 78  ALA B C    1 
ATOM   574  O O    . ALA A 1 66  ? 2.914   -1.701  -10.266 1.00 12.46 ? 78  ALA B O    1 
ATOM   575  C CB   . ALA A 1 66  ? 0.914   0.094   -11.692 1.00 6.07  ? 78  ALA B CB   1 
ATOM   576  H H    . ALA A 1 66  ? 1.720   0.575   -9.304  1.00 12.36 ? 78  ALA B H    1 
ATOM   577  N N    . TRP A 1 67  ? 1.247   -3.136  -10.879 1.00 10.84 ? 79  TRP B N    1 
ATOM   578  C CA   . TRP A 1 67  ? 2.088   -4.347  -10.746 1.00 12.17 ? 79  TRP B CA   1 
ATOM   579  C C    . TRP A 1 67  ? 2.911   -4.609  -12.056 1.00 15.71 ? 79  TRP B C    1 
ATOM   580  O O    . TRP A 1 67  ? 2.708   -5.576  -12.804 1.00 16.23 ? 79  TRP B O    1 
ATOM   581  C CB   . TRP A 1 67  ? 1.113   -5.466  -10.361 1.00 9.41  ? 79  TRP B CB   1 
ATOM   582  C CG   . TRP A 1 67  ? 0.475   -5.238  -8.984  1.00 12.27 ? 79  TRP B CG   1 
ATOM   583  C CD1  . TRP A 1 67  ? -0.857  -5.007  -8.892  1.00 9.19  ? 79  TRP B CD1  1 
ATOM   584  C CD2  . TRP A 1 67  ? 1.116   -5.278  -7.778  1.00 10.30 ? 79  TRP B CD2  1 
ATOM   585  N NE1  . TRP A 1 67  ? -1.079  -4.907  -7.594  1.00 12.64 ? 79  TRP B NE1  1 
ATOM   586  C CE2  . TRP A 1 67  ? 0.052   -5.043  -6.916  1.00 12.10 ? 79  TRP B CE2  1 
ATOM   587  C CE3  . TRP A 1 67  ? 2.405   -5.457  -7.244  1.00 13.88 ? 79  TRP B CE3  1 
ATOM   588  C CZ2  . TRP A 1 67  ? 0.255   -5.005  -5.549  1.00 10.50 ? 79  TRP B CZ2  1 
ATOM   589  C CZ3  . TRP A 1 67  ? 2.628   -5.415  -5.855  1.00 12.85 ? 79  TRP B CZ3  1 
ATOM   590  C CH2  . TRP A 1 67  ? 1.536   -5.190  -5.019  1.00 11.81 ? 79  TRP B CH2  1 
ATOM   591  H H    . TRP A 1 67  ? 0.332   -3.218  -11.179 1.00 10.51 ? 79  TRP B H    1 
ATOM   592  H HE1  . TRP A 1 67  ? -1.973  -4.805  -7.196  1.00 11.12 ? 79  TRP B HE1  1 
ATOM   593  N N    . LYS A 1 68  ? 3.796   -3.667  -12.392 1.00 17.23 ? 80  LYS B N    1 
ATOM   594  C CA   . LYS A 1 68  ? 4.661   -3.728  -13.527 1.00 16.21 ? 80  LYS B CA   1 
ATOM   595  C C    . LYS A 1 68  ? 5.975   -3.188  -13.037 1.00 14.55 ? 80  LYS B C    1 
ATOM   596  O O    . LYS A 1 68  ? 6.050   -2.100  -12.430 1.00 14.42 ? 80  LYS B O    1 
ATOM   597  C CB   . LYS A 1 68  ? 4.142   -2.871  -14.621 1.00 17.86 ? 80  LYS B CB   1 
ATOM   598  C CG   . LYS A 1 68  ? 5.020   -2.875  -15.854 1.00 23.29 ? 80  LYS B CG   1 
ATOM   599  C CD   . LYS A 1 68  ? 4.470   -1.861  -16.812 1.00 27.37 ? 80  LYS B CD   1 
ATOM   600  C CE   . LYS A 1 68  ? 5.276   -1.784  -18.092 1.00 36.99 ? 80  LYS B CE   1 
ATOM   601  N NZ   . LYS A 1 68  ? 6.697   -1.531  -17.840 1.00 42.40 ? 80  LYS B NZ   1 
ATOM   602  H H    . LYS A 1 68  ? 3.922   -2.891  -11.794 1.00 16.70 ? 80  LYS B H    1 
ATOM   603  H HZ1  . LYS A 1 68  ? 7.115   -2.283  -17.247 1.00 40.86 ? 80  LYS B HZ1  1 
ATOM   604  H HZ2  . LYS A 1 68  ? 7.216   -1.502  -18.742 1.00 41.13 ? 80  LYS B HZ2  1 
ATOM   605  H HZ3  . LYS A 1 68  ? 6.807   -0.614  -17.361 1.00 41.20 ? 80  LYS B HZ3  1 
ATOM   606  N N    . ASN A 1 69  ? 6.994   -4.023  -13.201 1.00 17.38 ? 81  ASN B N    1 
ATOM   607  C CA   . ASN A 1 69  ? 8.354   -3.573  -13.069 1.00 17.81 ? 81  ASN B CA   1 
ATOM   608  C C    . ASN A 1 69  ? 9.215   -4.150  -14.190 1.00 21.91 ? 81  ASN B C    1 
ATOM   609  O O    . ASN A 1 69  ? 8.651   -4.508  -15.209 1.00 20.30 ? 81  ASN B O    1 
ATOM   610  C CB   . ASN A 1 69  ? 8.900   -3.974  -11.713 1.00 16.91 ? 81  ASN B CB   1 
ATOM   611  C CG   . ASN A 1 69  ? 9.018   -5.451  -11.432 1.00 16.22 ? 81  ASN B CG   1 
ATOM   612  O OD1  . ASN A 1 69  ? 8.978   -6.293  -12.328 1.00 18.24 ? 81  ASN B OD1  1 
ATOM   613  N ND2  . ASN A 1 69  ? 9.145   -5.791  -10.170 1.00 17.75 ? 81  ASN B ND2  1 
ATOM   614  H H    . ASN A 1 69  ? 6.826   -4.926  -13.522 1.00 17.23 ? 81  ASN B H    1 
ATOM   615  H HD21 . ASN A 1 69  ? 9.112   -6.749  -9.944  1.00 17.62 ? 81  ASN B HD21 1 
ATOM   616  H HD22 . ASN A 1 69  ? 9.219   -5.071  -9.500  1.00 17.40 ? 81  ASN B HD22 1 
ATOM   617  N N    . ASN A 1 70  ? 10.531  -4.288  -14.096 1.00 25.28 ? 82  ASN B N    1 
ATOM   618  C CA   . ASN A 1 70  ? 11.387  -4.823  -15.181 1.00 29.77 ? 82  ASN B CA   1 
ATOM   619  C C    . ASN A 1 70  ? 11.452  -6.342  -15.295 1.00 28.45 ? 82  ASN B C    1 
ATOM   620  O O    . ASN A 1 70  ? 12.198  -6.957  -16.069 1.00 31.12 ? 82  ASN B O    1 
ATOM   621  C CB   . ASN A 1 70  ? 12.817  -4.352  -15.015 1.00 34.90 ? 82  ASN B CB   1 
ATOM   622  C CG   . ASN A 1 70  ? 13.060  -2.924  -15.470 1.00 40.82 ? 82  ASN B CG   1 
ATOM   623  O OD1  . ASN A 1 70  ? 12.435  -2.397  -16.392 1.00 43.13 ? 82  ASN B OD1  1 
ATOM   624  N ND2  . ASN A 1 70  ? 14.011  -2.240  -14.838 1.00 43.83 ? 82  ASN B ND2  1 
ATOM   625  H H    . ASN A 1 70  ? 10.961  -3.963  -13.275 1.00 25.60 ? 82  ASN B H    1 
ATOM   626  H HD21 . ASN A 1 70  ? 14.145  -1.310  -15.132 1.00 43.28 ? 82  ASN B HD21 1 
ATOM   627  H HD22 . ASN A 1 70  ? 14.525  -2.669  -14.120 1.00 42.99 ? 82  ASN B HD22 1 
ATOM   628  N N    . TYR A 1 71  ? 10.782  -7.008  -14.385 1.00 24.62 ? 83  TYR B N    1 
ATOM   629  C CA   . TYR A 1 71  ? 10.803  -8.428  -14.366 1.00 25.10 ? 83  TYR B CA   1 
ATOM   630  C C    . TYR A 1 71  ? 9.374   -8.943  -14.420 1.00 22.62 ? 83  TYR B C    1 
ATOM   631  O O    . TYR A 1 71  ? 9.228   -10.166 -14.526 1.00 20.08 ? 83  TYR B O    1 
ATOM   632  C CB   . TYR A 1 71  ? 11.445  -8.894  -13.115 1.00 32.94 ? 83  TYR B CB   1 
ATOM   633  C CG   . TYR A 1 71  ? 12.867  -8.410  -12.785 1.00 43.28 ? 83  TYR B CG   1 
ATOM   634  C CD1  . TYR A 1 71  ? 13.229  -7.043  -12.680 1.00 45.42 ? 83  TYR B CD1  1 
ATOM   635  C CD2  . TYR A 1 71  ? 13.831  -9.381  -12.488 1.00 46.59 ? 83  TYR B CD2  1 
ATOM   636  C CE1  . TYR A 1 71  ? 14.506  -6.648  -12.263 1.00 47.05 ? 83  TYR B CE1  1 
ATOM   637  C CE2  . TYR A 1 71  ? 15.111  -8.993  -12.056 1.00 50.09 ? 83  TYR B CE2  1 
ATOM   638  C CZ   . TYR A 1 71  ? 15.454  -7.634  -11.955 1.00 50.08 ? 83  TYR B CZ   1 
ATOM   639  O OH   . TYR A 1 71  ? 16.740  -7.307  -11.530 1.00 52.02 ? 83  TYR B OH   1 
ATOM   640  H H    . TYR A 1 71  ? 10.278  -6.541  -13.693 1.00 25.46 ? 83  TYR B H    1 
ATOM   641  H HH   . TYR A 1 71  ? 16.810  -6.367  -11.336 1.00 51.66 ? 83  TYR B HH   1 
ATOM   642  N N    . ARG A 1 72  ? 8.282   -8.141  -14.452 1.00 20.47 ? 84  ARG B N    1 
ATOM   643  C CA   . ARG A 1 72  ? 6.954   -8.688  -14.265 1.00 18.01 ? 84  ARG B CA   1 
ATOM   644  C C    . ARG A 1 72  ? 5.975   -7.641  -14.764 1.00 19.65 ? 84  ARG B C    1 
ATOM   645  O O    . ARG A 1 72  ? 6.161   -6.446  -14.530 1.00 20.02 ? 84  ARG B O    1 
ATOM   646  C CB   A ARG A 1 72  ? 6.755   -8.948  -12.796 0.53 19.21 ? 84  ARG B CB   1 
ATOM   647  C CB   B ARG A 1 72  ? 6.734   -8.962  -12.789 0.23 20.24 ? 84  ARG B CB   1 
ATOM   648  C CG   A ARG A 1 72  ? 5.457   -9.622  -12.422 0.53 19.78 ? 84  ARG B CG   1 
ATOM   649  C CG   B ARG A 1 72  ? 5.514   -9.822  -12.612 0.23 22.10 ? 84  ARG B CG   1 
ATOM   650  C CD   A ARG A 1 72  ? 5.386   -10.995 -13.108 0.53 21.06 ? 84  ARG B CD   1 
ATOM   651  C CD   B ARG A 1 72  ? 5.781   -10.884 -11.565 0.23 23.62 ? 84  ARG B CD   1 
ATOM   652  N NE   A ARG A 1 72  ? 4.225   -11.738 -12.634 0.53 22.22 ? 84  ARG B NE   1 
ATOM   653  N NE   B ARG A 1 72  ? 4.887   -12.001 -11.818 0.23 24.41 ? 84  ARG B NE   1 
ATOM   654  C CZ   A ARG A 1 72  ? 3.069   -11.848 -13.294 0.53 19.61 ? 84  ARG B CZ   1 
ATOM   655  C CZ   B ARG A 1 72  ? 4.786   -13.057 -11.015 0.23 24.33 ? 84  ARG B CZ   1 
ATOM   656  N NH1  A ARG A 1 72  ? 2.857   -11.297 -14.476 0.53 16.60 ? 84  ARG B NH1  1 
ATOM   657  N NH1  B ARG A 1 72  ? 5.506   -13.158 -9.903  0.23 23.93 ? 84  ARG B NH1  1 
ATOM   658  N NH2  A ARG A 1 72  ? 2.079   -12.498 -12.685 0.53 21.08 ? 84  ARG B NH2  1 
ATOM   659  N NH2  B ARG A 1 72  ? 3.962   -14.042 -11.364 0.23 24.67 ? 84  ARG B NH2  1 
ATOM   660  H H    . ARG A 1 72  ? 8.355   -7.180  -14.668 1.00 20.41 ? 84  ARG B H    1 
ATOM   661  H HE   A ARG A 1 72  ? 4.304   -12.208 -11.774 0.53 21.28 ? 84  ARG B HE   1 
ATOM   662  H HE   B ARG A 1 72  ? 4.331   -11.982 -12.624 0.28 24.52 ? 84  ARG B HE   1 
ATOM   663  H HH11 A ARG A 1 72  ? 3.579   -10.773 -14.920 0.53 16.91 ? 84  ARG B HH11 1 
ATOM   664  H HH11 B ARG A 1 72  ? 6.146   -12.437 -9.647  0.28 24.71 ? 84  ARG B HH11 1 
ATOM   665  H HH12 A ARG A 1 72  ? 1.968   -11.411 -14.923 0.53 16.89 ? 84  ARG B HH12 1 
ATOM   666  H HH12 B ARG A 1 72  ? 5.411   -13.968 -9.328  0.28 24.70 ? 84  ARG B HH12 1 
ATOM   667  H HH21 A ARG A 1 72  ? 2.253   -12.907 -11.785 0.53 20.86 ? 84  ARG B HH21 1 
ATOM   668  H HH21 B ARG A 1 72  ? 3.452   -13.984 -12.220 0.28 25.19 ? 84  ARG B HH21 1 
ATOM   669  H HH22 A ARG A 1 72  ? 1.194   -12.626 -13.137 0.53 20.84 ? 84  ARG B HH22 1 
ATOM   670  H HH22 B ARG A 1 72  ? 3.866   -14.848 -10.783 0.28 25.21 ? 84  ARG B HH22 1 
ATOM   671  N N    . ASN A 1 73  ? 4.958   -8.015  -15.523 1.00 16.40 ? 85  ASN B N    1 
ATOM   672  C CA   . ASN A 1 73  ? 3.871   -7.116  -15.814 1.00 17.83 ? 85  ASN B CA   1 
ATOM   673  C C    . ASN A 1 73  ? 2.571   -7.890  -15.649 1.00 16.25 ? 85  ASN B C    1 
ATOM   674  O O    . ASN A 1 73  ? 2.069   -8.652  -16.501 1.00 18.11 ? 85  ASN B O    1 
ATOM   675  C CB   . ASN A 1 73  ? 4.020   -6.602  -17.210 1.00 18.88 ? 85  ASN B CB   1 
ATOM   676  C CG   . ASN A 1 73  ? 3.004   -5.528  -17.554 1.00 17.28 ? 85  ASN B CG   1 
ATOM   677  O OD1  . ASN A 1 73  ? 1.999   -5.304  -16.901 1.00 15.60 ? 85  ASN B OD1  1 
ATOM   678  N ND2  . ASN A 1 73  ? 3.189   -4.839  -18.641 1.00 21.01 ? 85  ASN B ND2  1 
ATOM   679  H H    . ASN A 1 73  ? 4.905   -8.965  -15.759 1.00 18.37 ? 85  ASN B H    1 
ATOM   680  H HD21 . ASN A 1 73  ? 2.581   -4.122  -18.918 1.00 20.27 ? 85  ASN B HD21 1 
ATOM   681  H HD22 . ASN A 1 73  ? 4.009   -5.064  -19.141 1.00 21.00 ? 85  ASN B HD22 1 
ATOM   682  N N    . ALA A 1 74  ? 1.925   -7.734  -14.501 1.00 11.41 ? 86  ALA B N    1 
ATOM   683  C CA   . ALA A 1 74  ? 0.737   -8.438  -14.134 1.00 9.88  ? 86  ALA B CA   1 
ATOM   684  C C    . ALA A 1 74  ? -0.524  -7.726  -14.556 1.00 13.21 ? 86  ALA B C    1 
ATOM   685  O O    . ALA A 1 74  ? -1.595  -8.151  -14.160 1.00 18.58 ? 86  ALA B O    1 
ATOM   686  C CB   . ALA A 1 74  ? 0.741   -8.627  -12.641 1.00 13.66 ? 86  ALA B CB   1 
ATOM   687  H H    . ALA A 1 74  ? 2.350   -7.196  -13.810 1.00 12.83 ? 86  ALA B H    1 
ATOM   688  N N    . HIS A 1 75  ? -0.568  -6.676  -15.369 1.00 13.29 ? 87  HIS B N    1 
ATOM   689  C CA   . HIS A 1 75  ? -1.818  -6.172  -16.004 1.00 15.16 ? 87  HIS B CA   1 
ATOM   690  C C    . HIS A 1 75  ? -2.933  -5.890  -14.979 1.00 14.44 ? 87  HIS B C    1 
ATOM   691  O O    . HIS A 1 75  ? -4.109  -6.241  -15.093 1.00 14.29 ? 87  HIS B O    1 
ATOM   692  C CB   A HIS A 1 75  ? -2.346  -7.231  -17.041 0.62 16.16 ? 87  HIS B CB   1 
ATOM   693  C CB   B HIS A 1 75  ? -2.312  -7.208  -17.050 0.25 14.97 ? 87  HIS B CB   1 
ATOM   694  C CG   A HIS A 1 75  ? -1.327  -7.622  -18.123 0.62 19.38 ? 87  HIS B CG   1 
ATOM   695  C CG   B HIS A 1 75  ? -1.220  -7.475  -18.076 0.25 16.30 ? 87  HIS B CG   1 
ATOM   696  N ND1  A HIS A 1 75  ? -0.099  -8.138  -18.000 0.62 19.64 ? 87  HIS B ND1  1 
ATOM   697  N ND1  B HIS A 1 75  ? -0.945  -6.782  -19.167 0.25 17.18 ? 87  HIS B ND1  1 
ATOM   698  C CD2  A HIS A 1 75  ? -1.514  -7.387  -19.463 0.62 20.00 ? 87  HIS B CD2  1 
ATOM   699  C CD2  B HIS A 1 75  ? -0.267  -8.454  -17.969 0.25 15.63 ? 87  HIS B CD2  1 
ATOM   700  C CE1  A HIS A 1 75  ? 0.470   -8.199  -19.175 0.62 20.65 ? 87  HIS B CE1  1 
ATOM   701  C CE1  B HIS A 1 75  ? 0.151   -7.281  -19.687 0.25 16.50 ? 87  HIS B CE1  1 
ATOM   702  N NE2  A HIS A 1 75  ? -0.389  -7.742  -20.039 0.62 21.52 ? 87  HIS B NE2  1 
ATOM   703  N NE2  B HIS A 1 75  ? 0.560   -8.285  -18.965 0.25 16.29 ? 87  HIS B NE2  1 
ATOM   704  H H    . HIS A 1 75  ? 0.255   -6.152  -15.515 1.00 13.81 ? 87  HIS B H    1 
ATOM   705  H HD1  A HIS A 1 75  ? 0.317   -8.576  -17.220 0.62 19.97 ? 87  HIS B HD1  1 
ATOM   706  H HD1  B HIS A 1 75  ? -1.551  -6.134  -19.602 0.25 16.11 ? 87  HIS B HD1  1 
ATOM   707  H HE2  A HIS A 1 75  ? -0.115  -7.505  -20.956 0.62 21.29 ? 87  HIS B HE2  1 
ATOM   708  H HE2  B HIS A 1 75  ? 1.429   -8.740  -19.101 0.25 15.80 ? 87  HIS B HE2  1 
ATOM   709  N N    . SER A 1 76  ? -2.484  -5.172  -13.929 1.00 15.57 ? 88  SER B N    1 
ATOM   710  C CA   . SER A 1 76  ? -3.280  -4.818  -12.752 1.00 14.07 ? 88  SER B CA   1 
ATOM   711  C C    . SER A 1 76  ? -2.656  -3.719  -11.861 1.00 11.70 ? 88  SER B C    1 
ATOM   712  O O    . SER A 1 76  ? -1.457  -3.358  -11.941 1.00 9.24  ? 88  SER B O    1 
ATOM   713  C CB   . SER A 1 76  ? -3.579  -6.095  -11.898 1.00 12.17 ? 88  SER B CB   1 
ATOM   714  O OG   . SER A 1 76  ? -2.503  -6.919  -11.473 1.00 15.49 ? 88  SER B OG   1 
ATOM   715  H H    . SER A 1 76  ? -1.618  -4.712  -13.959 1.00 14.94 ? 88  SER B H    1 
ATOM   716  H HG   . SER A 1 76  ? -2.298  -7.526  -12.201 1.00 15.89 ? 88  SER B HG   1 
ATOM   717  N N    . ALA A 1 77  ? -3.508  -3.133  -10.985 1.00 14.71 ? 89  ALA B N    1 
ATOM   718  C CA   . ALA A 1 77  ? -3.080  -2.103  -10.058 1.00 13.93 ? 89  ALA B CA   1 
ATOM   719  C C    . ALA A 1 77  ? -3.940  -2.317  -8.788  1.00 13.20 ? 89  ALA B C    1 
ATOM   720  O O    . ALA A 1 77  ? -5.080  -2.786  -8.859  1.00 12.33 ? 89  ALA B O    1 
ATOM   721  C CB   . ALA A 1 77  ? -3.349  -0.765  -10.754 1.00 13.41 ? 89  ALA B CB   1 
ATOM   722  H H    . ALA A 1 77  ? -4.451  -3.424  -10.927 1.00 13.76 ? 89  ALA B H    1 
ATOM   723  N N    . THR A 1 78  ? -3.392  -2.019  -7.619  1.00 11.83 ? 90  THR B N    1 
ATOM   724  C CA   . THR A 1 78  ? -4.073  -2.038  -6.321  1.00 11.23 ? 90  THR B CA   1 
ATOM   725  C C    . THR A 1 78  ? -3.992  -0.636  -5.698  1.00 7.20  ? 90  THR B C    1 
ATOM   726  O O    . THR A 1 78  ? -2.966  0.068   -5.757  1.00 10.85 ? 90  THR B O    1 
ATOM   727  C CB   . THR A 1 78  ? -3.395  -3.032  -5.365  1.00 11.89 ? 90  THR B CB   1 
ATOM   728  O OG1  . THR A 1 78  ? -3.439  -4.302  -6.062  1.00 14.50 ? 90  THR B OG1  1 
ATOM   729  C CG2  . THR A 1 78  ? -4.055  -3.135  -3.985  1.00 13.42 ? 90  THR B CG2  1 
ATOM   730  H H    . THR A 1 78  ? -2.452  -1.739  -7.618  1.00 12.64 ? 90  THR B H    1 
ATOM   731  H HG1  . THR A 1 78  ? -2.959  -4.902  -5.505  1.00 12.67 ? 90  THR B HG1  1 
ATOM   732  N N    . THR A 1 79  ? -5.134  -0.229  -5.187  1.00 8.30  ? 91  THR B N    1 
ATOM   733  C CA   . THR A 1 79  ? -5.188  0.915   -4.274  1.00 3.41  ? 91  THR B CA   1 
ATOM   734  C C    . THR A 1 79  ? -5.541  0.509   -2.833  1.00 2.00  ? 91  THR B C    1 
ATOM   735  O O    . THR A 1 79  ? -6.454  -0.329  -2.559  1.00 6.24  ? 91  THR B O    1 
ATOM   736  C CB   . THR A 1 79  ? -6.252  1.991   -4.787  1.00 3.40  ? 91  THR B CB   1 
ATOM   737  O OG1  . THR A 1 79  ? -7.571  1.538   -4.640  1.00 9.07  ? 91  THR B OG1  1 
ATOM   738  C CG2  . THR A 1 79  ? -5.865  2.432   -6.261  1.00 2.00  ? 91  THR B CG2  1 
ATOM   739  H H    . THR A 1 79  ? -5.969  -0.715  -5.357  1.00 5.91  ? 91  THR B H    1 
ATOM   740  H HG1  . THR A 1 79  ? -7.734  0.725   -5.158  1.00 8.98  ? 91  THR B HG1  1 
ATOM   741  N N    . TRP A 1 80  ? -4.872  1.095   -1.855  1.00 8.24  ? 92  TRP B N    1 
ATOM   742  C CA   . TRP A 1 80  ? -5.185  0.935   -0.460  1.00 9.74  ? 92  TRP B CA   1 
ATOM   743  C C    . TRP A 1 80  ? -5.659  2.271   0.095   1.00 9.66  ? 92  TRP B C    1 
ATOM   744  O O    . TRP A 1 80  ? -5.046  3.347   -0.115  1.00 6.79  ? 92  TRP B O    1 
ATOM   745  C CB   . TRP A 1 80  ? -3.930  0.523   0.373   1.00 9.14  ? 92  TRP B CB   1 
ATOM   746  C CG   . TRP A 1 80  ? -3.327  -0.866  0.042   1.00 11.49 ? 92  TRP B CG   1 
ATOM   747  C CD1  . TRP A 1 80  ? -3.449  -1.880  0.942   1.00 13.24 ? 92  TRP B CD1  1 
ATOM   748  C CD2  . TRP A 1 80  ? -2.503  -1.203  -1.043  1.00 11.52 ? 92  TRP B CD2  1 
ATOM   749  N NE1  . TRP A 1 80  ? -2.696  -2.844  0.474   1.00 12.36 ? 92  TRP B NE1  1 
ATOM   750  C CE2  . TRP A 1 80  ? -2.112  -2.501  -0.688  1.00 13.31 ? 92  TRP B CE2  1 
ATOM   751  C CE3  . TRP A 1 80  ? -2.006  -0.629  -2.224  1.00 11.85 ? 92  TRP B CE3  1 
ATOM   752  C CZ2  . TRP A 1 80  ? -1.223  -3.254  -1.483  1.00 11.93 ? 92  TRP B CZ2  1 
ATOM   753  C CZ3  . TRP A 1 80  ? -1.116  -1.359  -3.016  1.00 13.69 ? 92  TRP B CZ3  1 
ATOM   754  C CH2  . TRP A 1 80  ? -0.730  -2.653  -2.651  1.00 15.03 ? 92  TRP B CH2  1 
ATOM   755  H H    . TRP A 1 80  ? -4.227  1.785   -2.123  1.00 6.77  ? 92  TRP B H    1 
ATOM   756  H HE1  . TRP A 1 80  ? -2.593  -3.710  0.923   1.00 11.76 ? 92  TRP B HE1  1 
ATOM   757  N N    . SER A 1 81  ? -6.713  2.205   0.868   1.00 10.69 ? 93  SER B N    1 
ATOM   758  C CA   . SER A 1 81  ? -7.337  3.355   1.517   1.00 12.74 ? 93  SER B CA   1 
ATOM   759  C C    . SER A 1 81  ? -7.432  3.075   3.022   1.00 10.68 ? 93  SER B C    1 
ATOM   760  O O    . SER A 1 81  ? -7.886  2.023   3.477   1.00 11.43 ? 93  SER B O    1 
ATOM   761  C CB   . SER A 1 81  ? -8.695  3.511   0.871   1.00 15.57 ? 93  SER B CB   1 
ATOM   762  O OG   . SER A 1 81  ? -9.441  4.637   1.313   1.00 20.44 ? 93  SER B OG   1 
ATOM   763  H H    . SER A 1 81  ? -7.130  1.338   1.018   1.00 11.20 ? 93  SER B H    1 
ATOM   764  H HG   . SER A 1 81  ? -8.877  5.415   1.387   1.00 18.72 ? 93  SER B HG   1 
ATOM   765  N N    . GLY A 1 82  ? -6.965  3.929   3.918   1.00 9.09  ? 94  GLY B N    1 
ATOM   766  C CA   . GLY A 1 82  ? -7.208  3.693   5.367   1.00 10.51 ? 94  GLY B CA   1 
ATOM   767  C C    . GLY A 1 82  ? -6.618  4.828   6.196   1.00 6.59  ? 94  GLY B C    1 
ATOM   768  O O    . GLY A 1 82  ? -6.558  5.985   5.729   1.00 12.29 ? 94  GLY B O    1 
ATOM   769  H H    . GLY A 1 82  ? -6.550  4.751   3.623   1.00 9.75  ? 94  GLY B H    1 
ATOM   770  N N    . GLN A 1 83  ? -6.173  4.524   7.396   1.00 16.45 ? 95  GLN B N    1 
ATOM   771  C CA   . GLN A 1 83  ? -5.616  5.520   8.300   1.00 15.53 ? 95  GLN B CA   1 
ATOM   772  C C    . GLN A 1 83  ? -4.498  5.001   9.183   1.00 13.75 ? 95  GLN B C    1 
ATOM   773  O O    . GLN A 1 83  ? -4.332  3.812   9.466   1.00 16.58 ? 95  GLN B O    1 
ATOM   774  C CB   . GLN A 1 83  ? -6.772  6.133   9.122   1.00 15.96 ? 95  GLN B CB   1 
ATOM   775  C CG   . GLN A 1 83  ? -7.585  5.171   9.842   1.00 17.09 ? 95  GLN B CG   1 
ATOM   776  C CD   . GLN A 1 83  ? -8.676  5.861   10.674  1.00 19.95 ? 95  GLN B CD   1 
ATOM   777  O OE1  . GLN A 1 83  ? -8.578  6.963   11.219  1.00 16.61 ? 95  GLN B OE1  1 
ATOM   778  N NE2  . GLN A 1 83  ? -9.727  5.140   10.945  1.00 22.01 ? 95  GLN B NE2  1 
ATOM   779  H H    . GLN A 1 83  ? -6.120  3.584   7.674   1.00 13.50 ? 95  GLN B H    1 
ATOM   780  H HE21 . GLN A 1 83  ? -10.490 5.626   11.333  1.00 22.31 ? 95  GLN B HE21 1 
ATOM   781  H HE22 . GLN A 1 83  ? -9.749  4.182   10.752  1.00 21.68 ? 95  GLN B HE22 1 
ATOM   782  N N    . TYR A 1 84  ? -3.544  5.898   9.387   1.00 15.76 ? 96  TYR B N    1 
ATOM   783  C CA   . TYR A 1 84  ? -2.427  5.733   10.302  1.00 15.95 ? 96  TYR B CA   1 
ATOM   784  C C    . TYR A 1 84  ? -2.850  6.083   11.734  1.00 15.01 ? 96  TYR B C    1 
ATOM   785  O O    . TYR A 1 84  ? -3.477  7.122   11.934  1.00 14.02 ? 96  TYR B O    1 
ATOM   786  C CB   . TYR A 1 84  ? -1.352  6.653   9.805   1.00 16.78 ? 96  TYR B CB   1 
ATOM   787  C CG   . TYR A 1 84  ? -0.221  6.902   10.782  1.00 20.19 ? 96  TYR B CG   1 
ATOM   788  C CD1  . TYR A 1 84  ? 0.801   5.950   10.937  1.00 20.02 ? 96  TYR B CD1  1 
ATOM   789  C CD2  . TYR A 1 84  ? -0.237  8.055   11.564  1.00 20.33 ? 96  TYR B CD2  1 
ATOM   790  C CE1  . TYR A 1 84  ? 1.801   6.159   11.882  1.00 23.41 ? 96  TYR B CE1  1 
ATOM   791  C CE2  . TYR A 1 84  ? 0.748   8.267   12.520  1.00 22.15 ? 96  TYR B CE2  1 
ATOM   792  C CZ   . TYR A 1 84  ? 1.759   7.319   12.662  1.00 23.66 ? 96  TYR B CZ   1 
ATOM   793  O OH   . TYR A 1 84  ? 2.761   7.532   13.582  1.00 26.06 ? 96  TYR B OH   1 
ATOM   794  H H    . TYR A 1 84  ? -3.654  6.763   8.942   1.00 15.23 ? 96  TYR B H    1 
ATOM   795  H HH   . TYR A 1 84  ? 3.381   6.795   13.510  1.00 25.75 ? 96  TYR B HH   1 
ATOM   796  N N    . VAL A 1 85  ? -2.567  5.281   12.730  1.00 15.09 ? 97  VAL B N    1 
ATOM   797  C CA   . VAL A 1 85  ? -2.780  5.612   14.138  1.00 21.02 ? 97  VAL B CA   1 
ATOM   798  C C    . VAL A 1 85  ? -1.356  5.447   14.700  1.00 23.77 ? 97  VAL B C    1 
ATOM   799  O O    . VAL A 1 85  ? -0.674  4.437   14.494  1.00 23.40 ? 97  VAL B O    1 
ATOM   800  C CB   . VAL A 1 85  ? -3.759  4.603   14.778  1.00 22.73 ? 97  VAL B CB   1 
ATOM   801  C CG1  . VAL A 1 85  ? -3.899  4.891   16.245  1.00 28.31 ? 97  VAL B CG1  1 
ATOM   802  C CG2  . VAL A 1 85  ? -5.176  4.803   14.289  1.00 23.72 ? 97  VAL B CG2  1 
ATOM   803  H H    . VAL A 1 85  ? -2.142  4.420   12.543  1.00 16.97 ? 97  VAL B H    1 
ATOM   804  N N    . GLY A 1 86  ? -0.785  6.486   15.313  1.00 27.23 ? 98  GLY B N    1 
ATOM   805  C CA   . GLY A 1 86  ? 0.567   6.484   15.875  1.00 28.13 ? 98  GLY B CA   1 
ATOM   806  C C    . GLY A 1 86  ? 0.597   5.874   17.257  1.00 30.05 ? 98  GLY B C    1 
ATOM   807  O O    . GLY A 1 86  ? -0.379  5.269   17.729  1.00 34.16 ? 98  GLY B O    1 
ATOM   808  H H    . GLY A 1 86  ? -1.339  7.289   15.425  1.00 27.25 ? 98  GLY B H    1 
ATOM   809  N N    . GLY A 1 87  ? 1.746   5.988   17.909  0.62 30.62 ? 99  GLY B N    1 
ATOM   810  C CA   . GLY A 1 87  ? 1.868   5.604   19.301  0.62 29.38 ? 99  GLY B CA   1 
ATOM   811  C C    . GLY A 1 87  ? 2.694   4.350   19.437  0.62 28.94 ? 99  GLY B C    1 
ATOM   812  O O    . GLY A 1 87  ? 3.472   3.999   18.556  0.62 29.33 ? 99  GLY B O    1 
ATOM   813  H H    . GLY A 1 87  ? 2.549   6.227   17.417  0.62 30.10 ? 99  GLY B H    1 
ATOM   814  N N    . ALA A 1 88  ? 2.531   3.668   20.562  0.59 29.14 ? 100 ALA B N    1 
ATOM   815  C CA   . ALA A 1 88  ? 3.279   2.451   20.879  0.59 28.49 ? 100 ALA B CA   1 
ATOM   816  C C    . ALA A 1 88  ? 3.236   1.399   19.772  0.59 28.85 ? 100 ALA B C    1 
ATOM   817  O O    . ALA A 1 88  ? 4.264   0.943   19.259  0.59 28.01 ? 100 ALA B O    1 
ATOM   818  C CB   . ALA A 1 88  ? 2.717   1.801   22.155  0.59 30.77 ? 100 ALA B CB   1 
ATOM   819  H H    . ALA A 1 88  ? 1.877   4.008   21.210  0.59 28.62 ? 100 ALA B H    1 
ATOM   820  N N    . GLU A 1 89  ? 1.995   1.039   19.459  1.00 27.74 ? 101 GLU B N    1 
ATOM   821  C CA   . GLU A 1 89  ? 1.692   0.075   18.418  1.00 28.24 ? 101 GLU B CA   1 
ATOM   822  C C    . GLU A 1 89  ? 0.955   0.780   17.267  0.69 22.28 ? 101 GLU B C    1 
ATOM   823  O O    . GLU A 1 89  ? -0.245  0.727   17.044  0.69 15.31 ? 101 GLU B O    1 
ATOM   824  C CB   . GLU A 1 89  ? 0.870   -1.103  19.055  1.00 31.43 ? 101 GLU B CB   1 
ATOM   825  C CG   . GLU A 1 89  ? 0.210   -0.937  20.426  0.18 30.77 ? 101 GLU B CG   1 
ATOM   826  C CD   . GLU A 1 89  ? 0.433   -2.144  21.326  0.18 31.55 ? 101 GLU B CD   1 
ATOM   827  O OE1  . GLU A 1 89  ? 1.451   -2.183  22.013  0.18 31.40 ? 101 GLU B OE1  1 
ATOM   828  O OE2  . GLU A 1 89  ? -0.404  -3.045  21.346  0.18 31.38 ? 101 GLU B OE2  1 
ATOM   829  H H    . GLU A 1 89  ? 1.248   1.498   19.902  1.00 28.30 ? 101 GLU B H    1 
ATOM   830  N N    . ALA A 1 90  ? 1.783   1.543   16.575  1.00 22.36 ? 102 ALA B N    1 
ATOM   831  C CA   . ALA A 1 90  ? 1.375   2.289   15.421  1.00 22.24 ? 102 ALA B CA   1 
ATOM   832  C C    . ALA A 1 90  ? 0.971   1.222   14.416  1.00 23.08 ? 102 ALA B C    1 
ATOM   833  O O    . ALA A 1 90  ? 1.639   0.181   14.308  1.00 22.56 ? 102 ALA B O    1 
ATOM   834  C CB   . ALA A 1 90  ? 2.539   3.082   14.874  1.00 14.76 ? 102 ALA B CB   1 
ATOM   835  H H    . ALA A 1 90  ? 2.742   1.496   16.762  1.00 22.90 ? 102 ALA B H    1 
ATOM   836  N N    . ARG A 1 91  ? -0.154  1.442   13.739  1.00 24.67 ? 103 ARG B N    1 
ATOM   837  C CA   . ARG A 1 91  ? -0.569  0.665   12.600  1.00 23.23 ? 103 ARG B CA   1 
ATOM   838  C C    . ARG A 1 91  ? -1.211  1.522   11.511  1.00 19.55 ? 103 ARG B C    1 
ATOM   839  O O    . ARG A 1 91  ? -1.635  2.662   11.723  1.00 20.67 ? 103 ARG B O    1 
ATOM   840  C CB   . ARG A 1 91  ? -1.542  -0.391  13.064  1.00 27.00 ? 103 ARG B CB   1 
ATOM   841  C CG   . ARG A 1 91  ? -2.882  0.189   13.498  1.00 29.87 ? 103 ARG B CG   1 
ATOM   842  C CD   . ARG A 1 91  ? -3.019  -0.141  14.945  1.00 30.29 ? 103 ARG B CD   1 
ATOM   843  N NE   . ARG A 1 91  ? -4.385  -0.042  15.377  0.21 30.78 ? 103 ARG B NE   1 
ATOM   844  C CZ   . ARG A 1 91  ? -4.667  0.174   16.657  0.21 31.82 ? 103 ARG B CZ   1 
ATOM   845  N NH1  . ARG A 1 91  ? -3.722  0.338   17.586  0.21 31.79 ? 103 ARG B NH1  1 
ATOM   846  N NH2  . ARG A 1 91  ? -5.937  0.140   17.025  0.21 32.91 ? 103 ARG B NH2  1 
ATOM   847  H H    . ARG A 1 91  ? -0.737  2.185   14.017  1.00 24.92 ? 103 ARG B H    1 
ATOM   848  H HE   . ARG A 1 91  ? -5.101  -0.083  14.710  0.21 30.61 ? 103 ARG B HE   1 
ATOM   849  H HH11 . ARG A 1 91  ? -2.755  0.334   17.331  0.21 31.58 ? 103 ARG B HH11 1 
ATOM   850  H HH12 . ARG A 1 91  ? -3.984  0.496   18.537  0.21 31.59 ? 103 ARG B HH12 1 
ATOM   851  H HH21 . ARG A 1 91  ? -6.641  -0.053  16.338  0.21 32.50 ? 103 ARG B HH21 1 
ATOM   852  H HH22 . ARG A 1 91  ? -6.186  0.275   17.982  0.21 32.52 ? 103 ARG B HH22 1 
ATOM   853  N N    . ILE A 1 92  ? -1.263  0.983   10.309  1.00 18.10 ? 104 ILE B N    1 
ATOM   854  C CA   . ILE A 1 92  ? -1.999  1.549   9.206   1.00 16.00 ? 104 ILE B CA   1 
ATOM   855  C C    . ILE A 1 92  ? -3.018  0.451   8.897   1.00 16.76 ? 104 ILE B C    1 
ATOM   856  O O    . ILE A 1 92  ? -2.676  -0.714  8.597   1.00 17.50 ? 104 ILE B O    1 
ATOM   857  C CB   . ILE A 1 92  ? -1.051  1.818   8.001   1.00 15.76 ? 104 ILE B CB   1 
ATOM   858  C CG1  . ILE A 1 92  ? -0.013  2.883   8.284   1.00 14.84 ? 104 ILE B CG1  1 
ATOM   859  C CG2  . ILE A 1 92  ? -1.928  2.243   6.855   1.00 16.04 ? 104 ILE B CG2  1 
ATOM   860  C CD1  . ILE A 1 92  ? 0.924   3.174   7.088   1.00 17.83 ? 104 ILE B CD1  1 
ATOM   861  H H    . ILE A 1 92  ? -0.813  0.118   10.172  1.00 18.44 ? 104 ILE B H    1 
ATOM   862  N N    . ASN A 1 93  ? -4.293  0.749   9.095   1.00 17.18 ? 105 ASN B N    1 
ATOM   863  C CA   . ASN A 1 93  ? -5.351  -0.209  8.827   1.00 16.93 ? 105 ASN B CA   1 
ATOM   864  C C    . ASN A 1 93  ? -5.931  0.193   7.496   1.00 15.14 ? 105 ASN B C    1 
ATOM   865  O O    . ASN A 1 93  ? -6.214  1.376   7.282   1.00 17.14 ? 105 ASN B O    1 
ATOM   866  C CB   . ASN A 1 93  ? -6.461  -0.137  9.851   1.00 22.77 ? 105 ASN B CB   1 
ATOM   867  C CG   . ASN A 1 93  ? -6.011  -0.267  11.279  1.00 26.32 ? 105 ASN B CG   1 
ATOM   868  O OD1  . ASN A 1 93  ? -5.911  0.718   12.010  1.00 33.49 ? 105 ASN B OD1  1 
ATOM   869  N ND2  . ASN A 1 93  ? -5.675  -1.442  11.752  1.00 25.86 ? 105 ASN B ND2  1 
ATOM   870  H H    . ASN A 1 93  ? -4.507  1.671   9.388   1.00 17.11 ? 105 ASN B H    1 
ATOM   871  H HD21 . ASN A 1 93  ? -5.417  -1.485  12.697  1.00 26.38 ? 105 ASN B HD21 1 
ATOM   872  H HD22 . ASN A 1 93  ? -5.702  -2.214  11.150  1.00 26.58 ? 105 ASN B HD22 1 
ATOM   873  N N    . THR A 1 94  ? -6.113  -0.713  6.542   1.00 15.56 ? 106 THR B N    1 
ATOM   874  C CA   . THR A 1 94  ? -6.495  -0.368  5.197   1.00 10.87 ? 106 THR B CA   1 
ATOM   875  C C    . THR A 1 94  ? -7.518  -1.368  4.704   1.00 10.13 ? 106 THR B C    1 
ATOM   876  O O    . THR A 1 94  ? -7.697  -2.508  5.256   1.00 10.01 ? 106 THR B O    1 
ATOM   877  C CB   . THR A 1 94  ? -5.269  -0.327  4.194   1.00 6.91  ? 106 THR B CB   1 
ATOM   878  O OG1  . THR A 1 94  ? -4.740  -1.644  4.116   1.00 16.07 ? 106 THR B OG1  1 
ATOM   879  C CG2  . THR A 1 94  ? -4.114  0.527   4.637   1.00 8.36  ? 106 THR B CG2  1 
ATOM   880  H H    . THR A 1 94  ? -6.085  -1.659  6.778   1.00 15.10 ? 106 THR B H    1 
ATOM   881  H HG1  . THR A 1 94  ? -4.223  -1.815  4.913   1.00 12.40 ? 106 THR B HG1  1 
ATOM   882  N N    . GLN A 1 95  ? -8.229  -0.936  3.673   1.00 11.26 ? 107 GLN B N    1 
ATOM   883  C CA   . GLN A 1 95  ? -9.017  -1.811  2.806   1.00 11.04 ? 107 GLN B CA   1 
ATOM   884  C C    . GLN A 1 95  ? -8.421  -1.590  1.415   1.00 12.22 ? 107 GLN B C    1 
ATOM   885  O O    . GLN A 1 95  ? -7.933  -0.492  1.168   1.00 16.06 ? 107 GLN B O    1 
ATOM   886  C CB   A GLN A 1 95  ? -10.528 -1.413  2.719   0.54 15.49 ? 107 GLN B CB   1 
ATOM   887  C CB   B GLN A 1 95  ? -10.490 -1.416  2.904   0.45 11.04 ? 107 GLN B CB   1 
ATOM   888  C CG   A GLN A 1 95  ? -11.496 -1.849  3.852   0.54 22.78 ? 107 GLN B CG   1 
ATOM   889  C CG   B GLN A 1 95  ? -10.857 -2.121  4.227   0.45 13.04 ? 107 GLN B CG   1 
ATOM   890  C CD   A GLN A 1 95  ? -11.868 -3.333  3.958   0.54 25.48 ? 107 GLN B CD   1 
ATOM   891  C CD   B GLN A 1 95  ? -12.303 -2.065  4.563   0.45 11.18 ? 107 GLN B CD   1 
ATOM   892  O OE1  A GLN A 1 95  ? -12.408 -3.750  4.967   0.54 27.74 ? 107 GLN B OE1  1 
ATOM   893  O OE1  B GLN A 1 95  ? -13.019 -3.015  4.341   0.45 15.59 ? 107 GLN B OE1  1 
ATOM   894  N NE2  A GLN A 1 95  ? -11.687 -4.282  3.053   0.54 26.92 ? 107 GLN B NE2  1 
ATOM   895  N NE2  B GLN A 1 95  ? -12.772 -0.977  5.115   0.45 10.75 ? 107 GLN B NE2  1 
ATOM   896  H H    . GLN A 1 95  ? -8.281  0.028   3.531   1.00 10.69 ? 107 GLN B H    1 
ATOM   897  H HE21 A GLN A 1 95  ? -11.981 -5.197  3.220   0.54 26.54 ? 107 GLN B HE21 1 
ATOM   898  H HE21 B GLN A 1 95  ? -13.728 -0.967  5.351   0.51 10.98 ? 107 GLN B HE21 1 
ATOM   899  H HE22 A GLN A 1 95  ? -11.246 -4.040  2.211   0.54 26.80 ? 107 GLN B HE22 1 
ATOM   900  H HE22 B GLN A 1 95  ? -12.133 -0.241  5.243   0.51 10.90 ? 107 GLN B HE22 1 
ATOM   901  N N    . TRP A 1 96  ? -8.435  -2.540  0.475   1.00 10.33 ? 108 TRP B N    1 
ATOM   902  C CA   . TRP A 1 96  ? -7.769  -2.353  -0.780  1.00 6.38  ? 108 TRP B CA   1 
ATOM   903  C C    . TRP A 1 96  ? -8.685  -2.857  -1.857  1.00 3.35  ? 108 TRP B C    1 
ATOM   904  O O    . TRP A 1 96  ? -9.598  -3.674  -1.657  1.00 9.65  ? 108 TRP B O    1 
ATOM   905  C CB   . TRP A 1 96  ? -6.367  -3.126  -0.774  1.00 4.67  ? 108 TRP B CB   1 
ATOM   906  C CG   . TRP A 1 96  ? -6.285  -4.627  -0.449  1.00 8.49  ? 108 TRP B CG   1 
ATOM   907  C CD1  . TRP A 1 96  ? -5.799  -5.033  0.762   1.00 9.70  ? 108 TRP B CD1  1 
ATOM   908  C CD2  . TRP A 1 96  ? -6.702  -5.670  -1.274  1.00 8.71  ? 108 TRP B CD2  1 
ATOM   909  N NE1  . TRP A 1 96  ? -5.936  -6.358  0.697   1.00 14.35 ? 108 TRP B NE1  1 
ATOM   910  C CE2  . TRP A 1 96  ? -6.448  -6.769  -0.462  1.00 11.97 ? 108 TRP B CE2  1 
ATOM   911  C CE3  . TRP A 1 96  ? -7.234  -5.888  -2.558  1.00 5.52  ? 108 TRP B CE3  1 
ATOM   912  C CZ2  . TRP A 1 96  ? -6.730  -8.070  -0.922  1.00 12.15 ? 108 TRP B CZ2  1 
ATOM   913  C CZ3  . TRP A 1 96  ? -7.501  -7.162  -2.998  1.00 9.94  ? 108 TRP B CZ3  1 
ATOM   914  C CH2  . TRP A 1 96  ? -7.262  -8.258  -2.196  1.00 12.78 ? 108 TRP B CH2  1 
ATOM   915  H H    . TRP A 1 96  ? -9.031  -3.330  0.554   1.00 10.36 ? 108 TRP B H    1 
ATOM   916  H HE1  . TRP A 1 96  ? -5.595  -6.982  1.375   1.00 12.78 ? 108 TRP B HE1  1 
ATOM   917  N N    . LEU A 1 97  ? -8.484  -2.376  -3.094  1.00 10.79 ? 109 LEU B N    1 
ATOM   918  C CA   . LEU A 1 97  ? -9.194  -2.802  -4.285  1.00 9.59  ? 109 LEU B CA   1 
ATOM   919  C C    . LEU A 1 97  ? -8.082  -3.069  -5.286  1.00 10.23 ? 109 LEU B C    1 
ATOM   920  O O    . LEU A 1 97  ? -7.206  -2.219  -5.509  1.00 11.22 ? 109 LEU B O    1 
ATOM   921  C CB   . LEU A 1 97  ? -10.051 -1.709  -4.854  1.00 14.56 ? 109 LEU B CB   1 
ATOM   922  C CG   . LEU A 1 97  ? -11.238 -1.210  -4.094  1.00 15.26 ? 109 LEU B CG   1 
ATOM   923  C CD1  . LEU A 1 97  ? -11.583 0.155   -4.676  1.00 16.19 ? 109 LEU B CD1  1 
ATOM   924  C CD2  . LEU A 1 97  ? -12.336 -2.236  -4.104  1.00 14.33 ? 109 LEU B CD2  1 
ATOM   925  H H    . LEU A 1 97  ? -7.787  -1.696  -3.192  1.00 9.06  ? 109 LEU B H    1 
ATOM   926  N N    . LEU A 1 98  ? -8.081  -4.271  -5.880  1.00 16.18 ? 110 LEU B N    1 
ATOM   927  C CA   . LEU A 1 98  ? -7.167  -4.696  -6.979  1.00 11.97 ? 110 LEU B CA   1 
ATOM   928  C C    . LEU A 1 98  ? -7.950  -4.846  -8.267  1.00 11.45 ? 110 LEU B C    1 
ATOM   929  O O    . LEU A 1 98  ? -8.869  -5.679  -8.375  1.00 10.76 ? 110 LEU B O    1 
ATOM   930  C CB   . LEU A 1 98  ? -6.494  -6.048  -6.575  1.00 15.25 ? 110 LEU B CB   1 
ATOM   931  C CG   . LEU A 1 98  ? -5.839  -7.025  -7.599  1.00 18.42 ? 110 LEU B CG   1 
ATOM   932  C CD1  . LEU A 1 98  ? -4.923  -6.337  -8.562  1.00 16.41 ? 110 LEU B CD1  1 
ATOM   933  C CD2  . LEU A 1 98  ? -5.020  -8.024  -6.827  1.00 18.26 ? 110 LEU B CD2  1 
ATOM   934  H H    . LEU A 1 98  ? -8.790  -4.882  -5.599  1.00 13.14 ? 110 LEU B H    1 
ATOM   935  N N    . THR A 1 99  ? -7.699  -4.058  -9.290  1.00 11.44 ? 111 THR B N    1 
ATOM   936  C CA   . THR A 1 99  ? -8.389  -4.221  -10.575 1.00 14.57 ? 111 THR B CA   1 
ATOM   937  C C    . THR A 1 99  ? -7.384  -4.785  -11.594 1.00 14.46 ? 111 THR B C    1 
ATOM   938  O O    . THR A 1 99  ? -6.228  -4.339  -11.668 1.00 9.77  ? 111 THR B O    1 
ATOM   939  C CB   . THR A 1 99  ? -8.970  -2.845  -11.048 1.00 11.21 ? 111 THR B CB   1 
ATOM   940  O OG1  . THR A 1 99  ? -9.833  -2.452  -9.993  1.00 14.35 ? 111 THR B OG1  1 
ATOM   941  C CG2  . THR A 1 99  ? -9.795  -2.920  -12.321 1.00 13.65 ? 111 THR B CG2  1 
ATOM   942  H H    . THR A 1 99  ? -6.975  -3.422  -9.218  1.00 12.23 ? 111 THR B H    1 
ATOM   943  H HG1  . THR A 1 99  ? -10.441 -3.171  -9.794  1.00 13.01 ? 111 THR B HG1  1 
ATOM   944  N N    . SER A 1 100 ? -7.794  -5.806  -12.367 1.00 14.60 ? 112 SER B N    1 
ATOM   945  C CA   . SER A 1 100 ? -7.028  -6.297  -13.516 1.00 17.88 ? 112 SER B CA   1 
ATOM   946  C C    . SER A 1 100 ? -7.627  -5.746  -14.811 1.00 17.41 ? 112 SER B C    1 
ATOM   947  O O    . SER A 1 100 ? -8.857  -5.560  -14.918 1.00 17.84 ? 112 SER B O    1 
ATOM   948  C CB   . SER A 1 100 ? -7.095  -7.812  -13.530 1.00 17.90 ? 112 SER B CB   1 
ATOM   949  O OG   . SER A 1 100 ? -6.546  -8.354  -12.342 1.00 19.64 ? 112 SER B OG   1 
ATOM   950  H H    . SER A 1 100 ? -8.682  -6.188  -12.232 1.00 14.71 ? 112 SER B H    1 
ATOM   951  H HG   . SER A 1 100 ? -5.611  -8.560  -12.472 1.00 18.89 ? 112 SER B HG   1 
ATOM   952  N N    . GLY A 1 101 ? -6.816  -5.481  -15.846 1.00 18.13 ? 113 GLY B N    1 
ATOM   953  C CA   . GLY A 1 101 ? -7.342  -5.136  -17.191 1.00 18.47 ? 113 GLY B CA   1 
ATOM   954  C C    . GLY A 1 101 ? -8.065  -6.329  -17.782 1.00 15.99 ? 113 GLY B C    1 
ATOM   955  O O    . GLY A 1 101 ? -7.543  -7.452  -17.815 1.00 20.55 ? 113 GLY B O    1 
ATOM   956  H H    . GLY A 1 101 ? -5.842  -5.558  -15.707 1.00 17.44 ? 113 GLY B H    1 
ATOM   957  N N    . THR A 1 102 ? -9.297  -6.140  -18.176 1.00 18.74 ? 114 THR B N    1 
ATOM   958  C CA   . THR A 1 102 ? -10.101 -7.226  -18.714 1.00 19.50 ? 114 THR B CA   1 
ATOM   959  C C    . THR A 1 102 ? -10.698 -6.810  -20.046 1.00 23.76 ? 114 THR B C    1 
ATOM   960  O O    . THR A 1 102 ? -10.637 -5.644  -20.470 1.00 24.99 ? 114 THR B O    1 
ATOM   961  C CB   . THR A 1 102 ? -11.296 -7.653  -17.790 1.00 17.39 ? 114 THR B CB   1 
ATOM   962  O OG1  . THR A 1 102 ? -12.203 -6.555  -17.721 1.00 16.70 ? 114 THR B OG1  1 
ATOM   963  C CG2  . THR A 1 102 ? -10.829 -8.147  -16.424 1.00 17.33 ? 114 THR B CG2  1 
ATOM   964  H H    . THR A 1 102 ? -9.706  -5.254  -18.070 1.00 18.12 ? 114 THR B H    1 
ATOM   965  H HG1  . THR A 1 102 ? -13.088 -6.907  -17.652 1.00 17.13 ? 114 THR B HG1  1 
ATOM   966  N N    . THR A 1 103 ? -11.276 -7.781  -20.748 1.00 26.53 ? 115 THR B N    1 
ATOM   967  C CA   . THR A 1 103 ? -12.120 -7.497  -21.901 1.00 28.77 ? 115 THR B CA   1 
ATOM   968  C C    . THR A 1 103 ? -13.450 -6.947  -21.394 1.00 29.52 ? 115 THR B C    1 
ATOM   969  O O    . THR A 1 103 ? -13.797 -7.152  -20.215 1.00 30.49 ? 115 THR B O    1 
ATOM   970  C CB   . THR A 1 103 ? -12.301 -8.832  -22.677 1.00 31.29 ? 115 THR B CB   1 
ATOM   971  O OG1  . THR A 1 103 ? -12.984 -9.759  -21.819 1.00 31.51 ? 115 THR B OG1  1 
ATOM   972  C CG2  . THR A 1 103 ? -10.938 -9.377  -23.148 1.00 29.17 ? 115 THR B CG2  1 
ATOM   973  H H    . THR A 1 103 ? -11.158 -8.715  -20.487 1.00 26.03 ? 115 THR B H    1 
ATOM   974  H HG1  . THR A 1 103 ? -12.535 -10.613 -21.892 1.00 31.81 ? 115 THR B HG1  1 
ATOM   975  N N    . GLU A 1 104 ? -14.278 -6.299  -22.195 0.64 29.42 ? 116 GLU B N    1 
ATOM   976  C CA   . GLU A 1 104 ? -15.456 -5.701  -21.617 0.64 32.87 ? 116 GLU B CA   1 
ATOM   977  C C    . GLU A 1 104 ? -16.460 -6.738  -21.186 1.00 33.83 ? 116 GLU B C    1 
ATOM   978  O O    . GLU A 1 104 ? -17.276 -6.443  -20.313 1.00 38.61 ? 116 GLU B O    1 
ATOM   979  C CB   . GLU A 1 104 ? -16.135 -4.742  -22.583 0.64 36.49 ? 116 GLU B CB   1 
ATOM   980  C CG   . GLU A 1 104 ? -15.975 -3.260  -22.146 0.64 38.93 ? 116 GLU B CG   1 
ATOM   981  C CD   . GLU A 1 104 ? -16.645 -2.855  -20.821 0.33 39.26 ? 116 GLU B CD   1 
ATOM   982  O OE1  . GLU A 1 104 ? -17.792 -3.236  -20.561 0.33 41.65 ? 116 GLU B OE1  1 
ATOM   983  O OE2  . GLU A 1 104 ? -16.019 -2.130  -20.051 0.33 40.08 ? 116 GLU B OE2  1 
ATOM   984  H H    . GLU A 1 104 ? -14.038 -6.154  -23.132 0.64 30.81 ? 116 GLU B H    1 
ATOM   985  N N    . ALA A 1 105 ? -16.450 -7.968  -21.708 0.57 31.66 ? 117 ALA B N    1 
ATOM   986  C CA   . ALA A 1 105 ? -17.329 -9.026  -21.206 0.57 30.15 ? 117 ALA B CA   1 
ATOM   987  C C    . ALA A 1 105 ? -16.951 -9.467  -19.803 0.57 28.66 ? 117 ALA B C    1 
ATOM   988  O O    . ALA A 1 105 ? -17.789 -9.945  -19.051 0.57 27.86 ? 117 ALA B O    1 
ATOM   989  C CB   . ALA A 1 105 ? -17.282 -10.272 -22.070 0.57 27.36 ? 117 ALA B CB   1 
ATOM   990  H H    . ALA A 1 105 ? -15.850 -8.155  -22.454 0.57 32.15 ? 117 ALA B H    1 
ATOM   991  N N    . ASN A 1 106 ? -15.711 -9.257  -19.394 1.00 28.92 ? 118 ASN B N    1 
ATOM   992  C CA   . ASN A 1 106 ? -15.259 -9.690  -18.092 1.00 30.28 ? 118 ASN B CA   1 
ATOM   993  C C    . ASN A 1 106 ? -15.084 -8.585  -17.083 1.00 25.57 ? 118 ASN B C    1 
ATOM   994  O O    . ASN A 1 106 ? -14.610 -8.779  -15.955 1.00 22.36 ? 118 ASN B O    1 
ATOM   995  C CB   . ASN A 1 106 ? -13.945 -10.408 -18.238 1.00 35.83 ? 118 ASN B CB   1 
ATOM   996  C CG   . ASN A 1 106 ? -14.104 -11.670 -19.043 1.00 40.74 ? 118 ASN B CG   1 
ATOM   997  O OD1  . ASN A 1 106 ? -15.151 -12.314 -19.112 1.00 41.63 ? 118 ASN B OD1  1 
ATOM   998  N ND2  . ASN A 1 106 ? -13.022 -11.997 -19.722 1.00 44.52 ? 118 ASN B ND2  1 
ATOM   999  H H    . ASN A 1 106 ? -15.051 -8.841  -19.989 1.00 29.21 ? 118 ASN B H    1 
ATOM   1000 H HD21 . ASN A 1 106 ? -13.045 -12.828 -20.229 1.00 44.27 ? 118 ASN B HD21 1 
ATOM   1001 H HD22 . ASN A 1 106 ? -12.256 -11.397 -19.667 1.00 44.05 ? 118 ASN B HD22 1 
ATOM   1002 N N    . ALA A 1 107 ? -15.407 -7.391  -17.528 1.00 22.86 ? 119 ALA B N    1 
ATOM   1003 C CA   . ALA A 1 107 ? -15.270 -6.224  -16.709 1.00 23.12 ? 119 ALA B CA   1 
ATOM   1004 C C    . ALA A 1 107 ? -15.949 -6.442  -15.343 1.00 23.94 ? 119 ALA B C    1 
ATOM   1005 O O    . ALA A 1 107 ? -15.373 -6.126  -14.308 1.00 24.96 ? 119 ALA B O    1 
ATOM   1006 C CB   . ALA A 1 107 ? -15.899 -5.104  -17.455 1.00 22.97 ? 119 ALA B CB   1 
ATOM   1007 H H    . ALA A 1 107 ? -15.797 -7.290  -18.421 1.00 23.35 ? 119 ALA B H    1 
ATOM   1008 N N    . TRP A 1 108 ? -17.116 -7.090  -15.274 1.00 25.85 ? 120 TRP B N    1 
ATOM   1009 C CA   . TRP A 1 108 ? -17.867 -7.256  -14.040 1.00 24.85 ? 120 TRP B CA   1 
ATOM   1010 C C    . TRP A 1 108 ? -17.109 -8.051  -12.985 1.00 22.88 ? 120 TRP B C    1 
ATOM   1011 O O    . TRP A 1 108 ? -17.453 -7.992  -11.803 1.00 20.38 ? 120 TRP B O    1 
ATOM   1012 C CB   . TRP A 1 108 ? -19.227 -7.941  -14.358 1.00 27.51 ? 120 TRP B CB   1 
ATOM   1013 C CG   . TRP A 1 108 ? -19.153 -9.455  -14.610 1.00 32.07 ? 120 TRP B CG   1 
ATOM   1014 C CD1  . TRP A 1 108 ? -18.958 -9.954  -15.880 1.00 35.41 ? 120 TRP B CD1  1 
ATOM   1015 C CD2  . TRP A 1 108 ? -19.184 -10.466 -13.666 1.00 33.94 ? 120 TRP B CD2  1 
ATOM   1016 N NE1  . TRP A 1 108 ? -18.834 -11.260 -15.751 1.00 36.41 ? 120 TRP B NE1  1 
ATOM   1017 C CE2  . TRP A 1 108 ? -18.962 -11.613 -14.456 1.00 35.71 ? 120 TRP B CE2  1 
ATOM   1018 C CE3  . TRP A 1 108 ? -19.354 -10.588 -12.287 1.00 32.52 ? 120 TRP B CE3  1 
ATOM   1019 C CZ2  . TRP A 1 108 ? -18.907 -12.876 -13.869 1.00 34.59 ? 120 TRP B CZ2  1 
ATOM   1020 C CZ3  . TRP A 1 108 ? -19.298 -11.848 -11.703 1.00 32.67 ? 120 TRP B CZ3  1 
ATOM   1021 C CH2  . TRP A 1 108 ? -19.073 -12.982 -12.484 1.00 34.27 ? 120 TRP B CH2  1 
ATOM   1022 H H    . TRP A 1 108 ? -17.502 -7.412  -16.122 1.00 26.12 ? 120 TRP B H    1 
ATOM   1023 H HE1  . TRP A 1 108 ? -18.620 -11.868 -16.498 1.00 36.12 ? 120 TRP B HE1  1 
ATOM   1024 N N    . LYS A 1 109 ? -16.118 -8.870  -13.353 1.00 23.01 ? 121 LYS B N    1 
ATOM   1025 C CA   . LYS A 1 109 ? -15.282 -9.540  -12.362 1.00 22.41 ? 121 LYS B CA   1 
ATOM   1026 C C    . LYS A 1 109 ? -13.820 -9.065  -12.379 1.00 18.53 ? 121 LYS B C    1 
ATOM   1027 O O    . LYS A 1 109 ? -12.851 -9.777  -12.113 1.00 21.77 ? 121 LYS B O    1 
ATOM   1028 C CB   . LYS A 1 109 ? -15.368 -11.052 -12.574 1.00 23.63 ? 121 LYS B CB   1 
ATOM   1029 C CG   . LYS A 1 109 ? -15.056 -11.510 -13.970 0.87 23.53 ? 121 LYS B CG   1 
ATOM   1030 C CD   . LYS A 1 109 ? -15.216 -12.988 -14.160 0.87 26.34 ? 121 LYS B CD   1 
ATOM   1031 C CE   . LYS A 1 109 ? -14.548 -13.257 -15.505 0.07 26.08 ? 121 LYS B CE   1 
ATOM   1032 N NZ   . LYS A 1 109 ? -14.418 -14.673 -15.789 0.07 26.66 ? 121 LYS B NZ   1 
ATOM   1033 H H    . LYS A 1 109 ? -15.902 -8.971  -14.308 1.00 22.75 ? 121 LYS B H    1 
ATOM   1034 H HZ1  . LYS A 1 109 ? -13.862 -15.127 -15.036 0.07 26.25 ? 121 LYS B HZ1  1 
ATOM   1035 H HZ2  . LYS A 1 109 ? -15.362 -15.103 -15.841 0.07 26.25 ? 121 LYS B HZ2  1 
ATOM   1036 H HZ3  . LYS A 1 109 ? -13.927 -14.794 -16.699 0.07 26.25 ? 121 LYS B HZ3  1 
ATOM   1037 N N    . SER A 1 110 ? -13.604 -7.787  -12.652 1.00 15.89 ? 122 SER B N    1 
ATOM   1038 C CA   . SER A 1 110 ? -12.284 -7.181  -12.697 1.00 12.90 ? 122 SER B CA   1 
ATOM   1039 C C    . SER A 1 110 ? -11.666 -6.812  -11.376 1.00 11.12 ? 122 SER B C    1 
ATOM   1040 O O    . SER A 1 110 ? -10.454 -6.531  -11.346 1.00 10.85 ? 122 SER B O    1 
ATOM   1041 C CB   . SER A 1 110 ? -12.357 -5.936  -13.551 1.00 15.29 ? 122 SER B CB   1 
ATOM   1042 O OG   . SER A 1 110 ? -13.285 -4.993  -13.001 1.00 17.99 ? 122 SER B OG   1 
ATOM   1043 H H    . SER A 1 110 ? -14.356 -7.200  -12.859 1.00 16.20 ? 122 SER B H    1 
ATOM   1044 H HG   . SER A 1 110 ? -14.094 -5.050  -13.536 1.00 18.09 ? 122 SER B HG   1 
ATOM   1045 N N    . THR A 1 111 ? -12.434 -6.779  -10.286 1.00 5.33  ? 123 THR B N    1 
ATOM   1046 C CA   . THR A 1 111 ? -11.998 -6.077  -9.034  1.00 4.13  ? 123 THR B CA   1 
ATOM   1047 C C    . THR A 1 111 ? -12.246 -6.901  -7.785  1.00 5.94  ? 123 THR B C    1 
ATOM   1048 O O    . THR A 1 111 ? -13.360 -7.249  -7.375  1.00 10.83 ? 123 THR B O    1 
ATOM   1049 C CB   . THR A 1 111 ? -12.668 -4.637  -8.935  1.00 2.00  ? 123 THR B CB   1 
ATOM   1050 O OG1  . THR A 1 111 ? -12.313 -3.890  -10.119 1.00 7.91  ? 123 THR B OG1  1 
ATOM   1051 C CG2  . THR A 1 111 ? -12.103 -3.849  -7.680  1.00 4.82  ? 123 THR B CG2  1 
ATOM   1052 H H    . THR A 1 111 ? -13.301 -7.170  -10.288 1.00 7.32  ? 123 THR B H    1 
ATOM   1053 H HG1  . THR A 1 111 ? -12.819 -4.278  -10.861 1.00 6.63  ? 123 THR B HG1  1 
ATOM   1054 N N    . LEU A 1 112 ? -11.145 -7.204  -7.111  1.00 7.73  ? 124 LEU B N    1 
ATOM   1055 C CA   . LEU A 1 112 ? -11.086 -7.875  -5.827  1.00 7.64  ? 124 LEU B CA   1 
ATOM   1056 C C    . LEU A 1 112 ? -11.033 -6.851  -4.698  1.00 6.44  ? 124 LEU B C    1 
ATOM   1057 O O    . LEU A 1 112 ? -10.410 -5.790  -4.866  1.00 11.45 ? 124 LEU B O    1 
ATOM   1058 C CB   . LEU A 1 112 ? -9.824  -8.772  -5.664  1.00 11.44 ? 124 LEU B CB   1 
ATOM   1059 C CG   . LEU A 1 112 ? -9.763  -10.038 -6.495  1.00 17.86 ? 124 LEU B CG   1 
ATOM   1060 C CD1  . LEU A 1 112 ? -8.354  -10.552 -6.484  1.00 18.67 ? 124 LEU B CD1  1 
ATOM   1061 C CD2  . LEU A 1 112 ? -10.723 -11.085 -5.937  1.00 17.69 ? 124 LEU B CD2  1 
ATOM   1062 H H    . LEU A 1 112 ? -10.293 -6.900  -7.505  1.00 7.45  ? 124 LEU B H    1 
ATOM   1063 N N    . VAL A 1 113 ? -11.564 -7.232  -3.544  1.00 8.23  ? 125 VAL B N    1 
ATOM   1064 C CA   . VAL A 1 113 ? -11.518 -6.408  -2.373  1.00 8.50  ? 125 VAL B CA   1 
ATOM   1065 C C    . VAL A 1 113 ? -10.893 -7.201  -1.239  1.00 9.25  ? 125 VAL B C    1 
ATOM   1066 O O    . VAL A 1 113 ? -11.116 -8.419  -1.123  1.00 8.60  ? 125 VAL B O    1 
ATOM   1067 C CB   . VAL A 1 113 ? -13.013 -5.921  -2.130  1.00 2.00  ? 125 VAL B CB   1 
ATOM   1068 C CG1  . VAL A 1 113 ? -14.042 -7.029  -1.663  1.00 2.00  ? 125 VAL B CG1  1 
ATOM   1069 C CG2  . VAL A 1 113 ? -12.824 -4.794  -1.075  1.00 9.42  ? 125 VAL B CG2  1 
ATOM   1070 H H    . VAL A 1 113 ? -12.012 -8.111  -3.501  1.00 8.65  ? 125 VAL B H    1 
ATOM   1071 N N    . GLY A 1 114 ? -10.197 -6.550  -0.353  1.00 6.54  ? 126 GLY B N    1 
ATOM   1072 C CA   . GLY A 1 114 ? -9.841  -7.158  0.905   1.00 2.34  ? 126 GLY B CA   1 
ATOM   1073 C C    . GLY A 1 114 ? -9.282  -6.112  1.811   1.00 6.54  ? 126 GLY B C    1 
ATOM   1074 O O    . GLY A 1 114 ? -9.534  -4.915  1.609   1.00 10.75 ? 126 GLY B O    1 
ATOM   1075 H H    . GLY A 1 114 ? -9.961  -5.617  -0.474  1.00 7.20  ? 126 GLY B H    1 
ATOM   1076 N N    . HIS A 1 115 ? -8.536  -6.530  2.777   1.00 9.37  ? 127 HIS B N    1 
ATOM   1077 C CA   . HIS A 1 115 ? -7.993  -5.593  3.790   1.00 9.93  ? 127 HIS B CA   1 
ATOM   1078 C C    . HIS A 1 115 ? -6.605  -6.020  4.296   1.00 11.31 ? 127 HIS B C    1 
ATOM   1079 O O    . HIS A 1 115 ? -6.295  -7.219  4.359   1.00 11.31 ? 127 HIS B O    1 
ATOM   1080 C CB   . HIS A 1 115 ? -9.023  -5.488  4.947   1.00 13.51 ? 127 HIS B CB   1 
ATOM   1081 C CG   . HIS A 1 115 ? -9.311  -6.853  5.494   1.00 20.48 ? 127 HIS B CG   1 
ATOM   1082 N ND1  . HIS A 1 115 ? -8.721  -7.554  6.464   1.00 23.99 ? 127 HIS B ND1  1 
ATOM   1083 C CD2  . HIS A 1 115 ? -10.288 -7.640  4.952   1.00 24.83 ? 127 HIS B CD2  1 
ATOM   1084 C CE1  . HIS A 1 115 ? -9.312  -8.735  6.492   1.00 25.89 ? 127 HIS B CE1  1 
ATOM   1085 N NE2  . HIS A 1 115 ? -10.259 -8.772  5.573   1.00 26.05 ? 127 HIS B NE2  1 
ATOM   1086 H H    . HIS A 1 115 ? -8.255  -7.462  2.802   1.00 9.33  ? 127 HIS B H    1 
ATOM   1087 H HD1  . HIS A 1 115 ? -7.876  -7.327  6.922   1.00 23.25 ? 127 HIS B HD1  1 
ATOM   1088 H HE2  . HIS A 1 115 ? -10.718 -9.585  5.241   1.00 26.38 ? 127 HIS B HE2  1 
ATOM   1089 N N    . ASP A 1 116 ? -5.731  -5.089  4.706   1.00 13.13 ? 128 ASP B N    1 
ATOM   1090 C CA   . ASP A 1 116 ? -4.431  -5.378  5.332   1.00 17.75 ? 128 ASP B CA   1 
ATOM   1091 C C    . ASP A 1 116 ? -4.157  -4.480  6.531   1.00 16.41 ? 128 ASP B C    1 
ATOM   1092 O O    . ASP A 1 116 ? -4.542  -3.322  6.536   1.00 16.47 ? 128 ASP B O    1 
ATOM   1093 C CB   . ASP A 1 116 ? -3.206  -5.105  4.474   1.00 21.51 ? 128 ASP B CB   1 
ATOM   1094 C CG   . ASP A 1 116 ? -2.958  -6.056  3.339   1.00 27.89 ? 128 ASP B CG   1 
ATOM   1095 O OD1  . ASP A 1 116 ? -2.852  -7.263  3.581   1.00 30.16 ? 128 ASP B OD1  1 
ATOM   1096 O OD2  . ASP A 1 116 ? -2.822  -5.556  2.221   1.00 29.92 ? 128 ASP B OD2  1 
ATOM   1097 H H    . ASP A 1 116 ? -5.951  -4.137  4.580   1.00 14.32 ? 128 ASP B H    1 
ATOM   1098 N N    . THR A 1 117 ? -3.498  -4.978  7.556   1.00 16.80 ? 129 THR B N    1 
ATOM   1099 C CA   . THR A 1 117 ? -2.939  -4.118  8.601   1.00 18.13 ? 129 THR B CA   1 
ATOM   1100 C C    . THR A 1 117 ? -1.427  -4.136  8.533   1.00 15.32 ? 129 THR B C    1 
ATOM   1101 O O    . THR A 1 117 ? -0.817  -5.203  8.448   1.00 18.87 ? 129 THR B O    1 
ATOM   1102 C CB   . THR A 1 117 ? -3.372  -4.587  9.981   1.00 18.65 ? 129 THR B CB   1 
ATOM   1103 O OG1  . THR A 1 117 ? -4.781  -4.651  9.873   1.00 22.10 ? 129 THR B OG1  1 
ATOM   1104 C CG2  . THR A 1 117 ? -2.902  -3.690  11.156  1.00 18.71 ? 129 THR B CG2  1 
ATOM   1105 H H    . THR A 1 117 ? -3.326  -5.940  7.603   1.00 16.85 ? 129 THR B H    1 
ATOM   1106 H HG1  . THR A 1 117 ? -5.039  -4.015  9.189   1.00 21.17 ? 129 THR B HG1  1 
ATOM   1107 N N    . PHE A 1 118 ? -0.817  -2.981  8.589   1.00 15.26 ? 130 PHE B N    1 
ATOM   1108 C CA   . PHE A 1 118 ? 0.608   -2.925  8.515   1.00 14.87 ? 130 PHE B CA   1 
ATOM   1109 C C    . PHE A 1 118 ? 1.068   -2.426  9.875   1.00 18.20 ? 130 PHE B C    1 
ATOM   1110 O O    . PHE A 1 118 ? 0.413   -1.610  10.542  1.00 16.08 ? 130 PHE B O    1 
ATOM   1111 C CB   . PHE A 1 118 ? 1.044   -1.984  7.455   1.00 14.88 ? 130 PHE B CB   1 
ATOM   1112 C CG   . PHE A 1 118 ? 0.672   -2.362  6.017   1.00 15.51 ? 130 PHE B CG   1 
ATOM   1113 C CD1  . PHE A 1 118 ? -0.586  -2.029  5.456   1.00 13.71 ? 130 PHE B CD1  1 
ATOM   1114 C CD2  . PHE A 1 118 ? 1.630   -3.024  5.240   1.00 16.34 ? 130 PHE B CD2  1 
ATOM   1115 C CE1  . PHE A 1 118 ? -0.850  -2.346  4.117   1.00 13.94 ? 130 PHE B CE1  1 
ATOM   1116 C CE2  . PHE A 1 118 ? 1.350   -3.339  3.891   1.00 15.16 ? 130 PHE B CE2  1 
ATOM   1117 C CZ   . PHE A 1 118 ? 0.124   -3.006  3.356   1.00 12.84 ? 130 PHE B CZ   1 
ATOM   1118 H H    . PHE A 1 118 ? -1.313  -2.160  8.765   1.00 15.07 ? 130 PHE B H    1 
ATOM   1119 N N    . THR A 1 119 ? 2.180   -3.010  10.320  1.00 16.79 ? 131 THR B N    1 
ATOM   1120 C CA   . THR A 1 119 ? 2.823   -2.621  11.552  1.00 18.91 ? 131 THR B CA   1 
ATOM   1121 C C    . THR A 1 119 ? 4.315   -2.367  11.277  1.00 17.26 ? 131 THR B C    1 
ATOM   1122 O O    . THR A 1 119 ? 4.837   -2.683  10.198  1.00 16.62 ? 131 THR B O    1 
ATOM   1123 C CB   . THR A 1 119 ? 2.584   -3.762  12.626  1.00 17.66 ? 131 THR B CB   1 
ATOM   1124 O OG1  . THR A 1 119 ? 3.040   -4.995  12.040  1.00 23.97 ? 131 THR B OG1  1 
ATOM   1125 C CG2  . THR A 1 119 ? 1.082   -3.876  13.044  1.00 18.25 ? 131 THR B CG2  1 
ATOM   1126 H H    . THR A 1 119 ? 2.631   -3.685  9.772   1.00 18.42 ? 131 THR B H    1 
ATOM   1127 H HG1  . THR A 1 119 ? 3.985   -5.035  11.781  1.00 21.95 ? 131 THR B HG1  1 
ATOM   1128 N N    . LYS A 1 120 ? 5.002   -1.751  12.257  1.00 19.17 ? 132 LYS B N    1 
ATOM   1129 C CA   . LYS A 1 120 ? 6.404   -1.359  12.138  1.00 19.45 ? 132 LYS B CA   1 
ATOM   1130 C C    . LYS A 1 120 ? 7.385   -2.472  12.477  1.00 18.95 ? 132 LYS B C    1 
ATOM   1131 O O    . LYS A 1 120 ? 8.582   -2.383  12.236  1.00 18.08 ? 132 LYS B O    1 
ATOM   1132 C CB   A LYS A 1 120 ? 6.724   -0.193  13.076  0.67 18.57 ? 132 LYS B CB   1 
ATOM   1133 C CB   B LYS A 1 120 ? 6.677   -0.150  13.032  0.46 19.28 ? 132 LYS B CB   1 
ATOM   1134 C CG   A LYS A 1 120 ? 5.932   1.070   12.811  0.67 19.86 ? 132 LYS B CG   1 
ATOM   1135 C CG   B LYS A 1 120 ? 6.289   1.128   12.301  0.46 20.22 ? 132 LYS B CG   1 
ATOM   1136 C CD   A LYS A 1 120 ? 6.850   2.163   12.285  0.67 21.36 ? 132 LYS B CD   1 
ATOM   1137 C CD   B LYS A 1 120 ? 6.463   2.305   13.249  0.46 23.30 ? 132 LYS B CD   1 
ATOM   1138 C CE   A LYS A 1 120 ? 7.128   2.018   10.822  0.67 21.39 ? 132 LYS B CE   1 
ATOM   1139 C CE   B LYS A 1 120 ? 6.192   3.649   12.574  0.46 24.19 ? 132 LYS B CE   1 
ATOM   1140 N NZ   A LYS A 1 120 ? 7.601   3.263   10.268  0.67 24.32 ? 132 LYS B NZ   1 
ATOM   1141 N NZ   B LYS A 1 120 ? 6.210   4.729   13.545  0.46 24.94 ? 132 LYS B NZ   1 
ATOM   1142 H H    . LYS A 1 120 ? 4.572   -1.615  13.128  1.00 18.79 ? 132 LYS B H    1 
ATOM   1143 H HZ1  A LYS A 1 120 ? 6.909   4.021   10.450  0.67 23.97 ? 132 LYS B HZ1  1 
ATOM   1144 H HZ1  B LYS A 1 120 ? 5.517   4.543   14.297  0.54 24.40 ? 132 LYS B HZ1  1 
ATOM   1145 H HZ2  A LYS A 1 120 ? 8.507   3.508   10.712  0.67 24.12 ? 132 LYS B HZ2  1 
ATOM   1146 H HZ2  B LYS A 1 120 ? 7.160   4.804   13.959  0.54 24.67 ? 132 LYS B HZ2  1 
ATOM   1147 H HZ3  A LYS A 1 120 ? 7.728   3.149   9.240   0.67 23.80 ? 132 LYS B HZ3  1 
ATOM   1148 H HZ3  B LYS A 1 120 ? 5.976   5.618   13.059  0.54 24.47 ? 132 LYS B HZ3  1 
ATOM   1149 N N    . VAL A 1 121 ? 6.791   -3.539  12.971  1.00 24.41 ? 133 VAL B N    1 
ATOM   1150 C CA   . VAL A 1 121 ? 7.433   -4.663  13.577  1.00 30.77 ? 133 VAL B CA   1 
ATOM   1151 C C    . VAL A 1 121 ? 6.990   -5.823  12.673  1.00 33.99 ? 133 VAL B C    1 
ATOM   1152 O O    . VAL A 1 121 ? 7.841   -6.658  12.336  1.00 35.87 ? 133 VAL B O    1 
ATOM   1153 C CB   . VAL A 1 121 ? 6.884   -4.710  15.030  1.00 34.62 ? 133 VAL B CB   1 
ATOM   1154 C CG1  . VAL A 1 121 ? 6.971   -6.117  15.612  1.00 35.10 ? 133 VAL B CG1  1 
ATOM   1155 C CG2  . VAL A 1 121 ? 7.667   -3.718  15.885  1.00 33.19 ? 133 VAL B CG2  1 
ATOM   1156 H H    . VAL A 1 121 ? 5.862   -3.733  12.779  1.00 24.38 ? 133 VAL B H    1 
HETATM 1157 C C    . ACE B 2 1   ? 0.388   -16.179 -10.830 0.28 46.04 ? 0   ACE P C    1 
HETATM 1158 O O    . ACE B 2 1   ? 1.412   -15.757 -11.364 0.28 44.73 ? 0   ACE P O    1 
HETATM 1159 C CH3  . ACE B 2 1   ? -0.859  -16.435 -11.656 0.28 45.70 ? 0   ACE P CH3  1 
ATOM   1160 N N    . CYS B 2 2   ? 0.223   -16.387 -9.517  0.28 46.40 ? 1   CYS P N    1 
ATOM   1161 C CA   . CYS B 2 2   ? 1.143   -16.033 -8.446  0.28 46.45 ? 1   CYS P CA   1 
ATOM   1162 C C    . CYS B 2 2   ? 1.322   -14.520 -8.540  0.28 45.13 ? 1   CYS P C    1 
ATOM   1163 O O    . CYS B 2 2   ? 2.397   -13.965 -8.770  0.28 44.22 ? 1   CYS P O    1 
ATOM   1164 C CB   . CYS B 2 2   ? 2.478   -16.788 -8.608  0.28 48.17 ? 1   CYS P CB   1 
ATOM   1165 S SG   . CYS B 2 2   ? 3.257   -17.204 -7.022  0.28 51.51 ? 1   CYS P SG   1 
ATOM   1166 H H    . CYS B 2 2   ? -0.639  -16.771 -9.264  0.28 45.98 ? 1   CYS P H    1 
ATOM   1167 N N    . HIS B 2 3   ? 0.160   -13.859 -8.373  1.00 43.75 ? 2   HIS P N    1 
ATOM   1168 C CA   . HIS B 2 3   ? -0.006  -12.417 -8.523  1.00 41.41 ? 2   HIS P CA   1 
ATOM   1169 C C    . HIS B 2 3   ? 0.983   -11.776 -7.590  1.00 40.81 ? 2   HIS P C    1 
ATOM   1170 O O    . HIS B 2 3   ? 1.065   -12.204 -6.420  1.00 41.34 ? 2   HIS P O    1 
ATOM   1171 C CB   . HIS B 2 3   ? -1.409  -11.905 -8.105  1.00 39.60 ? 2   HIS P CB   1 
ATOM   1172 C CG   . HIS B 2 3   ? -1.570  -10.404 -8.334  1.00 37.51 ? 2   HIS P CG   1 
ATOM   1173 N ND1  . HIS B 2 3   ? -1.050  -9.529  -7.477  1.00 35.18 ? 2   HIS P ND1  1 
ATOM   1174 C CD2  . HIS B 2 3   ? -1.987  -9.820  -9.502  1.00 35.89 ? 2   HIS P CD2  1 
ATOM   1175 C CE1  . HIS B 2 3   ? -1.118  -8.381  -8.114  1.00 33.77 ? 2   HIS P CE1  1 
ATOM   1176 N NE2  . HIS B 2 3   ? -1.671  -8.572  -9.299  1.00 35.36 ? 2   HIS P NE2  1 
ATOM   1177 H H    . HIS B 2 3   ? -0.598  -14.374 -8.038  1.00 43.11 ? 2   HIS P H    1 
ATOM   1178 H HE2  . HIS B 2 3   ? -1.870  -7.840  -9.925  1.00 34.91 ? 2   HIS P HE2  1 
ATOM   1179 N N    . PRO B 2 4   ? 1.717   -10.780 -8.089  1.00 38.96 ? 3   PRO P N    1 
ATOM   1180 C CA   . PRO B 2 4   ? 2.678   -10.031 -7.295  1.00 39.58 ? 3   PRO P CA   1 
ATOM   1181 C C    . PRO B 2 4   ? 2.191   -9.522  -5.947  1.00 40.71 ? 3   PRO P C    1 
ATOM   1182 O O    . PRO B 2 4   ? 2.981   -9.410  -5.042  1.00 43.42 ? 3   PRO P O    1 
ATOM   1183 C CB   . PRO B 2 4   ? 3.108   -8.960  -8.251  1.00 38.18 ? 3   PRO P CB   1 
ATOM   1184 C CG   . PRO B 2 4   ? 2.149   -9.035  -9.425  1.00 36.92 ? 3   PRO P CG   1 
ATOM   1185 C CD   . PRO B 2 4   ? 1.848   -10.479 -9.512  1.00 37.29 ? 3   PRO P CD   1 
ATOM   1186 N N    . GLN B 2 5   ? 0.947   -9.138  -5.702  1.00 41.14 ? 4   GLN P N    1 
ATOM   1187 C CA   . GLN B 2 5   ? 0.429   -8.845  -4.364  1.00 43.75 ? 4   GLN P CA   1 
ATOM   1188 C C    . GLN B 2 5   ? 0.384   -10.027 -3.366  1.00 49.78 ? 4   GLN P C    1 
ATOM   1189 O O    . GLN B 2 5   ? 0.239   -9.827  -2.149  1.00 49.27 ? 4   GLN P O    1 
ATOM   1190 C CB   . GLN B 2 5   ? -0.960  -8.261  -4.541  1.00 38.82 ? 4   GLN P CB   1 
ATOM   1191 C CG   . GLN B 2 5   ? -1.589  -7.846  -3.235  1.00 35.67 ? 4   GLN P CG   1 
ATOM   1192 C CD   . GLN B 2 5   ? -2.758  -6.922  -3.393  1.00 34.86 ? 4   GLN P CD   1 
ATOM   1193 O OE1  . GLN B 2 5   ? -2.939  -6.291  -4.414  1.00 32.47 ? 4   GLN P OE1  1 
ATOM   1194 N NE2  . GLN B 2 5   ? -3.566  -6.771  -2.385  1.00 33.72 ? 4   GLN P NE2  1 
ATOM   1195 H H    . GLN B 2 5   ? 0.369   -8.993  -6.458  1.00 41.55 ? 4   GLN P H    1 
ATOM   1196 H HE21 . GLN B 2 5   ? -4.358  -6.228  -2.497  1.00 34.65 ? 4   GLN P HE21 1 
ATOM   1197 H HE22 . GLN B 2 5   ? -3.336  -7.250  -1.559  1.00 34.52 ? 4   GLN P HE22 1 
ATOM   1198 N N    . GLY B 2 6   ? 0.487   -11.279 -3.816  1.00 54.77 ? 5   GLY P N    1 
ATOM   1199 C CA   . GLY B 2 6   ? 0.329   -12.389 -2.904  1.00 59.53 ? 5   GLY P CA   1 
ATOM   1200 C C    . GLY B 2 6   ? 1.703   -12.824 -2.406  1.00 64.96 ? 5   GLY P C    1 
ATOM   1201 O O    . GLY B 2 6   ? 2.744   -12.221 -2.703  1.00 65.82 ? 5   GLY P O    1 
ATOM   1202 H H    . GLY B 2 6   ? 0.911   -11.444 -4.686  1.00 55.11 ? 5   GLY P H    1 
ATOM   1203 N N    . PRO B 2 7   ? 1.706   -13.879 -1.595  1.00 67.48 ? 6   PRO P N    1 
ATOM   1204 C CA   . PRO B 2 7   ? 2.931   -14.630 -1.255  1.00 69.17 ? 6   PRO P CA   1 
ATOM   1205 C C    . PRO B 2 7   ? 3.183   -15.927 -2.066  1.00 69.17 ? 6   PRO P C    1 
ATOM   1206 O O    . PRO B 2 7   ? 2.208   -16.675 -2.215  1.00 72.59 ? 6   PRO P O    1 
ATOM   1207 C CB   . PRO B 2 7   ? 2.725   -14.830 0.227   1.00 70.05 ? 6   PRO P CB   1 
ATOM   1208 C CG   . PRO B 2 7   ? 1.211   -15.108 0.313   1.00 69.66 ? 6   PRO P CG   1 
ATOM   1209 C CD   . PRO B 2 7   ? 0.572   -14.200 -0.727  1.00 67.87 ? 6   PRO P CD   1 
ATOM   1210 N N    . PRO B 2 8   ? 4.337   -16.326 -2.638  0.22 67.31 ? 7   PRO P N    1 
ATOM   1211 C CA   . PRO B 2 8   ? 5.509   -15.491 -2.855  0.22 65.43 ? 7   PRO P CA   1 
ATOM   1212 C C    . PRO B 2 8   ? 5.319   -14.681 -4.139  0.22 63.07 ? 7   PRO P C    1 
ATOM   1213 O O    . PRO B 2 8   ? 4.239   -14.136 -4.343  0.22 62.85 ? 7   PRO P O    1 
ATOM   1214 C CB   . PRO B 2 8   ? 6.639   -16.513 -2.884  0.22 65.56 ? 7   PRO P CB   1 
ATOM   1215 C CG   . PRO B 2 8   ? 6.023   -17.676 -3.624  0.22 66.23 ? 7   PRO P CG   1 
ATOM   1216 C CD   . PRO B 2 8   ? 4.637   -17.719 -2.989  0.22 67.12 ? 7   PRO P CD   1 
ATOM   1217 N N    . CYS B 2 9   ? 6.374   -14.585 -4.966  0.00 61.14 ? 8   CYS P N    1 
ATOM   1218 C CA   . CYS B 2 9   ? 6.338   -14.084 -6.334  0.00 59.33 ? 8   CYS P CA   1 
ATOM   1219 C C    . CYS B 2 9   ? 6.326   -12.560 -6.353  0.00 59.21 ? 8   CYS P C    1 
ATOM   1220 O O    . CYS B 2 9   ? 5.385   -11.872 -6.740  0.00 59.42 ? 8   CYS P O    1 
ATOM   1221 C CB   . CYS B 2 9   ? 5.104   -14.676 -7.076  0.00 57.25 ? 8   CYS P CB   1 
ATOM   1222 S SG   . CYS B 2 9   ? 5.146   -16.489 -7.193  0.00 54.63 ? 8   CYS P SG   1 
ATOM   1223 H H    . CYS B 2 9   ? 7.249   -14.811 -4.610  0.03 61.22 ? 8   CYS P H    1 
HETATM 1224 N N    . NH2 B 2 10  ? 7.431   -11.956 -5.925  0.00 59.22 ? 9   NH2 P N    1 
HETATM 1225 H HN1  . NH2 B 2 10  ? 7.409   -10.973 -5.885  0.00 59.56 ? 9   NH2 P HN1  1 
HETATM 1226 H HN2  . NH2 B 2 10  ? 8.223   -12.489 -5.721  0.00 59.56 ? 9   NH2 P HN2  1 
HETATM 1227 O O    . HOH C 3 .   ? -19.537 -4.692  -15.542 1.00 65.20 ? 141 HOH B O    1 
HETATM 1228 H H1   . HOH C 3 .   ? -19.689 -4.068  -16.251 1.00 63.75 ? 141 HOH B H1   1 
HETATM 1229 H H2   . HOH C 3 .   ? -19.507 -5.540  -16.038 1.00 63.99 ? 141 HOH B H2   1 
HETATM 1230 O O    . HOH C 3 .   ? -19.093 -7.359  -18.338 1.00 46.18 ? 143 HOH B O    1 
HETATM 1231 H H1   . HOH C 3 .   ? -18.743 -6.981  -19.166 1.00 46.37 ? 143 HOH B H1   1 
HETATM 1232 H H2   . HOH C 3 .   ? -19.170 -8.298  -18.570 1.00 46.31 ? 143 HOH B H2   1 
HETATM 1233 O O    . HOH C 3 .   ? -7.508  -9.963  -20.472 1.00 49.59 ? 144 HOH B O    1 
HETATM 1234 H H1   . HOH C 3 .   ? -7.309  -10.065 -21.408 1.00 49.99 ? 144 HOH B H1   1 
HETATM 1235 H H2   . HOH C 3 .   ? -6.714  -10.312 -20.044 1.00 50.12 ? 144 HOH B H2   1 
HETATM 1236 O O    . HOH C 3 .   ? -24.539 5.427   8.969   1.00 55.44 ? 151 HOH B O    1 
HETATM 1237 H H1   . HOH C 3 .   ? -24.406 6.059   8.246   1.00 54.99 ? 151 HOH B H1   1 
HETATM 1238 H H2   . HOH C 3 .   ? -24.311 4.601   8.532   1.00 55.13 ? 151 HOH B H2   1 
HETATM 1239 O O    . HOH C 3 .   ? 7.570   -3.890  26.824  1.00 61.15 ? 160 HOH B O    1 
HETATM 1240 H H1   . HOH C 3 .   ? 6.854   -4.349  26.379  1.00 60.35 ? 160 HOH B H1   1 
HETATM 1241 H H2   . HOH C 3 .   ? 8.203   -4.617  26.988  1.00 60.51 ? 160 HOH B H2   1 
HETATM 1242 O O    . HOH C 3 .   ? -10.683 -14.322 -8.666  1.00 63.20 ? 163 HOH B O    1 
HETATM 1243 H H1   . HOH C 3 .   ? -11.056 -13.999 -9.472  1.00 62.45 ? 163 HOH B H1   1 
HETATM 1244 H H2   . HOH C 3 .   ? -9.751  -14.776 -8.859  1.00 62.41 ? 163 HOH B H2   1 
HETATM 1245 O O    . HOH C 3 .   ? -16.424 -17.213 -14.988 1.00 65.77 ? 165 HOH B O    1 
HETATM 1246 H H1   . HOH C 3 .   ? -16.724 -16.291 -15.045 1.00 65.41 ? 165 HOH B H1   1 
HETATM 1247 H H2   . HOH C 3 .   ? -15.785 -17.170 -14.265 1.00 65.20 ? 165 HOH B H2   1 
HETATM 1248 O O    . HOH C 3 .   ? 2.747   17.548  -2.310  0.50 25.20 ? 169 HOH B O    1 
HETATM 1249 H H1   . HOH C 3 .   ? 2.266   17.583  -3.138  1.00 23.22 ? 169 HOH B H1   1 
HETATM 1250 H H2   . HOH C 3 .   ? 2.040   17.655  -1.653  1.00 24.46 ? 169 HOH B H2   1 
HETATM 1251 O O    . HOH C 3 .   ? -11.378 -9.393  9.593   1.00 38.56 ? 173 HOH B O    1 
HETATM 1252 H H1   . HOH C 3 .   ? -11.555 -10.125 8.982   1.00 38.08 ? 173 HOH B H1   1 
HETATM 1253 H H2   . HOH C 3 .   ? -11.130 -9.883  10.396  1.00 38.28 ? 173 HOH B H2   1 
HETATM 1254 O O    . HOH C 3 .   ? -16.684 -4.596  -11.234 1.00 60.18 ? 175 HOH B O    1 
HETATM 1255 H H1   . HOH C 3 .   ? -16.077 -3.855  -11.299 1.00 59.48 ? 175 HOH B H1   1 
HETATM 1256 H H2   . HOH C 3 .   ? -16.131 -5.312  -10.866 1.00 59.41 ? 175 HOH B H2   1 
HETATM 1257 O O    . HOH C 3 .   ? -14.511 9.762   15.385  1.00 31.76 ? 192 HOH B O    1 
HETATM 1258 H H1   . HOH C 3 .   ? -13.894 10.518  15.397  1.00 32.12 ? 192 HOH B H1   1 
HETATM 1259 H H2   . HOH C 3 .   ? -15.073 10.015  14.642  1.00 31.91 ? 192 HOH B H2   1 
HETATM 1260 O O    . HOH C 3 .   ? -4.410  15.480  -2.437  1.00 10.37 ? 193 HOH B O    1 
HETATM 1261 H H1   . HOH C 3 .   ? -5.279  15.844  -2.233  1.00 11.42 ? 193 HOH B H1   1 
HETATM 1262 H H2   . HOH C 3 .   ? -4.485  15.315  -3.399  1.00 11.68 ? 193 HOH B H2   1 
HETATM 1263 O O    . HOH C 3 .   ? -7.659  13.347  10.966  1.00 37.72 ? 205 HOH B O    1 
HETATM 1264 H H1   . HOH C 3 .   ? -8.501  13.126  11.412  1.00 38.38 ? 205 HOH B H1   1 
HETATM 1265 H H2   . HOH C 3 .   ? -7.083  12.632  11.292  1.00 38.42 ? 205 HOH B H2   1 
HETATM 1266 O O    . HOH C 3 .   ? -8.461  -8.779  -10.208 1.00 32.76 ? 212 HOH B O    1 
HETATM 1267 H H1   . HOH C 3 .   ? -8.865  -7.900  -10.200 1.00 32.29 ? 212 HOH B H1   1 
HETATM 1268 H H2   . HOH C 3 .   ? -7.770  -8.669  -10.896 1.00 32.70 ? 212 HOH B H2   1 
HETATM 1269 O O    . HOH C 3 .   ? 9.684   -0.652  10.793  1.00 21.86 ? 224 HOH B O    1 
HETATM 1270 H H1   . HOH C 3 .   ? 8.976   -0.551  10.144  1.00 22.46 ? 224 HOH B H1   1 
HETATM 1271 H H2   . HOH C 3 .   ? 9.419   -1.468  11.270  1.00 20.75 ? 224 HOH B H2   1 
HETATM 1272 O O    . HOH C 3 .   ? -8.052  -2.995  7.878   1.00 38.89 ? 228 HOH B O    1 
HETATM 1273 H H1   . HOH C 3 .   ? -8.596  -2.205  8.049   1.00 38.11 ? 228 HOH B H1   1 
HETATM 1274 H H2   . HOH C 3 .   ? -7.852  -2.856  6.928   1.00 37.85 ? 228 HOH B H2   1 
HETATM 1275 O O    . HOH C 3 .   ? 4.668   0.536   -12.822 1.00 40.44 ? 231 HOH B O    1 
HETATM 1276 H H1   . HOH C 3 .   ? 4.391   1.068   -12.063 1.00 41.01 ? 231 HOH B H1   1 
HETATM 1277 H H2   . HOH C 3 .   ? 5.376   0.001   -12.456 1.00 40.72 ? 231 HOH B H2   1 
HETATM 1278 O O    . HOH C 3 .   ? -12.123 -15.312 -6.929  1.00 42.58 ? 233 HOH B O    1 
HETATM 1279 H H1   . HOH C 3 .   ? -13.013 -14.966 -6.726  1.00 42.92 ? 233 HOH B H1   1 
HETATM 1280 H H2   . HOH C 3 .   ? -11.594 -15.034 -6.171  1.00 42.98 ? 233 HOH B H2   1 
HETATM 1281 O O    . HOH C 3 .   ? -16.319 -4.657  11.732  1.00 24.19 ? 234 HOH B O    1 
HETATM 1282 H H1   . HOH C 3 .   ? -16.478 -3.903  12.308  1.00 25.59 ? 234 HOH B H1   1 
HETATM 1283 H H2   . HOH C 3 .   ? -15.382 -4.557  11.510  1.00 25.24 ? 234 HOH B H2   1 
HETATM 1284 O O    . HOH C 3 .   ? -18.407 -23.145 -1.508  1.00 25.14 ? 244 HOH B O    1 
HETATM 1285 H H1   . HOH C 3 .   ? -17.450 -23.291 -1.577  1.00 24.18 ? 244 HOH B H1   1 
HETATM 1286 H H2   . HOH C 3 .   ? -18.683 -23.918 -0.998  1.00 24.42 ? 244 HOH B H2   1 
HETATM 1287 O O    . HOH C 3 .   ? -19.289 -5.292  12.320  1.00 52.00 ? 246 HOH B O    1 
HETATM 1288 H H1   . HOH C 3 .   ? -18.333 -5.425  12.349  1.00 50.90 ? 246 HOH B H1   1 
HETATM 1289 H H2   . HOH C 3 .   ? -19.635 -5.890  13.011  1.00 50.55 ? 246 HOH B H2   1 
HETATM 1290 O O    . HOH C 3 .   ? -13.119 -1.144  -10.464 1.00 23.85 ? 251 HOH B O    1 
HETATM 1291 H H1   . HOH C 3 .   ? -12.887 -1.120  -11.406 1.00 23.62 ? 251 HOH B H1   1 
HETATM 1292 H H2   . HOH C 3 .   ? -12.314 -1.563  -10.105 1.00 23.26 ? 251 HOH B H2   1 
HETATM 1293 O O    . HOH C 3 .   ? -33.710 6.582   5.779   1.00 46.37 ? 252 HOH B O    1 
HETATM 1294 H H1   . HOH C 3 .   ? -33.010 6.754   5.120   1.00 46.37 ? 252 HOH B H1   1 
HETATM 1295 H H2   . HOH C 3 .   ? -33.177 6.690   6.585   1.00 46.51 ? 252 HOH B H2   1 
HETATM 1296 O O    . HOH C 3 .   ? 7.104   -0.467  -10.343 1.00 20.31 ? 253 HOH B O    1 
HETATM 1297 H H1   . HOH C 3 .   ? 8.004   -0.403  -10.687 1.00 19.47 ? 253 HOH B H1   1 
HETATM 1298 H H2   . HOH C 3 .   ? 6.686   -1.067  -10.985 1.00 20.28 ? 253 HOH B H2   1 
HETATM 1299 O O    . HOH C 3 .   ? -8.413  26.106  7.901   1.00 48.64 ? 255 HOH B O    1 
HETATM 1300 H H1   . HOH C 3 .   ? -7.544  26.500  7.813   1.00 48.80 ? 255 HOH B H1   1 
HETATM 1301 H H2   . HOH C 3 .   ? -8.630  26.245  8.837   1.00 48.75 ? 255 HOH B H2   1 
HETATM 1302 O O    . HOH C 3 .   ? 5.014   17.070  -0.271  1.00 42.05 ? 263 HOH B O    1 
HETATM 1303 H H1   . HOH C 3 .   ? 4.353   17.162  -0.990  1.00 41.44 ? 263 HOH B H1   1 
HETATM 1304 H H2   . HOH C 3 .   ? 5.827   16.945  -0.769  1.00 41.36 ? 263 HOH B H2   1 
HETATM 1305 O O    . HOH C 3 .   ? -3.187  10.153  13.536  1.00 43.64 ? 264 HOH B O    1 
HETATM 1306 H H1   . HOH C 3 .   ? -4.086  10.292  13.915  1.00 43.52 ? 264 HOH B H1   1 
HETATM 1307 H H2   . HOH C 3 .   ? -2.671  10.782  14.049  1.00 43.84 ? 264 HOH B H2   1 
HETATM 1308 O O    . HOH C 3 .   ? -31.411 6.546   7.738   1.00 52.97 ? 269 HOH B O    1 
HETATM 1309 H H1   . HOH C 3 .   ? -30.924 6.622   6.905   1.00 54.16 ? 269 HOH B H1   1 
HETATM 1310 H H2   . HOH C 3 .   ? -30.696 6.496   8.383   1.00 54.09 ? 269 HOH B H2   1 
HETATM 1311 O O    . HOH C 3 .   ? -15.883 1.082   7.498   1.00 20.68 ? 274 HOH B O    1 
HETATM 1312 H H1   . HOH C 3 .   ? -16.056 0.417   6.800   1.00 21.08 ? 274 HOH B H1   1 
HETATM 1313 H H2   . HOH C 3 .   ? -16.398 0.725   8.249   1.00 21.30 ? 274 HOH B H2   1 
HETATM 1314 O O    . HOH C 3 .   ? -26.265 -25.035 -0.800  1.00 49.87 ? 278 HOH B O    1 
HETATM 1315 H H1   . HOH C 3 .   ? -26.087 -24.197 -0.334  1.00 48.91 ? 278 HOH B H1   1 
HETATM 1316 H H2   . HOH C 3 .   ? -26.967 -24.737 -1.409  1.00 48.78 ? 278 HOH B H2   1 
HETATM 1317 O O    . HOH C 3 .   ? 12.954  -4.639  6.126   1.00 48.18 ? 279 HOH B O    1 
HETATM 1318 H H1   . HOH C 3 .   ? 14.024  -4.443  6.039   1.00 48.32 ? 279 HOH B H1   1 
HETATM 1319 H H2   . HOH C 3 .   ? 12.551  -4.730  5.125   1.00 48.23 ? 279 HOH B H2   1 
HETATM 1320 O O    . HOH C 3 .   ? 9.705   -8.689  9.910   1.00 42.56 ? 283 HOH B O    1 
HETATM 1321 H H1   . HOH C 3 .   ? 9.794   -7.877  10.431  1.00 42.97 ? 283 HOH B H1   1 
HETATM 1322 H H2   . HOH C 3 .   ? 8.932   -9.070  10.358  1.00 42.59 ? 283 HOH B H2   1 
HETATM 1323 O O    . HOH C 3 .   ? -17.922 -27.572 -18.117 1.00 38.29 ? 293 HOH B O    1 
HETATM 1324 H H1   . HOH C 3 .   ? -18.220 -27.110 -17.326 1.00 38.27 ? 293 HOH B H1   1 
HETATM 1325 H H2   . HOH C 3 .   ? -18.348 -27.063 -18.836 1.00 37.85 ? 293 HOH B H2   1 
HETATM 1326 O O    . HOH C 3 .   ? -8.603  5.263   13.909  1.00 43.17 ? 302 HOH B O    1 
HETATM 1327 H H1   . HOH C 3 .   ? -9.125  6.076   13.855  1.00 42.76 ? 302 HOH B H1   1 
HETATM 1328 H H2   . HOH C 3 .   ? -7.940  5.511   14.562  1.00 42.82 ? 302 HOH B H2   1 
HETATM 1329 O O    . HOH C 3 .   ? -29.234 -13.122 3.041   1.00 7.69  ? 305 HOH B O    1 
HETATM 1330 H H1   . HOH C 3 .   ? -28.560 -13.954 3.300   1.00 9.55  ? 305 HOH B H1   1 
HETATM 1331 H H2   . HOH C 3 .   ? -29.999 -13.530 2.558   1.00 9.16  ? 305 HOH B H2   1 
HETATM 1332 O O    . HOH C 3 .   ? 9.764   12.067  7.008   1.00 47.41 ? 308 HOH B O    1 
HETATM 1333 H H1   . HOH C 3 .   ? 9.564   12.945  6.676   1.00 47.44 ? 308 HOH B H1   1 
HETATM 1334 H H2   . HOH C 3 .   ? 10.466  12.213  7.657   1.00 47.44 ? 308 HOH B H2   1 
HETATM 1335 O O    . HOH C 3 .   ? 10.890  2.758   11.131  1.00 52.59 ? 313 HOH B O    1 
HETATM 1336 H H1   . HOH C 3 .   ? 10.357  3.463   10.746  1.00 53.00 ? 313 HOH B H1   1 
HETATM 1337 H H2   . HOH C 3 .   ? 11.106  2.020   10.415  1.00 52.77 ? 313 HOH B H2   1 
HETATM 1338 O O    . HOH C 3 .   ? -15.613 -0.950  -12.115 1.00 49.48 ? 319 HOH B O    1 
HETATM 1339 H H1   . HOH C 3 .   ? -15.078 -1.328  -12.851 1.00 50.60 ? 319 HOH B H1   1 
HETATM 1340 H H2   . HOH C 3 .   ? -15.043 -1.227  -11.385 1.00 50.55 ? 319 HOH B H2   1 
HETATM 1341 O O    . HOH C 3 .   ? 10.741  -0.759  -10.775 1.00 46.80 ? 340 HOH B O    1 
HETATM 1342 H H1   . HOH C 3 .   ? 11.012  0.149   -10.598 1.00 46.35 ? 340 HOH B H1   1 
HETATM 1343 H H2   . HOH C 3 .   ? 10.913  -1.181  -9.923  1.00 46.06 ? 340 HOH B H2   1 
HETATM 1344 O O    . HOH C 3 .   ? 5.203   0.674   16.606  1.00 46.10 ? 358 HOH B O    1 
HETATM 1345 H H1   . HOH C 3 .   ? 5.153   0.760   17.573  1.00 45.50 ? 358 HOH B H1   1 
HETATM 1346 H H2   . HOH C 3 .   ? 5.871   1.368   16.398  1.00 45.56 ? 358 HOH B H2   1 
HETATM 1347 O O    . HOH C 3 .   ? 9.405   5.569   -5.522  1.00 46.38 ? 359 HOH B O    1 
HETATM 1348 H H1   . HOH C 3 .   ? 9.669   5.539   -6.442  1.00 47.05 ? 359 HOH B H1   1 
HETATM 1349 H H2   . HOH C 3 .   ? 8.841   4.795   -5.406  1.00 46.96 ? 359 HOH B H2   1 
HETATM 1350 O O    . HOH C 3 .   ? 3.892   -0.969  14.915  1.00 29.21 ? 380 HOH B O    1 
HETATM 1351 H H1   . HOH C 3 .   ? 3.015   -0.528  14.864  1.00 28.57 ? 380 HOH B H1   1 
HETATM 1352 H H2   . HOH C 3 .   ? 4.347   -0.392  15.579  1.00 28.72 ? 380 HOH B H2   1 
HETATM 1353 O O    . HOH C 3 .   ? 3.585   11.155  -4.736  1.00 41.00 ? 383 HOH B O    1 
HETATM 1354 H H1   . HOH C 3 .   ? 4.413   11.078  -4.262  1.00 40.32 ? 383 HOH B H1   1 
HETATM 1355 H H2   . HOH C 3 .   ? 3.334   10.217  -4.822  1.00 40.60 ? 383 HOH B H2   1 
HETATM 1356 O O    . HOH C 3 .   ? 7.188   -9.199  11.996  1.00 53.78 ? 384 HOH B O    1 
HETATM 1357 H H1   . HOH C 3 .   ? 7.573   -8.312  12.205  1.00 53.89 ? 384 HOH B H1   1 
HETATM 1358 H H2   . HOH C 3 .   ? 6.279   -8.893  11.905  1.00 54.04 ? 384 HOH B H2   1 
HETATM 1359 O O    . HOH C 3 .   ? -36.547 -13.652 6.572   1.00 34.18 ? 400 HOH B O    1 
HETATM 1360 H H1   . HOH C 3 .   ? -36.428 -13.684 5.608   1.00 34.31 ? 400 HOH B H1   1 
HETATM 1361 H H2   . HOH C 3 .   ? -36.620 -14.584 6.781   1.00 34.55 ? 400 HOH B H2   1 
HETATM 1362 O O    . HOH C 3 .   ? -9.005  -18.876 15.228  1.00 61.73 ? 416 HOH B O    1 
HETATM 1363 H H1   . HOH C 3 .   ? -9.255  -18.218 14.579  1.00 61.44 ? 416 HOH B H1   1 
HETATM 1364 H H2   . HOH C 3 .   ? -8.859  -19.667 14.707  1.00 61.43 ? 416 HOH B H2   1 
HETATM 1365 O O    . HOH C 3 .   ? 0.213   14.528  9.983   1.00 62.96 ? 421 HOH B O    1 
HETATM 1366 H H1   . HOH C 3 .   ? 0.479   15.438  9.765   1.00 62.24 ? 421 HOH B H1   1 
HETATM 1367 H H2   . HOH C 3 .   ? -0.422  14.379  9.262   1.00 62.09 ? 421 HOH B H2   1 
HETATM 1368 O O    . HOH C 3 .   ? -20.897 -6.540  14.160  1.00 33.37 ? 427 HOH B O    1 
HETATM 1369 H H1   . HOH C 3 .   ? -21.157 -5.820  14.761  1.00 33.61 ? 427 HOH B H1   1 
HETATM 1370 H H2   . HOH C 3 .   ? -21.640 -6.608  13.550  1.00 32.84 ? 427 HOH B H2   1 
HETATM 1371 O O    . HOH C 3 .   ? -14.253 -1.822  -17.553 1.00 53.54 ? 429 HOH B O    1 
HETATM 1372 H H1   . HOH C 3 .   ? -14.449 -0.927  -17.892 1.00 53.17 ? 429 HOH B H1   1 
HETATM 1373 H H2   . HOH C 3 .   ? -13.810 -2.234  -18.320 1.00 53.21 ? 429 HOH B H2   1 
HETATM 1374 O O    . HOH C 3 .   ? 11.856  -4.915  23.855  1.00 38.57 ? 438 HOH B O    1 
HETATM 1375 H H1   . HOH C 3 .   ? 12.186  -4.094  23.476  1.00 39.36 ? 438 HOH B H1   1 
HETATM 1376 H H2   . HOH C 3 .   ? 12.252  -5.582  23.271  1.00 39.49 ? 438 HOH B H2   1 
HETATM 1377 O O    . HOH C 3 .   ? 7.734   -8.685  -17.970 1.00 28.88 ? 445 HOH B O    1 
HETATM 1378 H H1   . HOH C 3 .   ? 7.752   -7.937  -18.588 1.00 27.93 ? 445 HOH B H1   1 
HETATM 1379 H H2   . HOH C 3 .   ? 8.511   -9.416  -18.258 1.00 28.27 ? 445 HOH B H2   1 
HETATM 1380 O O    . HOH C 3 .   ? -13.121 -14.462 2.387   1.00 51.74 ? 447 HOH B O    1 
HETATM 1381 H H1   . HOH C 3 .   ? -12.879 -14.501 1.442   1.00 51.50 ? 447 HOH B H1   1 
HETATM 1382 H H2   . HOH C 3 .   ? -13.241 -15.390 2.612   1.00 51.43 ? 447 HOH B H2   1 
HETATM 1383 O O    . HOH C 3 .   ? 15.443  -1.499  1.717   1.00 62.94 ? 455 HOH B O    1 
HETATM 1384 H H1   . HOH C 3 .   ? 15.917  -0.641  1.730   1.00 62.81 ? 455 HOH B H1   1 
HETATM 1385 H H2   . HOH C 3 .   ? 16.097  -2.086  1.332   1.00 62.96 ? 455 HOH B H2   1 
HETATM 1386 O O    . HOH C 3 .   ? -14.186 -3.682  9.555   1.00 46.29 ? 472 HOH B O    1 
HETATM 1387 H H1   . HOH C 3 .   ? -13.421 -3.080  9.436   1.00 45.75 ? 472 HOH B H1   1 
HETATM 1388 H H2   . HOH C 3 .   ? -14.753 -3.125  10.100  1.00 45.66 ? 472 HOH B H2   1 
HETATM 1389 O O    . HOH C 3 .   ? -9.975  1.702   10.045  1.00 40.94 ? 500 HOH B O    1 
HETATM 1390 H H1   . HOH C 3 .   ? -9.304  2.032   10.682  1.00 40.33 ? 500 HOH B H1   1 
HETATM 1391 H H2   . HOH C 3 .   ? -10.454 1.097   10.624  1.00 40.48 ? 500 HOH B H2   1 
HETATM 1392 O O    . HOH C 3 .   ? 12.222  10.996  -1.244  1.00 60.56 ? 512 HOH B O    1 
HETATM 1393 H H1   . HOH C 3 .   ? 11.586  11.569  -1.677  1.00 59.87 ? 512 HOH B H1   1 
HETATM 1394 H H2   . HOH C 3 .   ? 12.019  10.123  -1.587  1.00 59.76 ? 512 HOH B H2   1 
HETATM 1395 O O    . HOH C 3 .   ? -0.109  12.043  10.954  1.00 57.19 ? 522 HOH B O    1 
HETATM 1396 H H1   . HOH C 3 .   ? 0.034   12.986  10.757  1.00 56.61 ? 522 HOH B H1   1 
HETATM 1397 H H2   . HOH C 3 .   ? -1.072  11.958  10.966  1.00 56.75 ? 522 HOH B H2   1 
HETATM 1398 O O    . HOH C 3 .   ? 2.971   10.940  14.122  1.00 45.10 ? 538 HOH B O    1 
HETATM 1399 H H1   . HOH C 3 .   ? 2.570   10.163  14.572  1.00 43.65 ? 538 HOH B H1   1 
HETATM 1400 H H2   . HOH C 3 .   ? 3.775   10.916  14.657  1.00 43.75 ? 538 HOH B H2   1 
HETATM 1401 O O    . HOH C 3 .   ? 7.641   8.919   16.226  1.00 47.93 ? 544 HOH B O    1 
HETATM 1402 H H1   . HOH C 3 .   ? 7.869   9.495   15.448  1.00 47.24 ? 544 HOH B H1   1 
HETATM 1403 H H2   . HOH C 3 .   ? 7.532   7.986   15.843  1.00 47.31 ? 544 HOH B H2   1 
HETATM 1404 O O    . HOH C 3 .   ? 3.145   9.888   15.517  1.00 47.86 ? 548 HOH B O    1 
HETATM 1405 H H1   . HOH C 3 .   ? 3.864   10.167  16.090  1.00 48.37 ? 548 HOH B H1   1 
HETATM 1406 H H2   . HOH C 3 .   ? 3.418   8.992   15.270  1.00 48.36 ? 548 HOH B H2   1 
# 
